data_3IU5
# 
_entry.id   3IU5 
# 
_audit_conform.dict_name       mmcif_pdbx.dic 
_audit_conform.dict_version    5.378 
_audit_conform.dict_location   http://mmcif.pdb.org/dictionaries/ascii/mmcif_pdbx.dic 
# 
loop_
_database_2.database_id 
_database_2.database_code 
_database_2.pdbx_database_accession 
_database_2.pdbx_DOI 
PDB   3IU5         pdb_00003iu5 10.2210/pdb3iu5/pdb 
RCSB  RCSB054867   ?            ?                   
WWPDB D_1000054867 ?            ?                   
# 
_pdbx_database_status.entry_id                        3IU5 
_pdbx_database_status.deposit_site                    RCSB 
_pdbx_database_status.process_site                    RCSB 
_pdbx_database_status.recvd_initial_deposition_date   2009-08-30 
_pdbx_database_status.status_code                     REL 
_pdbx_database_status.status_code_sf                  REL 
_pdbx_database_status.status_code_mr                  ? 
_pdbx_database_status.SG_entry                        Y 
_pdbx_database_status.status_code_cs                  ? 
_pdbx_database_status.pdb_format_compatible           Y 
_pdbx_database_status.status_code_nmr_data            ? 
_pdbx_database_status.methods_development_category    ? 
# 
loop_
_audit_author.name 
_audit_author.pdbx_ordinal 
'Filippakopoulos, P.'                  1  
'Picaud, S.'                           2  
'Keates, T.'                           3  
'Ugochukwu, E.'                        4  
'von Delft, F.'                        5  
'Arrowsmith, C.H.'                     6  
'Edwards, A.M.'                        7  
'Weigelt, J.'                          8  
'Bountra, C.'                          9  
'Knapp, S.'                            10 
'Structural Genomics Consortium (SGC)' 11 
# 
_citation.id                        primary 
_citation.title                     'Histone recognition and large-scale structural analysis of the human bromodomain family.' 
_citation.journal_abbrev            'Cell(Cambridge,Mass.)' 
_citation.journal_volume            149 
_citation.page_first                214 
_citation.page_last                 231 
_citation.year                      2012 
_citation.journal_id_ASTM           CELLB5 
_citation.country                   US 
_citation.journal_id_ISSN           0092-8674 
_citation.journal_id_CSD            0998 
_citation.book_publisher            ? 
_citation.pdbx_database_id_PubMed   22464331 
_citation.pdbx_database_id_DOI      10.1016/j.cell.2012.02.013 
# 
loop_
_citation_author.citation_id 
_citation_author.name 
_citation_author.ordinal 
_citation_author.identifier_ORCID 
primary 'Filippakopoulos, P.' 1  ? 
primary 'Picaud, S.'          2  ? 
primary 'Mangos, M.'          3  ? 
primary 'Keates, T.'          4  ? 
primary 'Lambert, J.P.'       5  ? 
primary 'Barsyte-Lovejoy, D.' 6  ? 
primary 'Felletar, I.'        7  ? 
primary 'Volkmer, R.'         8  ? 
primary 'Muller, S.'          9  ? 
primary 'Pawson, T.'          10 ? 
primary 'Gingras, A.C.'       11 ? 
primary 'Arrowsmith, C.H.'    12 ? 
primary 'Knapp, S.'           13 ? 
# 
_cell.length_a           66.960 
_cell.length_b           66.960 
_cell.length_c           40.270 
_cell.angle_alpha        90.000 
_cell.angle_beta         90.000 
_cell.angle_gamma        90.000 
_cell.entry_id           3IU5 
_cell.pdbx_unique_axis   ? 
_cell.Z_PDB              4 
_cell.length_a_esd       ? 
_cell.length_b_esd       ? 
_cell.length_c_esd       ? 
_cell.angle_alpha_esd    ? 
_cell.angle_beta_esd     ? 
_cell.angle_gamma_esd    ? 
# 
_symmetry.space_group_name_H-M             'P 41' 
_symmetry.entry_id                         3IU5 
_symmetry.Int_Tables_number                76 
_symmetry.pdbx_full_space_group_name_H-M   ? 
_symmetry.cell_setting                     ? 
_symmetry.space_group_name_Hall            ? 
# 
loop_
_entity.id 
_entity.type 
_entity.src_method 
_entity.pdbx_description 
_entity.formula_weight 
_entity.pdbx_number_of_molecules 
_entity.pdbx_ec 
_entity.pdbx_mutation 
_entity.pdbx_fragment 
_entity.details 
1 polymer man 'Protein polybromo-1' 13896.832 1   ? ? 'Bromo 1 domain: UNP residues 43-154' ? 
2 water   nat water                 18.015    141 ? ? ?                                     ? 
# 
_entity_name_com.entity_id   1 
_entity_name_com.name        'hPB1, Polybromo-1D, BRG1-associated factor 180, BAF180' 
# 
_entity_poly.entity_id                      1 
_entity_poly.type                           'polypeptide(L)' 
_entity_poly.nstd_linkage                   no 
_entity_poly.nstd_monomer                   no 
_entity_poly.pdbx_seq_one_letter_code       
;SMTVDPIAVCHELYNTIRDYKDEQGRLLCELFIRAPKRRNQPDYYEVVSQPIDLMKIQQKLKMEEYDDVNLLTADFQLLF
NNAKSYYKPDSPEYKAACKLWDLYLRTRNEFVQKGE
;
_entity_poly.pdbx_seq_one_letter_code_can   
;SMTVDPIAVCHELYNTIRDYKDEQGRLLCELFIRAPKRRNQPDYYEVVSQPIDLMKIQQKLKMEEYDDVNLLTADFQLLF
NNAKSYYKPDSPEYKAACKLWDLYLRTRNEFVQKGE
;
_entity_poly.pdbx_strand_id                 A 
_entity_poly.pdbx_target_identifier         ? 
# 
loop_
_entity_poly_seq.entity_id 
_entity_poly_seq.num 
_entity_poly_seq.mon_id 
_entity_poly_seq.hetero 
1 1   SER n 
1 2   MET n 
1 3   THR n 
1 4   VAL n 
1 5   ASP n 
1 6   PRO n 
1 7   ILE n 
1 8   ALA n 
1 9   VAL n 
1 10  CYS n 
1 11  HIS n 
1 12  GLU n 
1 13  LEU n 
1 14  TYR n 
1 15  ASN n 
1 16  THR n 
1 17  ILE n 
1 18  ARG n 
1 19  ASP n 
1 20  TYR n 
1 21  LYS n 
1 22  ASP n 
1 23  GLU n 
1 24  GLN n 
1 25  GLY n 
1 26  ARG n 
1 27  LEU n 
1 28  LEU n 
1 29  CYS n 
1 30  GLU n 
1 31  LEU n 
1 32  PHE n 
1 33  ILE n 
1 34  ARG n 
1 35  ALA n 
1 36  PRO n 
1 37  LYS n 
1 38  ARG n 
1 39  ARG n 
1 40  ASN n 
1 41  GLN n 
1 42  PRO n 
1 43  ASP n 
1 44  TYR n 
1 45  TYR n 
1 46  GLU n 
1 47  VAL n 
1 48  VAL n 
1 49  SER n 
1 50  GLN n 
1 51  PRO n 
1 52  ILE n 
1 53  ASP n 
1 54  LEU n 
1 55  MET n 
1 56  LYS n 
1 57  ILE n 
1 58  GLN n 
1 59  GLN n 
1 60  LYS n 
1 61  LEU n 
1 62  LYS n 
1 63  MET n 
1 64  GLU n 
1 65  GLU n 
1 66  TYR n 
1 67  ASP n 
1 68  ASP n 
1 69  VAL n 
1 70  ASN n 
1 71  LEU n 
1 72  LEU n 
1 73  THR n 
1 74  ALA n 
1 75  ASP n 
1 76  PHE n 
1 77  GLN n 
1 78  LEU n 
1 79  LEU n 
1 80  PHE n 
1 81  ASN n 
1 82  ASN n 
1 83  ALA n 
1 84  LYS n 
1 85  SER n 
1 86  TYR n 
1 87  TYR n 
1 88  LYS n 
1 89  PRO n 
1 90  ASP n 
1 91  SER n 
1 92  PRO n 
1 93  GLU n 
1 94  TYR n 
1 95  LYS n 
1 96  ALA n 
1 97  ALA n 
1 98  CYS n 
1 99  LYS n 
1 100 LEU n 
1 101 TRP n 
1 102 ASP n 
1 103 LEU n 
1 104 TYR n 
1 105 LEU n 
1 106 ARG n 
1 107 THR n 
1 108 ARG n 
1 109 ASN n 
1 110 GLU n 
1 111 PHE n 
1 112 VAL n 
1 113 GLN n 
1 114 LYS n 
1 115 GLY n 
1 116 GLU n 
# 
_entity_src_gen.entity_id                          1 
_entity_src_gen.pdbx_src_id                        1 
_entity_src_gen.pdbx_alt_source_flag               sample 
_entity_src_gen.pdbx_seq_type                      ? 
_entity_src_gen.pdbx_beg_seq_num                   ? 
_entity_src_gen.pdbx_end_seq_num                   ? 
_entity_src_gen.gene_src_common_name               human 
_entity_src_gen.gene_src_genus                     ? 
_entity_src_gen.pdbx_gene_src_gene                 'PB1, PBRM1' 
_entity_src_gen.gene_src_species                   ? 
_entity_src_gen.gene_src_strain                    ? 
_entity_src_gen.gene_src_tissue                    ? 
_entity_src_gen.gene_src_tissue_fraction           ? 
_entity_src_gen.gene_src_details                   ? 
_entity_src_gen.pdbx_gene_src_fragment             ? 
_entity_src_gen.pdbx_gene_src_scientific_name      'Homo sapiens' 
_entity_src_gen.pdbx_gene_src_ncbi_taxonomy_id     9606 
_entity_src_gen.pdbx_gene_src_variant              ? 
_entity_src_gen.pdbx_gene_src_cell_line            ? 
_entity_src_gen.pdbx_gene_src_atcc                 ? 
_entity_src_gen.pdbx_gene_src_organ                ? 
_entity_src_gen.pdbx_gene_src_organelle            ? 
_entity_src_gen.pdbx_gene_src_cell                 ? 
_entity_src_gen.pdbx_gene_src_cellular_location    ? 
_entity_src_gen.host_org_common_name               ? 
_entity_src_gen.pdbx_host_org_scientific_name      'Escherichia coli' 
_entity_src_gen.pdbx_host_org_ncbi_taxonomy_id     562 
_entity_src_gen.host_org_genus                     ? 
_entity_src_gen.pdbx_host_org_gene                 ? 
_entity_src_gen.pdbx_host_org_organ                ? 
_entity_src_gen.host_org_species                   ? 
_entity_src_gen.pdbx_host_org_tissue               ? 
_entity_src_gen.pdbx_host_org_tissue_fraction      ? 
_entity_src_gen.pdbx_host_org_strain               'BL21(DE3)-R3' 
_entity_src_gen.pdbx_host_org_variant              ? 
_entity_src_gen.pdbx_host_org_cell_line            ? 
_entity_src_gen.pdbx_host_org_atcc                 ? 
_entity_src_gen.pdbx_host_org_culture_collection   ? 
_entity_src_gen.pdbx_host_org_cell                 ? 
_entity_src_gen.pdbx_host_org_organelle            ? 
_entity_src_gen.pdbx_host_org_cellular_location    ? 
_entity_src_gen.pdbx_host_org_vector_type          Plasmid 
_entity_src_gen.pdbx_host_org_vector               ? 
_entity_src_gen.host_org_details                   ? 
_entity_src_gen.expression_system_id               ? 
_entity_src_gen.plasmid_name                       pNIC28-Bsa4 
_entity_src_gen.plasmid_details                    ? 
_entity_src_gen.pdbx_description                   ? 
# 
_struct_ref.id                         1 
_struct_ref.db_name                    UNP 
_struct_ref.db_code                    PB1_HUMAN 
_struct_ref.pdbx_db_accession          Q86U86 
_struct_ref.entity_id                  1 
_struct_ref.pdbx_seq_one_letter_code   
;TVDPIAVCHELYNTIRDYKDEQGRLLCELFIRAPKRRNQPDYYEVVSQPIDLMKIQQKLKMEEYDDVNLLTADFQLLFNN
AKSYYKPDSPEYKAACKLWDLYLRTRNEFVQK
;
_struct_ref.pdbx_align_begin           43 
_struct_ref.pdbx_db_isoform            ? 
# 
_struct_ref_seq.align_id                      1 
_struct_ref_seq.ref_id                        1 
_struct_ref_seq.pdbx_PDB_id_code              3IU5 
_struct_ref_seq.pdbx_strand_id                A 
_struct_ref_seq.seq_align_beg                 3 
_struct_ref_seq.pdbx_seq_align_beg_ins_code   ? 
_struct_ref_seq.seq_align_end                 114 
_struct_ref_seq.pdbx_seq_align_end_ins_code   ? 
_struct_ref_seq.pdbx_db_accession             Q86U86 
_struct_ref_seq.db_align_beg                  43 
_struct_ref_seq.pdbx_db_align_beg_ins_code    ? 
_struct_ref_seq.db_align_end                  154 
_struct_ref_seq.pdbx_db_align_end_ins_code    ? 
_struct_ref_seq.pdbx_auth_seq_align_beg       43 
_struct_ref_seq.pdbx_auth_seq_align_end       154 
# 
loop_
_struct_ref_seq_dif.align_id 
_struct_ref_seq_dif.pdbx_pdb_id_code 
_struct_ref_seq_dif.mon_id 
_struct_ref_seq_dif.pdbx_pdb_strand_id 
_struct_ref_seq_dif.seq_num 
_struct_ref_seq_dif.pdbx_pdb_ins_code 
_struct_ref_seq_dif.pdbx_seq_db_name 
_struct_ref_seq_dif.pdbx_seq_db_accession_code 
_struct_ref_seq_dif.db_mon_id 
_struct_ref_seq_dif.pdbx_seq_db_seq_num 
_struct_ref_seq_dif.details 
_struct_ref_seq_dif.pdbx_auth_seq_num 
_struct_ref_seq_dif.pdbx_ordinal 
1 3IU5 SER A 1   ? UNP Q86U86 ? ? 'expression tag' 41  1 
1 3IU5 MET A 2   ? UNP Q86U86 ? ? 'expression tag' 42  2 
1 3IU5 GLY A 115 ? UNP Q86U86 ? ? 'expression tag' 155 3 
1 3IU5 GLU A 116 ? UNP Q86U86 ? ? 'expression tag' 156 4 
# 
loop_
_chem_comp.id 
_chem_comp.type 
_chem_comp.mon_nstd_flag 
_chem_comp.name 
_chem_comp.pdbx_synonyms 
_chem_comp.formula 
_chem_comp.formula_weight 
ALA 'L-peptide linking' y ALANINE         ? 'C3 H7 N O2'     89.093  
ARG 'L-peptide linking' y ARGININE        ? 'C6 H15 N4 O2 1' 175.209 
ASN 'L-peptide linking' y ASPARAGINE      ? 'C4 H8 N2 O3'    132.118 
ASP 'L-peptide linking' y 'ASPARTIC ACID' ? 'C4 H7 N O4'     133.103 
CYS 'L-peptide linking' y CYSTEINE        ? 'C3 H7 N O2 S'   121.158 
GLN 'L-peptide linking' y GLUTAMINE       ? 'C5 H10 N2 O3'   146.144 
GLU 'L-peptide linking' y 'GLUTAMIC ACID' ? 'C5 H9 N O4'     147.129 
GLY 'peptide linking'   y GLYCINE         ? 'C2 H5 N O2'     75.067  
HIS 'L-peptide linking' y HISTIDINE       ? 'C6 H10 N3 O2 1' 156.162 
HOH non-polymer         . WATER           ? 'H2 O'           18.015  
ILE 'L-peptide linking' y ISOLEUCINE      ? 'C6 H13 N O2'    131.173 
LEU 'L-peptide linking' y LEUCINE         ? 'C6 H13 N O2'    131.173 
LYS 'L-peptide linking' y LYSINE          ? 'C6 H15 N2 O2 1' 147.195 
MET 'L-peptide linking' y METHIONINE      ? 'C5 H11 N O2 S'  149.211 
PHE 'L-peptide linking' y PHENYLALANINE   ? 'C9 H11 N O2'    165.189 
PRO 'L-peptide linking' y PROLINE         ? 'C5 H9 N O2'     115.130 
SER 'L-peptide linking' y SERINE          ? 'C3 H7 N O3'     105.093 
THR 'L-peptide linking' y THREONINE       ? 'C4 H9 N O3'     119.119 
TRP 'L-peptide linking' y TRYPTOPHAN      ? 'C11 H12 N2 O2'  204.225 
TYR 'L-peptide linking' y TYROSINE        ? 'C9 H11 N O3'    181.189 
VAL 'L-peptide linking' y VALINE          ? 'C5 H11 N O2'    117.146 
# 
_exptl.crystals_number   1 
_exptl.entry_id          3IU5 
_exptl.method            'X-RAY DIFFRACTION' 
# 
_exptl_crystal.id                    1 
_exptl_crystal.density_Matthews      3.25 
_exptl_crystal.density_meas          ? 
_exptl_crystal.density_percent_sol   62.13 
_exptl_crystal.description           ? 
_exptl_crystal.F_000                 ? 
_exptl_crystal.preparation           ? 
# 
_exptl_crystal_grow.crystal_id      1 
_exptl_crystal_grow.method          'VAPOR DIFFUSION, SITTING DROP' 
_exptl_crystal_grow.pH              7.5 
_exptl_crystal_grow.temp            277 
_exptl_crystal_grow.temp_details    ? 
_exptl_crystal_grow.pdbx_details    '2.1M Na malate, pH 7.5, VAPOR DIFFUSION, SITTING DROP, temperature 277K' 
_exptl_crystal_grow.pdbx_pH_range   ? 
# 
_diffrn.id                     1 
_diffrn.ambient_temp           100 
_diffrn.ambient_temp_details   ? 
_diffrn.crystal_id             1 
# 
_diffrn_detector.diffrn_id              1 
_diffrn_detector.detector               'IMAGE PLATE' 
_diffrn_detector.type                   'RIGAKU RAXIS IV' 
_diffrn_detector.pdbx_collection_date   2009-06-22 
_diffrn_detector.details                ? 
# 
_diffrn_radiation.diffrn_id                        1 
_diffrn_radiation.wavelength_id                    1 
_diffrn_radiation.pdbx_diffrn_protocol             'SINGLE WAVELENGTH' 
_diffrn_radiation.monochromator                    ? 
_diffrn_radiation.pdbx_monochromatic_or_laue_m_l   M 
_diffrn_radiation.pdbx_scattering_type             x-ray 
# 
_diffrn_radiation_wavelength.id           1 
_diffrn_radiation_wavelength.wavelength   1.5418 
_diffrn_radiation_wavelength.wt           1.0 
# 
_diffrn_source.diffrn_id                   1 
_diffrn_source.source                      'ROTATING ANODE' 
_diffrn_source.type                        'RIGAKU FR-E SUPERBRIGHT' 
_diffrn_source.pdbx_wavelength             ? 
_diffrn_source.pdbx_wavelength_list        1.5418 
_diffrn_source.pdbx_synchrotron_site       ? 
_diffrn_source.pdbx_synchrotron_beamline   ? 
# 
_reflns.entry_id                     3IU5 
_reflns.d_resolution_high            1.63 
_reflns.d_resolution_low             34.5 
_reflns.number_all                   22441 
_reflns.number_obs                   22262 
_reflns.pdbx_Rsym_value              0.058 
_reflns.pdbx_redundancy              3.500 
_reflns.percent_possible_obs         99.200 
_reflns.observed_criterion_sigma_F   ? 
_reflns.observed_criterion_sigma_I   ? 
_reflns.pdbx_Rmerge_I_obs            0.058 
_reflns.pdbx_netI_over_sigmaI        13.8 
_reflns.B_iso_Wilson_estimate        21.6 
_reflns.R_free_details               ? 
_reflns.limit_h_max                  ? 
_reflns.limit_h_min                  ? 
_reflns.limit_k_max                  ? 
_reflns.limit_k_min                  ? 
_reflns.limit_l_max                  ? 
_reflns.limit_l_min                  ? 
_reflns.observed_criterion_F_max     ? 
_reflns.observed_criterion_F_min     ? 
_reflns.pdbx_chi_squared             ? 
_reflns.pdbx_scaling_rejects         ? 
_reflns.pdbx_ordinal                 1 
_reflns.pdbx_diffrn_id               1 
# 
_reflns_shell.d_res_high             1.63 
_reflns_shell.d_res_low              1.72 
_reflns_shell.percent_possible_obs   ? 
_reflns_shell.percent_possible_all   98.2 
_reflns_shell.Rmerge_I_obs           0.563 
_reflns_shell.meanI_over_sigI_obs    2.0 
_reflns_shell.pdbx_Rsym_value        0.563 
_reflns_shell.pdbx_redundancy        3.3 
_reflns_shell.number_unique_all      3187 
_reflns_shell.number_measured_all    ? 
_reflns_shell.number_measured_obs    ? 
_reflns_shell.number_unique_obs      ? 
_reflns_shell.pdbx_chi_squared       ? 
_reflns_shell.pdbx_ordinal           1 
_reflns_shell.pdbx_diffrn_id         1 
# 
_refine.entry_id                                 3IU5 
_refine.ls_d_res_high                            1.63 
_refine.ls_d_res_low                             34.5 
_refine.pdbx_ls_sigma_F                          0.00 
_refine.pdbx_data_cutoff_high_absF               ? 
_refine.pdbx_data_cutoff_low_absF                ? 
_refine.ls_percent_reflns_obs                    99.170 
_refine.ls_number_reflns_obs                     22255 
_refine.ls_number_reflns_all                     22255 
_refine.pdbx_ls_cross_valid_method               THROUGHOUT 
_refine.pdbx_R_Free_selection_details            RANDOM 
_refine.details                                  
'1. HYDROGENS HAVE BEEN ADDED IN THE RIDING POSITIONS. 2. U VALUES: RESIDUAL ONLY.' 
_refine.ls_R_factor_all                          0.170 
_refine.ls_R_factor_obs                          0.170 
_refine.ls_R_factor_R_work                       0.168 
_refine.ls_wR_factor_R_work                      0.164 
_refine.ls_R_factor_R_free                       0.204 
_refine.ls_wR_factor_R_free                      0.201 
_refine.ls_percent_reflns_R_free                 5.200 
_refine.ls_number_reflns_R_free                  1147 
_refine.ls_R_factor_R_free_error                 ? 
_refine.B_iso_mean                               11.016 
_refine.solvent_model_param_bsol                 ? 
_refine.solvent_model_param_ksol                 ? 
_refine.pdbx_isotropic_thermal_model             ? 
_refine.aniso_B[1][1]                            0.080 
_refine.aniso_B[2][2]                            0.080 
_refine.aniso_B[3][3]                            -0.150 
_refine.aniso_B[1][2]                            0.000 
_refine.aniso_B[1][3]                            0.000 
_refine.aniso_B[2][3]                            0.000 
_refine.correlation_coeff_Fo_to_Fc               0.967 
_refine.correlation_coeff_Fo_to_Fc_free          0.948 
_refine.overall_SU_R_Cruickshank_DPI             0.073 
_refine.overall_SU_R_free                        0.078 
_refine.pdbx_overall_ESU_R                       0.073 
_refine.pdbx_overall_ESU_R_Free                  0.078 
_refine.overall_SU_ML                            0.047 
_refine.overall_SU_B                             3.069 
_refine.solvent_model_details                    MASK 
_refine.pdbx_solvent_vdw_probe_radii             1.400 
_refine.pdbx_solvent_ion_probe_radii             0.800 
_refine.pdbx_solvent_shrinkage_radii             0.800 
_refine.ls_number_parameters                     ? 
_refine.ls_number_restraints                     ? 
_refine.pdbx_starting_model                      'Ensemble of PDB entries 2NXB, 2OO1, 2OSS, 2OUO, 2RFJ, 3DAI, 3D7C, 3DWY' 
_refine.pdbx_method_to_determine_struct          'MOLECULAR REPLACEMENT' 
_refine.pdbx_stereochemistry_target_values       'MAXIMUM LIKELIHOOD' 
_refine.pdbx_stereochem_target_val_spec_case     ? 
_refine.overall_FOM_work_R_set                   0.896 
_refine.B_iso_max                                59.90 
_refine.B_iso_min                                2.00 
_refine.occupancy_max                            1.00 
_refine.occupancy_min                            0.50 
_refine.pdbx_ls_sigma_I                          ? 
_refine.ls_redundancy_reflns_obs                 ? 
_refine.ls_R_factor_R_free_error_details         ? 
_refine.pdbx_data_cutoff_high_rms_absF           ? 
_refine.overall_FOM_free_R_set                   ? 
_refine.pdbx_overall_phase_error                 ? 
_refine.pdbx_refine_id                           'X-RAY DIFFRACTION' 
_refine.pdbx_TLS_residual_ADP_flag               'LIKELY RESIDUAL' 
_refine.pdbx_diffrn_id                           1 
_refine.pdbx_overall_SU_R_free_Cruickshank_DPI   ? 
_refine.pdbx_overall_SU_R_Blow_DPI               ? 
_refine.pdbx_overall_SU_R_free_Blow_DPI          ? 
# 
_refine_hist.pdbx_refine_id                   'X-RAY DIFFRACTION' 
_refine_hist.cycle_id                         LAST 
_refine_hist.pdbx_number_atoms_protein        960 
_refine_hist.pdbx_number_atoms_nucleic_acid   0 
_refine_hist.pdbx_number_atoms_ligand         0 
_refine_hist.number_atoms_solvent             141 
_refine_hist.number_atoms_total               1101 
_refine_hist.d_res_high                       1.63 
_refine_hist.d_res_low                        34.5 
# 
loop_
_refine_ls_restr.type 
_refine_ls_restr.number 
_refine_ls_restr.dev_ideal 
_refine_ls_restr.dev_ideal_target 
_refine_ls_restr.weight 
_refine_ls_restr.pdbx_refine_id 
_refine_ls_restr.pdbx_restraint_function 
r_bond_refined_d       1005 0.016  0.022  ? 'X-RAY DIFFRACTION' ? 
r_bond_other_d         706  0.001  0.020  ? 'X-RAY DIFFRACTION' ? 
r_angle_refined_deg    1359 1.448  1.975  ? 'X-RAY DIFFRACTION' ? 
r_angle_other_deg      1723 0.939  3.000  ? 'X-RAY DIFFRACTION' ? 
r_dihedral_angle_1_deg 113  4.460  5.000  ? 'X-RAY DIFFRACTION' ? 
r_dihedral_angle_2_deg 55   33.687 24.545 ? 'X-RAY DIFFRACTION' ? 
r_dihedral_angle_3_deg 193  13.159 15.000 ? 'X-RAY DIFFRACTION' ? 
r_dihedral_angle_4_deg 7    18.250 15.000 ? 'X-RAY DIFFRACTION' ? 
r_chiral_restr         147  0.088  0.200  ? 'X-RAY DIFFRACTION' ? 
r_gen_planes_refined   1082 0.007  0.021  ? 'X-RAY DIFFRACTION' ? 
r_gen_planes_other     200  0.001  0.020  ? 'X-RAY DIFFRACTION' ? 
r_mcbond_it            579  2.078  3.000  ? 'X-RAY DIFFRACTION' ? 
r_mcbond_other         222  0.633  3.000  ? 'X-RAY DIFFRACTION' ? 
r_mcangle_it           948  3.264  5.000  ? 'X-RAY DIFFRACTION' ? 
r_scbond_it            426  5.829  8.000  ? 'X-RAY DIFFRACTION' ? 
r_scangle_it           411  8.664  11.000 ? 'X-RAY DIFFRACTION' ? 
# 
_refine_ls_shell.d_res_high                       1.63 
_refine_ls_shell.d_res_low                        1.67 
_refine_ls_shell.pdbx_total_number_of_bins_used   20 
_refine_ls_shell.percent_reflns_obs               96.600 
_refine_ls_shell.number_reflns_R_work             1487 
_refine_ls_shell.R_factor_all                     ? 
_refine_ls_shell.R_factor_R_work                  0.473 
_refine_ls_shell.R_factor_R_free                  0.553 
_refine_ls_shell.percent_reflns_R_free            ? 
_refine_ls_shell.number_reflns_R_free             74 
_refine_ls_shell.R_factor_R_free_error            ? 
_refine_ls_shell.number_reflns_all                1561 
_refine_ls_shell.number_reflns_obs                ? 
_refine_ls_shell.redundancy_reflns_obs            ? 
_refine_ls_shell.pdbx_refine_id                   'X-RAY DIFFRACTION' 
# 
_struct.entry_id                  3IU5 
_struct.title                     'Crystal structure of the first bromodomain of human poly-bromodomain containing protein 1 (PB1)' 
_struct.pdbx_model_details        ? 
_struct.pdbx_CASP_flag            ? 
_struct.pdbx_model_type_details   ? 
# 
_struct_keywords.entry_id        3IU5 
_struct_keywords.pdbx_keywords   TRANSCRIPTION 
_struct_keywords.text            
;PB1, polybromo 1 isoform 1, BAF180, Polybromo0ID, PBRM1, BRG1-associated factor 180, Structural Genomics, SGC, Structural Genomics Consortium, Bromodomain, Chromatin regulator, DNA-binding, Nucleus, Phosphoprotein, Transcription, Transcription regulation
;
# 
loop_
_struct_asym.id 
_struct_asym.pdbx_blank_PDB_chainid_flag 
_struct_asym.pdbx_modified 
_struct_asym.entity_id 
_struct_asym.details 
A N N 1 ? 
B N N 2 ? 
# 
_struct_biol.id        1 
_struct_biol.details   ? 
# 
loop_
_struct_conf.conf_type_id 
_struct_conf.id 
_struct_conf.pdbx_PDB_helix_id 
_struct_conf.beg_label_comp_id 
_struct_conf.beg_label_asym_id 
_struct_conf.beg_label_seq_id 
_struct_conf.pdbx_beg_PDB_ins_code 
_struct_conf.end_label_comp_id 
_struct_conf.end_label_asym_id 
_struct_conf.end_label_seq_id 
_struct_conf.pdbx_end_PDB_ins_code 
_struct_conf.beg_auth_comp_id 
_struct_conf.beg_auth_asym_id 
_struct_conf.beg_auth_seq_id 
_struct_conf.end_auth_comp_id 
_struct_conf.end_auth_asym_id 
_struct_conf.end_auth_seq_id 
_struct_conf.pdbx_PDB_helix_class 
_struct_conf.details 
_struct_conf.pdbx_PDB_helix_length 
HELX_P HELX_P1 1 ASP A 5  ? TYR A 20  ? ASP A 45  TYR A 60  1 ? 16 
HELX_P HELX_P2 2 LEU A 27 ? ILE A 33  ? LEU A 67  ILE A 73  5 ? 7  
HELX_P HELX_P3 3 LYS A 37 ? ASN A 40  ? LYS A 77  ASN A 80  5 ? 4  
HELX_P HELX_P4 4 GLN A 41 ? VAL A 48  ? GLN A 81  VAL A 88  1 ? 8  
HELX_P HELX_P5 5 ASP A 53 ? MET A 63  ? ASP A 93  MET A 103 1 ? 11 
HELX_P HELX_P6 6 ASP A 68 ? TYR A 87  ? ASP A 108 TYR A 127 1 ? 20 
HELX_P HELX_P7 7 SER A 91 ? GLN A 113 ? SER A 131 GLN A 153 1 ? 23 
# 
_struct_conf_type.id          HELX_P 
_struct_conf_type.criteria    ? 
_struct_conf_type.reference   ? 
# 
_atom_sites.entry_id                    3IU5 
_atom_sites.fract_transf_matrix[1][1]   0.00849573 
_atom_sites.fract_transf_matrix[1][2]   -0.01114561 
_atom_sites.fract_transf_matrix[1][3]   -0.00515968 
_atom_sites.fract_transf_matrix[2][1]   -0.00783813 
_atom_sites.fract_transf_matrix[2][2]   -0.00975029 
_atom_sites.fract_transf_matrix[2][3]   0.00815598 
_atom_sites.fract_transf_matrix[3][1]   -0.01572281 
_atom_sites.fract_transf_matrix[3][2]   -0.00321207 
_atom_sites.fract_transf_matrix[3][3]   -0.01895004 
_atom_sites.fract_transf_vector[1]      -0.073026 
_atom_sites.fract_transf_vector[2]      0.679309 
_atom_sites.fract_transf_vector[3]      0.610663 
# 
loop_
_atom_type.symbol 
C 
N 
O 
S 
# 
loop_
_atom_site.group_PDB 
_atom_site.id 
_atom_site.type_symbol 
_atom_site.label_atom_id 
_atom_site.label_alt_id 
_atom_site.label_comp_id 
_atom_site.label_asym_id 
_atom_site.label_entity_id 
_atom_site.label_seq_id 
_atom_site.pdbx_PDB_ins_code 
_atom_site.Cartn_x 
_atom_site.Cartn_y 
_atom_site.Cartn_z 
_atom_site.occupancy 
_atom_site.B_iso_or_equiv 
_atom_site.pdbx_formal_charge 
_atom_site.auth_seq_id 
_atom_site.auth_comp_id 
_atom_site.auth_asym_id 
_atom_site.auth_atom_id 
_atom_site.pdbx_PDB_model_num 
ATOM   1    N N   . SER A 1 1   ? 11.556  -1.326  -17.855 1.00 8.89  ? 41  SER A N   1 
ATOM   2    C CA  . SER A 1 1   ? 11.772  -0.732  -19.202 1.00 10.88 ? 41  SER A CA  1 
ATOM   3    C C   . SER A 1 1   ? 11.836  0.775   -19.016 1.00 7.50  ? 41  SER A C   1 
ATOM   4    O O   . SER A 1 1   ? 11.254  1.304   -18.060 1.00 14.56 ? 41  SER A O   1 
ATOM   5    C CB  . SER A 1 1   ? 10.608  -1.090  -20.122 1.00 14.08 ? 41  SER A CB  1 
ATOM   6    O OG  . SER A 1 1   ? 10.726  -0.395  -21.331 1.00 14.21 ? 41  SER A OG  1 
ATOM   7    N N   . MET A 1 2   ? 12.543  1.448   -19.900 1.00 13.52 ? 42  MET A N   1 
ATOM   8    C CA  . MET A 1 2   ? 12.539  2.905   -19.858 1.00 23.91 ? 42  MET A CA  1 
ATOM   9    C C   . MET A 1 2   ? 11.252  3.497   -20.384 1.00 19.57 ? 42  MET A C   1 
ATOM   10   O O   . MET A 1 2   ? 10.972  4.665   -20.114 1.00 13.12 ? 42  MET A O   1 
ATOM   11   C CB  . MET A 1 2   ? 13.654  3.460   -20.684 1.00 21.07 ? 42  MET A CB  1 
ATOM   12   C CG  . MET A 1 2   ? 14.984  3.161   -20.090 1.00 24.53 ? 42  MET A CG  1 
ATOM   13   S SD  . MET A 1 2   ? 16.173  3.824   -21.179 1.00 14.89 ? 42  MET A SD  1 
ATOM   14   C CE  . MET A 1 2   ? 15.925  2.787   -22.640 1.00 15.99 ? 42  MET A CE  1 
ATOM   15   N N   . THR A 1 3   ? 10.486  2.705   -21.143 1.00 8.20  ? 43  THR A N   1 
ATOM   16   C CA  . THR A 1 3   ? 9.257   3.210   -21.723 1.00 3.63  ? 43  THR A CA  1 
ATOM   17   C C   . THR A 1 3   ? 8.139   2.324   -21.209 1.00 2.60  ? 43  THR A C   1 
ATOM   18   O O   . THR A 1 3   ? 7.963   1.208   -21.709 1.00 6.57  ? 43  THR A O   1 
ATOM   19   C CB  . THR A 1 3   ? 9.340   3.195   -23.221 1.00 4.14  ? 43  THR A CB  1 
ATOM   20   O OG1 . THR A 1 3   ? 10.497  3.953   -23.619 1.00 12.41 ? 43  THR A OG1 1 
ATOM   21   C CG2 . THR A 1 3   ? 8.077   3.801   -23.840 1.00 5.98  ? 43  THR A CG2 1 
ATOM   22   N N   . VAL A 1 4   ? 7.392   2.836   -20.250 1.00 4.80  ? 44  VAL A N   1 
ATOM   23   C CA  . VAL A 1 4   ? 6.324   2.047   -19.628 1.00 9.40  ? 44  VAL A CA  1 
ATOM   24   C C   . VAL A 1 4   ? 4.956   2.727   -19.745 1.00 5.05  ? 44  VAL A C   1 
ATOM   25   O O   . VAL A 1 4   ? 4.853   3.914   -19.925 1.00 2.47  ? 44  VAL A O   1 
ATOM   26   C CB  . VAL A 1 4   ? 6.575   1.737   -18.133 1.00 15.31 ? 44  VAL A CB  1 
ATOM   27   C CG1 . VAL A 1 4   ? 7.899   0.966   -17.939 1.00 14.34 ? 44  VAL A CG1 1 
ATOM   28   C CG2 . VAL A 1 4   ? 6.496   2.974   -17.291 1.00 11.66 ? 44  VAL A CG2 1 
ATOM   29   N N   . ASP A 1 5   ? 3.917   1.916   -19.613 1.00 5.53  ? 45  ASP A N   1 
ATOM   30   C CA  . ASP A 1 5   ? 2.541   2.363   -19.603 1.00 4.06  ? 45  ASP A CA  1 
ATOM   31   C C   . ASP A 1 5   ? 2.080   2.412   -18.140 1.00 2.00  ? 45  ASP A C   1 
ATOM   32   O O   . ASP A 1 5   ? 1.815   1.354   -17.543 1.00 2.90  ? 45  ASP A O   1 
ATOM   33   C CB  . ASP A 1 5   ? 1.723   1.313   -20.372 1.00 5.50  ? 45  ASP A CB  1 
ATOM   34   C CG  . ASP A 1 5   ? 0.231   1.605   -20.383 1.00 5.49  ? 45  ASP A CG  1 
ATOM   35   O OD1 . ASP A 1 5   ? -0.226  2.614   -19.798 1.00 5.21  ? 45  ASP A OD1 1 
ATOM   36   O OD2 . ASP A 1 5   ? -0.489  0.803   -21.042 1.00 9.38  ? 45  ASP A OD2 1 
ATOM   37   N N   . PRO A 1 6   ? 1.984   3.619   -17.538 1.00 2.81  ? 46  PRO A N   1 
ATOM   38   C CA  . PRO A 1 6   ? 1.700   3.667   -16.141 1.00 4.09  ? 46  PRO A CA  1 
ATOM   39   C C   . PRO A 1 6   ? 0.402   3.011   -15.719 1.00 3.61  ? 46  PRO A C   1 
ATOM   40   O O   . PRO A 1 6   ? 0.360   2.431   -14.639 1.00 5.36  ? 46  PRO A O   1 
ATOM   41   C CB  . PRO A 1 6   ? 1.691   5.156   -15.830 1.00 3.84  ? 46  PRO A CB  1 
ATOM   42   C CG  . PRO A 1 6   ? 2.686   5.713   -16.798 1.00 6.59  ? 46  PRO A CG  1 
ATOM   43   C CD  . PRO A 1 6   ? 2.303   4.969   -18.047 1.00 2.00  ? 46  PRO A CD  1 
ATOM   44   N N   . ILE A 1 7   ? -0.640  3.094   -16.536 1.00 3.28  ? 47  ILE A N   1 
ATOM   45   C CA  . ILE A 1 7   ? -1.937  2.445   -16.182 1.00 7.76  ? 47  ILE A CA  1 
ATOM   46   C C   . ILE A 1 7   ? -1.747  0.929   -15.976 1.00 6.72  ? 47  ILE A C   1 
ATOM   47   O O   . ILE A 1 7   ? -2.229  0.327   -14.995 1.00 7.27  ? 47  ILE A O   1 
ATOM   48   C CB  . ILE A 1 7   ? -3.025  2.715   -17.277 1.00 8.76  ? 47  ILE A CB  1 
ATOM   49   C CG1 . ILE A 1 7   ? -3.597  4.129   -17.091 1.00 15.11 ? 47  ILE A CG1 1 
ATOM   50   C CG2 . ILE A 1 7   ? -4.180  1.626   -17.231 1.00 15.60 ? 47  ILE A CG2 1 
ATOM   51   C CD1 . ILE A 1 7   ? -4.683  4.226   -16.048 1.00 32.00 ? 47  ILE A CD1 1 
ATOM   52   N N   . ALA A 1 8   ? -0.995  0.319   -16.874 1.00 4.14  ? 48  ALA A N   1 
ATOM   53   C CA  . ALA A 1 8   ? -0.682  -1.103  -16.808 1.00 5.66  ? 48  ALA A CA  1 
ATOM   54   C C   . ALA A 1 8   ? 0.182   -1.446  -15.604 1.00 6.85  ? 48  ALA A C   1 
ATOM   55   O O   . ALA A 1 8   ? -0.095  -2.421  -14.894 1.00 7.18  ? 48  ALA A O   1 
ATOM   56   C CB  . ALA A 1 8   ? -0.019  -1.582  -18.113 1.00 7.53  ? 48  ALA A CB  1 
ATOM   57   N N   . VAL A 1 9   ? 1.229   -0.668  -15.389 1.00 4.08  ? 49  VAL A N   1 
ATOM   58   C CA  . VAL A 1 9   ? 2.174   -0.918  -14.300 1.00 4.97  ? 49  VAL A CA  1 
ATOM   59   C C   . VAL A 1 9   ? 1.466   -0.784  -12.952 1.00 5.70  ? 49  VAL A C   1 
ATOM   60   O O   . VAL A 1 9   ? 1.650   -1.633  -12.080 1.00 6.19  ? 49  VAL A O   1 
ATOM   61   C CB  . VAL A 1 9   ? 3.402   0.011   -14.398 1.00 6.12  ? 49  VAL A CB  1 
ATOM   62   C CG1 . VAL A 1 9   ? 4.256   -0.113  -13.132 1.00 5.27  ? 49  VAL A CG1 1 
ATOM   63   C CG2 . VAL A 1 9   ? 4.228   -0.325  -15.632 1.00 5.82  ? 49  VAL A CG2 1 
ATOM   64   N N   . CYS A 1 10  ? 0.641   0.253   -12.811 1.00 5.24  ? 50  CYS A N   1 
ATOM   65   C CA  . CYS A 1 10  ? -0.118  0.474   -11.560 1.00 5.07  ? 50  CYS A CA  1 
ATOM   66   C C   . CYS A 1 10  ? -1.060  -0.708  -11.252 1.00 4.14  ? 50  CYS A C   1 
ATOM   67   O O   . CYS A 1 10  ? -1.131  -1.138  -10.100 1.00 5.63  ? 50  CYS A O   1 
ATOM   68   C CB  . CYS A 1 10  ? -0.856  1.792   -11.574 1.00 7.18  ? 50  CYS A CB  1 
ATOM   69   S SG  . CYS A 1 10  ? 0.327   3.219   -11.411 1.00 8.70  ? 50  CYS A SG  1 
ATOM   70   N N   . HIS A 1 11  ? -1.722  -1.237  -12.262 1.00 3.85  ? 51  HIS A N   1 
ATOM   71   C CA  . HIS A 1 11  ? -2.576  -2.445  -12.082 1.00 4.12  ? 51  HIS A CA  1 
ATOM   72   C C   . HIS A 1 11  ? -1.737  -3.628  -11.596 1.00 8.32  ? 51  HIS A C   1 
ATOM   73   O O   . HIS A 1 11  ? -2.114  -4.323  -10.679 1.00 6.01  ? 51  HIS A O   1 
ATOM   74   C CB  A HIS A 1 11  ? -3.350  -2.777  -13.368 0.50 8.41  ? 51  HIS A CB  1 
ATOM   75   C CB  B HIS A 1 11  ? -3.284  -2.777  -13.417 0.50 9.05  ? 51  HIS A CB  1 
ATOM   76   C CG  A HIS A 1 11  ? -4.667  -2.070  -13.481 0.50 10.13 ? 51  HIS A CG  1 
ATOM   77   C CG  B HIS A 1 11  ? -4.260  -3.913  -13.335 0.50 15.70 ? 51  HIS A CG  1 
ATOM   78   N ND1 A HIS A 1 11  ? -4.794  -0.801  -14.007 0.50 15.08 ? 51  HIS A ND1 1 
ATOM   79   N ND1 B HIS A 1 11  ? -4.029  -5.139  -13.927 0.50 29.52 ? 51  HIS A ND1 1 
ATOM   80   C CD2 A HIS A 1 11  ? -5.919  -2.457  -13.135 0.50 10.09 ? 51  HIS A CD2 1 
ATOM   81   C CD2 B HIS A 1 11  ? -5.468  -4.005  -12.737 0.50 23.46 ? 51  HIS A CD2 1 
ATOM   82   C CE1 A HIS A 1 11  ? -6.067  -0.444  -13.988 0.50 7.28  ? 51  HIS A CE1 1 
ATOM   83   C CE1 B HIS A 1 11  ? -5.055  -5.937  -13.693 0.50 14.28 ? 51  HIS A CE1 1 
ATOM   84   N NE2 A HIS A 1 11  ? -6.769  -1.432  -13.470 0.50 20.80 ? 51  HIS A NE2 1 
ATOM   85   N NE2 B HIS A 1 11  ? -5.945  -5.271  -12.975 0.50 10.10 ? 51  HIS A NE2 1 
ATOM   86   N N   . GLU A 1 12  ? -0.564  -3.839  -12.180 1.00 6.68  ? 52  GLU A N   1 
ATOM   87   C CA  . GLU A 1 12  ? 0.291   -4.930  -11.768 1.00 5.91  ? 52  GLU A CA  1 
ATOM   88   C C   . GLU A 1 12  ? 0.793   -4.762  -10.338 1.00 5.27  ? 52  GLU A C   1 
ATOM   89   O O   . GLU A 1 12  ? 0.867   -5.727  -9.571  1.00 7.88  ? 52  GLU A O   1 
ATOM   90   C CB  . GLU A 1 12  ? 1.518   -5.063  -12.680 1.00 9.00  ? 52  GLU A CB  1 
ATOM   91   C CG  . GLU A 1 12  ? 1.188   -5.402  -14.117 1.00 7.32  ? 52  GLU A CG  1 
ATOM   92   C CD  . GLU A 1 12  ? 0.550   -6.740  -14.249 1.00 19.46 ? 52  GLU A CD  1 
ATOM   93   O OE1 . GLU A 1 12  ? 0.901   -7.651  -13.478 1.00 14.41 ? 52  GLU A OE1 1 
ATOM   94   O OE2 . GLU A 1 12  ? -0.301  -6.898  -15.139 1.00 18.84 ? 52  GLU A OE2 1 
ATOM   95   N N   . LEU A 1 13  ? 1.143   -3.538  -9.969  1.00 4.80  ? 53  LEU A N   1 
ATOM   96   C CA  . LEU A 1 13  ? 1.661   -3.252  -8.635  1.00 5.13  ? 53  LEU A CA  1 
ATOM   97   C C   . LEU A 1 13  ? 0.556   -3.428  -7.567  1.00 5.36  ? 53  LEU A C   1 
ATOM   98   O O   . LEU A 1 13  ? 0.787   -3.981  -6.508  1.00 6.14  ? 53  LEU A O   1 
ATOM   99   C CB  . LEU A 1 13  ? 2.286   -1.864  -8.594  1.00 4.93  ? 53  LEU A CB  1 
ATOM   100  C CG  . LEU A 1 13  ? 3.636   -1.681  -9.325  1.00 6.93  ? 53  LEU A CG  1 
ATOM   101  C CD1 . LEU A 1 13  ? 3.993   -0.191  -9.366  1.00 7.96  ? 53  LEU A CD1 1 
ATOM   102  C CD2 . LEU A 1 13  ? 4.753   -2.507  -8.656  1.00 10.61 ? 53  LEU A CD2 1 
ATOM   103  N N   . TYR A 1 14  ? -0.661  -3.007  -7.871  1.00 5.94  ? 54  TYR A N   1 
ATOM   104  C CA  . TYR A 1 14  ? -1.776  -3.221  -6.966  1.00 6.36  ? 54  TYR A CA  1 
ATOM   105  C C   . TYR A 1 14  ? -1.978  -4.720  -6.799  1.00 6.40  ? 54  TYR A C   1 
ATOM   106  O O   . TYR A 1 14  ? -2.130  -5.212  -5.663  1.00 6.73  ? 54  TYR A O   1 
ATOM   107  C CB  . TYR A 1 14  ? -3.034  -2.541  -7.472  1.00 6.42  ? 54  TYR A CB  1 
ATOM   108  C CG  . TYR A 1 14  ? -4.235  -2.921  -6.662  1.00 6.33  ? 54  TYR A CG  1 
ATOM   109  C CD1 . TYR A 1 14  ? -4.486  -2.294  -5.452  1.00 11.20 ? 54  TYR A CD1 1 
ATOM   110  C CD2 . TYR A 1 14  ? -5.066  -3.945  -7.075  1.00 8.99  ? 54  TYR A CD2 1 
ATOM   111  C CE1 . TYR A 1 14  ? -5.555  -2.665  -4.680  1.00 10.44 ? 54  TYR A CE1 1 
ATOM   112  C CE2 . TYR A 1 14  ? -6.159  -4.318  -6.310  1.00 10.91 ? 54  TYR A CE2 1 
ATOM   113  C CZ  . TYR A 1 14  ? -6.368  -3.676  -5.100  1.00 11.73 ? 54  TYR A CZ  1 
ATOM   114  O OH  . TYR A 1 14  ? -7.465  -4.031  -4.322  1.00 18.10 ? 54  TYR A OH  1 
ATOM   115  N N   . ASN A 1 15  ? -2.003  -5.460  -7.906  1.00 5.69  ? 55  ASN A N   1 
ATOM   116  C CA  . ASN A 1 15  ? -2.216  -6.906  -7.870  1.00 8.42  ? 55  ASN A CA  1 
ATOM   117  C C   . ASN A 1 15  ? -1.128  -7.628  -7.069  1.00 7.48  ? 55  ASN A C   1 
ATOM   118  O O   . ASN A 1 15  ? -1.411  -8.582  -6.314  1.00 7.44  ? 55  ASN A O   1 
ATOM   119  C CB  . ASN A 1 15  ? -2.291  -7.459  -9.294  1.00 6.50  ? 55  ASN A CB  1 
ATOM   120  C CG  . ASN A 1 15  ? -3.589  -7.114  -9.988  1.00 8.29  ? 55  ASN A CG  1 
ATOM   121  O OD1 . ASN A 1 15  ? -4.482  -6.504  -9.409  1.00 11.03 ? 55  ASN A OD1 1 
ATOM   122  N ND2 . ASN A 1 15  ? -3.707  -7.527  -11.263 1.00 11.23 ? 55  ASN A ND2 1 
ATOM   123  N N   . THR A 1 16  ? 0.105   -7.126  -7.194  1.00 5.31  ? 56  THR A N   1 
ATOM   124  C CA  . THR A 1 16  ? 1.243   -7.638  -6.425  1.00 4.85  ? 56  THR A CA  1 
ATOM   125  C C   . THR A 1 16  ? 0.954   -7.585  -4.921  1.00 6.66  ? 56  THR A C   1 
ATOM   126  O O   . THR A 1 16  ? 1.093   -8.575  -4.218  1.00 6.79  ? 56  THR A O   1 
ATOM   127  C CB  . THR A 1 16  ? 2.543   -6.898  -6.770  1.00 5.71  ? 56  THR A CB  1 
ATOM   128  O OG1 . THR A 1 16  ? 2.834   -7.156  -8.151  1.00 7.08  ? 56  THR A OG1 1 
ATOM   129  C CG2 . THR A 1 16  ? 3.694   -7.405  -5.910  1.00 6.56  ? 56  THR A CG2 1 
ATOM   130  N N   . ILE A 1 17  ? 0.552   -6.411  -4.459  1.00 6.42  ? 57  ILE A N   1 
ATOM   131  C CA  . ILE A 1 17  ? 0.251   -6.230  -3.035  1.00 6.21  ? 57  ILE A CA  1 
ATOM   132  C C   . ILE A 1 17  ? -0.973  -7.049  -2.633  1.00 5.84  ? 57  ILE A C   1 
ATOM   133  O O   . ILE A 1 17  ? -0.995  -7.689  -1.533  1.00 6.97  ? 57  ILE A O   1 
ATOM   134  C CB  . ILE A 1 17  ? 0.071   -4.710  -2.684  1.00 7.79  ? 57  ILE A CB  1 
ATOM   135  C CG1 . ILE A 1 17  ? 1.366   -3.936  -3.005  1.00 9.68  ? 57  ILE A CG1 1 
ATOM   136  C CG2 . ILE A 1 17  ? -0.392  -4.530  -1.203  1.00 9.45  ? 57  ILE A CG2 1 
ATOM   137  C CD1 . ILE A 1 17  ? 2.645   -4.509  -2.400  1.00 10.95 ? 57  ILE A CD1 1 
ATOM   138  N N   . ARG A 1 18  ? -2.003  -7.045  -3.472  1.00 5.55  ? 58  ARG A N   1 
ATOM   139  C CA  . ARG A 1 18  ? -3.242  -7.817  -3.199  1.00 6.34  ? 58  ARG A CA  1 
ATOM   140  C C   . ARG A 1 18  ? -2.988  -9.322  -3.034  1.00 6.29  ? 58  ARG A C   1 
ATOM   141  O O   . ARG A 1 18  ? -3.640  -10.002 -2.240  1.00 7.36  ? 58  ARG A O   1 
ATOM   142  C CB  . ARG A 1 18  ? -4.240  -7.572  -4.340  1.00 7.41  ? 58  ARG A CB  1 
ATOM   143  C CG  . ARG A 1 18  ? -5.594  -8.231  -4.154  1.00 9.78  ? 58  ARG A CG  1 
ATOM   144  C CD  . ARG A 1 18  ? -6.362  -8.264  -5.428  1.00 10.56 ? 58  ARG A CD  1 
ATOM   145  N NE  . ARG A 1 18  ? -5.728  -9.104  -6.440  1.00 11.53 ? 58  ARG A NE  1 
ATOM   146  C CZ  . ARG A 1 18  ? -6.022  -9.094  -7.743  1.00 10.61 ? 58  ARG A CZ  1 
ATOM   147  N NH1 . ARG A 1 18  ? -6.968  -8.304  -8.232  1.00 17.53 ? 58  ARG A NH1 1 
ATOM   148  N NH2 . ARG A 1 18  ? -5.345  -9.872  -8.567  1.00 12.51 ? 58  ARG A NH2 1 
ATOM   149  N N   . ASP A 1 19  ? -2.088  -9.877  -3.839  1.00 4.32  ? 59  ASP A N   1 
ATOM   150  C CA  . ASP A 1 19  ? -1.975  -11.323 -3.913  1.00 6.70  ? 59  ASP A CA  1 
ATOM   151  C C   . ASP A 1 19  ? -0.813  -11.940 -3.136  1.00 4.96  ? 59  ASP A C   1 
ATOM   152  O O   . ASP A 1 19  ? -0.727  -13.156 -2.985  1.00 5.09  ? 59  ASP A O   1 
ATOM   153  C CB  . ASP A 1 19  ? -1.873  -11.710 -5.384  1.00 5.43  ? 59  ASP A CB  1 
ATOM   154  C CG  . ASP A 1 19  ? -3.151  -11.383 -6.147  1.00 12.59 ? 59  ASP A CG  1 
ATOM   155  O OD1 . ASP A 1 19  ? -4.229  -11.263 -5.499  1.00 9.02  ? 59  ASP A OD1 1 
ATOM   156  O OD2 . ASP A 1 19  ? -3.067  -11.250 -7.387  1.00 8.12  ? 59  ASP A OD2 1 
ATOM   157  N N   . TYR A 1 20  ? 0.087   -11.117 -2.638  1.00 5.22  ? 60  TYR A N   1 
ATOM   158  C CA  . TYR A 1 20  ? 1.305   -11.609 -1.999  1.00 5.38  ? 60  TYR A CA  1 
ATOM   159  C C   . TYR A 1 20  ? 1.076   -12.343 -0.693  1.00 5.30  ? 60  TYR A C   1 
ATOM   160  O O   . TYR A 1 20  ? 0.411   -11.817 0.220   1.00 5.57  ? 60  TYR A O   1 
ATOM   161  C CB  . TYR A 1 20  ? 2.227   -10.456 -1.673  1.00 8.67  ? 60  TYR A CB  1 
ATOM   162  C CG  . TYR A 1 20  ? 3.563   -10.824 -1.091  1.00 6.26  ? 60  TYR A CG  1 
ATOM   163  C CD1 . TYR A 1 20  ? 4.615   -11.174 -1.923  1.00 6.13  ? 60  TYR A CD1 1 
ATOM   164  C CD2 . TYR A 1 20  ? 3.801   -10.776 0.294   1.00 6.41  ? 60  TYR A CD2 1 
ATOM   165  C CE1 . TYR A 1 20  ? 5.877   -11.475 -1.414  1.00 5.35  ? 60  TYR A CE1 1 
ATOM   166  C CE2 . TYR A 1 20  ? 5.050   -11.062 0.805   1.00 7.85  ? 60  TYR A CE2 1 
ATOM   167  C CZ  . TYR A 1 20  ? 6.093   -11.407 -0.042  1.00 7.79  ? 60  TYR A CZ  1 
ATOM   168  O OH  . TYR A 1 20  ? 7.353   -11.685 0.470   1.00 10.42 ? 60  TYR A OH  1 
ATOM   169  N N   . LYS A 1 21  ? 1.651   -13.524 -0.589  1.00 4.12  ? 61  LYS A N   1 
ATOM   170  C CA  . LYS A 1 21  ? 1.758   -14.230 0.692   1.00 3.13  ? 61  LYS A CA  1 
ATOM   171  C C   . LYS A 1 21  ? 3.212   -14.297 1.096   1.00 3.09  ? 61  LYS A C   1 
ATOM   172  O O   . LYS A 1 21  ? 4.097   -14.576 0.283   1.00 4.55  ? 61  LYS A O   1 
ATOM   173  C CB  . LYS A 1 21  ? 1.198   -15.636 0.620   1.00 3.24  ? 61  LYS A CB  1 
ATOM   174  C CG  . LYS A 1 21  ? -0.300  -15.693 0.462   1.00 4.55  ? 61  LYS A CG  1 
ATOM   175  C CD  . LYS A 1 21  ? -0.810  -17.074 0.315   1.00 7.50  ? 61  LYS A CD  1 
ATOM   176  C CE  . LYS A 1 21  ? -2.315  -17.138 0.473   1.00 11.36 ? 61  LYS A CE  1 
ATOM   177  N NZ  . LYS A 1 21  ? -2.861  -18.487 0.182   1.00 8.45  ? 61  LYS A NZ  1 
ATOM   178  N N   . ASP A 1 22  ? 3.439   -14.121 2.384   1.00 4.26  ? 62  ASP A N   1 
ATOM   179  C CA  . ASP A 1 22  ? 4.760   -14.377 2.925   1.00 7.76  ? 62  ASP A CA  1 
ATOM   180  C C   . ASP A 1 22  ? 5.016   -15.866 3.066   1.00 5.78  ? 62  ASP A C   1 
ATOM   181  O O   . ASP A 1 22  ? 4.170   -16.726 2.666   1.00 3.55  ? 62  ASP A O   1 
ATOM   182  C CB  . ASP A 1 22  ? 4.968   -13.618 4.251   1.00 8.26  ? 62  ASP A CB  1 
ATOM   183  C CG  . ASP A 1 22  ? 4.161   -14.186 5.437   1.00 7.09  ? 62  ASP A CG  1 
ATOM   184  O OD1 . ASP A 1 22  ? 3.593   -15.290 5.383   1.00 6.08  ? 62  ASP A OD1 1 
ATOM   185  O OD2 . ASP A 1 22  ? 4.127   -13.475 6.495   1.00 8.20  ? 62  ASP A OD2 1 
ATOM   186  N N   . GLU A 1 23  ? 6.205   -16.244 3.570   1.00 4.24  ? 63  GLU A N   1 
ATOM   187  C CA  . GLU A 1 23  ? 6.566   -17.657 3.572   1.00 2.04  ? 63  GLU A CA  1 
ATOM   188  C C   . GLU A 1 23  ? 5.753   -18.473 4.590   1.00 2.34  ? 63  GLU A C   1 
ATOM   189  O O   . GLU A 1 23  ? 5.741   -19.708 4.540   1.00 4.06  ? 63  GLU A O   1 
ATOM   190  C CB  . GLU A 1 23  ? 8.055   -17.876 3.822   1.00 4.16  ? 63  GLU A CB  1 
ATOM   191  C CG  . GLU A 1 23  ? 9.040   -17.152 2.935   1.00 13.13 ? 63  GLU A CG  1 
ATOM   192  C CD  . GLU A 1 23  ? 10.331  -16.833 3.744   1.00 33.53 ? 63  GLU A CD  1 
ATOM   193  O OE1 . GLU A 1 23  ? 11.229  -17.686 3.809   1.00 26.25 ? 63  GLU A OE1 1 
ATOM   194  O OE2 . GLU A 1 23  ? 10.407  -15.760 4.384   1.00 39.34 ? 63  GLU A OE2 1 
ATOM   195  N N   . GLN A 1 24  ? 5.074   -17.791 5.512   1.00 2.89  ? 64  GLN A N   1 
ATOM   196  C CA  . GLN A 1 24  ? 4.144   -18.460 6.413   1.00 2.69  ? 64  GLN A CA  1 
ATOM   197  C C   . GLN A 1 24  ? 2.747   -18.574 5.827   1.00 2.73  ? 64  GLN A C   1 
ATOM   198  O O   . GLN A 1 24  ? 1.850   -19.109 6.493   1.00 3.63  ? 64  GLN A O   1 
ATOM   199  C CB  . GLN A 1 24  ? 4.089   -17.763 7.781   1.00 6.96  ? 64  GLN A CB  1 
ATOM   200  C CG  . GLN A 1 24  ? 5.428   -17.888 8.563   1.00 12.80 ? 64  GLN A CG  1 
ATOM   201  C CD  . GLN A 1 24  ? 5.884   -19.341 8.839   1.00 18.35 ? 64  GLN A CD  1 
ATOM   202  O OE1 . GLN A 1 24  ? 5.067   -20.272 8.986   1.00 23.75 ? 64  GLN A OE1 1 
ATOM   203  N NE2 . GLN A 1 24  ? 7.205   -19.530 8.926   1.00 31.95 ? 64  GLN A NE2 1 
ATOM   204  N N   . GLY A 1 25  ? 2.606   -18.177 4.569   1.00 3.46  ? 65  GLY A N   1 
ATOM   205  C CA  . GLY A 1 25  ? 1.319   -18.218 3.842   1.00 2.72  ? 65  GLY A CA  1 
ATOM   206  C C   . GLY A 1 25  ? 0.335   -17.138 4.252   1.00 5.20  ? 65  GLY A C   1 
ATOM   207  O O   . GLY A 1 25  ? -0.862  -17.255 3.979   1.00 6.90  ? 65  GLY A O   1 
ATOM   208  N N   . ARG A 1 26  ? 0.823   -16.099 4.929   1.00 2.94  ? 66  ARG A N   1 
ATOM   209  C CA  . ARG A 1 26  ? -0.030  -14.990 5.379   1.00 4.19  ? 66  ARG A CA  1 
ATOM   210  C C   . ARG A 1 26  ? -0.252  -13.989 4.249   1.00 5.88  ? 66  ARG A C   1 
ATOM   211  O O   . ARG A 1 26  ? 0.702   -13.509 3.631   1.00 4.44  ? 66  ARG A O   1 
ATOM   212  C CB  . ARG A 1 26  ? 0.570   -14.278 6.590   1.00 8.23  ? 66  ARG A CB  1 
ATOM   213  C CG  . ARG A 1 26  ? 0.719   -15.181 7.812   1.00 9.80  ? 66  ARG A CG  1 
ATOM   214  C CD  . ARG A 1 26  ? 1.218   -14.410 9.008   1.00 27.02 ? 66  ARG A CD  1 
ATOM   215  N NE  . ARG A 1 26  ? 2.627   -14.164 8.806   1.00 20.86 ? 66  ARG A NE  1 
ATOM   216  C CZ  . ARG A 1 26  ? 3.624   -14.593 9.572   1.00 23.29 ? 66  ARG A CZ  1 
ATOM   217  N NH1 . ARG A 1 26  ? 3.419   -15.252 10.713  1.00 28.28 ? 66  ARG A NH1 1 
ATOM   218  N NH2 . ARG A 1 26  ? 4.867   -14.331 9.193   1.00 16.59 ? 66  ARG A NH2 1 
ATOM   219  N N   . LEU A 1 27  ? -1.521  -13.693 3.968   1.00 4.34  ? 67  LEU A N   1 
ATOM   220  C CA  . LEU A 1 27  ? -1.886  -12.690 3.009   1.00 5.10  ? 67  LEU A CA  1 
ATOM   221  C C   . LEU A 1 27  ? -1.781  -11.346 3.712   1.00 4.40  ? 67  LEU A C   1 
ATOM   222  O O   . LEU A 1 27  ? -2.729  -10.846 4.353   1.00 6.37  ? 67  LEU A O   1 
ATOM   223  C CB  . LEU A 1 27  ? -3.299  -12.935 2.440   1.00 7.55  ? 67  LEU A CB  1 
ATOM   224  C CG  . LEU A 1 27  ? -3.674  -12.119 1.209   1.00 12.19 ? 67  LEU A CG  1 
ATOM   225  C CD1 . LEU A 1 27  ? -2.891  -12.590 -0.045  1.00 7.69  ? 67  LEU A CD1 1 
ATOM   226  C CD2 . LEU A 1 27  ? -5.173  -12.227 0.952   1.00 21.12 ? 67  LEU A CD2 1 
ATOM   227  N N   . LEU A 1 28  ? -0.591  -10.735 3.612   1.00 4.32  ? 68  LEU A N   1 
ATOM   228  C CA  . LEU A 1 28  ? -0.251  -9.581  4.426   1.00 6.89  ? 68  LEU A CA  1 
ATOM   229  C C   . LEU A 1 28  ? -1.167  -8.390  4.209   1.00 6.29  ? 68  LEU A C   1 
ATOM   230  O O   . LEU A 1 28  ? -1.403  -7.621  5.160   1.00 7.62  ? 68  LEU A O   1 
ATOM   231  C CB  . LEU A 1 28  ? 1.204   -9.165  4.185   1.00 8.09  ? 68  LEU A CB  1 
ATOM   232  C CG  . LEU A 1 28  ? 2.262   -10.170 4.609   1.00 7.63  ? 68  LEU A CG  1 
ATOM   233  C CD1 . LEU A 1 28  ? 3.635   -9.557  4.254   1.00 9.76  ? 68  LEU A CD1 1 
ATOM   234  C CD2 . LEU A 1 28  ? 2.198   -10.588 6.115   1.00 9.03  ? 68  LEU A CD2 1 
ATOM   235  N N   . CYS A 1 29  ? -1.653  -8.187  2.986   1.00 5.11  ? 69  CYS A N   1 
ATOM   236  C CA  . CYS A 1 29  ? -2.553  -7.070  2.716   1.00 7.33  ? 69  CYS A CA  1 
ATOM   237  C C   . CYS A 1 29  ? -3.840  -7.059  3.522   1.00 8.93  ? 69  CYS A C   1 
ATOM   238  O O   . CYS A 1 29  ? -4.505  -6.045  3.579   1.00 7.52  ? 69  CYS A O   1 
ATOM   239  C CB  . CYS A 1 29  ? -2.931  -7.032  1.245   1.00 9.39  ? 69  CYS A CB  1 
ATOM   240  S SG  . CYS A 1 29  ? -3.997  -8.226  0.661   1.00 11.49 ? 69  CYS A SG  1 
ATOM   241  N N   . GLU A 1 30  ? -4.222  -8.181  4.119   1.00 5.81  ? 70  GLU A N   1 
ATOM   242  C CA  . GLU A 1 30  ? -5.451  -8.232  4.874   1.00 6.70  ? 70  GLU A CA  1 
ATOM   243  C C   . GLU A 1 30  ? -5.469  -7.212  6.016   1.00 7.14  ? 70  GLU A C   1 
ATOM   244  O O   . GLU A 1 30  ? -6.553  -6.768  6.426   1.00 7.85  ? 70  GLU A O   1 
ATOM   245  C CB  . GLU A 1 30  ? -5.689  -9.630  5.423   1.00 11.03 ? 70  GLU A CB  1 
ATOM   246  C CG  . GLU A 1 30  ? -6.172  -10.575 4.367   1.00 19.02 ? 70  GLU A CG  1 
ATOM   247  C CD  . GLU A 1 30  ? -6.452  -11.971 4.904   1.00 27.42 ? 70  GLU A CD  1 
ATOM   248  O OE1 . GLU A 1 30  ? -5.907  -12.346 5.983   1.00 23.52 ? 70  GLU A OE1 1 
ATOM   249  O OE2 . GLU A 1 30  ? -7.204  -12.703 4.223   1.00 25.55 ? 70  GLU A OE2 1 
ATOM   250  N N   . LEU A 1 31  ? -4.306  -6.906  6.572   1.00 5.59  ? 71  LEU A N   1 
ATOM   251  C CA  . LEU A 1 31  ? -4.186  -5.885  7.603   1.00 5.66  ? 71  LEU A CA  1 
ATOM   252  C C   . LEU A 1 31  ? -4.469  -4.460  7.124   1.00 6.61  ? 71  LEU A C   1 
ATOM   253  O O   . LEU A 1 31  ? -4.589  -3.552  7.962   1.00 7.24  ? 71  LEU A O   1 
ATOM   254  C CB  . LEU A 1 31  ? -2.815  -5.941  8.263   1.00 4.84  ? 71  LEU A CB  1 
ATOM   255  C CG  . LEU A 1 31  ? -2.504  -7.244  8.988   1.00 6.09  ? 71  LEU A CG  1 
ATOM   256  C CD1 . LEU A 1 31  ? -1.108  -7.201  9.561   1.00 8.62  ? 71  LEU A CD1 1 
ATOM   257  C CD2 . LEU A 1 31  ? -3.493  -7.553  10.100  1.00 11.08 ? 71  LEU A CD2 1 
ATOM   258  N N   . PHE A 1 32  ? -4.539  -4.265  5.803   1.00 5.67  ? 72  PHE A N   1 
ATOM   259  C CA  . PHE A 1 32  ? -4.596  -2.908  5.210   1.00 7.84  ? 72  PHE A CA  1 
ATOM   260  C C   . PHE A 1 32  ? -5.843  -2.678  4.370   1.00 6.99  ? 72  PHE A C   1 
ATOM   261  O O   . PHE A 1 32  ? -5.946  -1.669  3.667   1.00 7.93  ? 72  PHE A O   1 
ATOM   262  C CB  . PHE A 1 32  ? -3.308  -2.678  4.393   1.00 6.12  ? 72  PHE A CB  1 
ATOM   263  C CG  . PHE A 1 32  ? -2.093  -2.816  5.204   1.00 5.93  ? 72  PHE A CG  1 
ATOM   264  C CD1 . PHE A 1 32  ? -1.746  -1.808  6.095   1.00 15.94 ? 72  PHE A CD1 1 
ATOM   265  C CD2 . PHE A 1 32  ? -1.291  -3.956  5.155   1.00 5.53  ? 72  PHE A CD2 1 
ATOM   266  C CE1 . PHE A 1 32  ? -0.616  -1.943  6.911   1.00 14.27 ? 72  PHE A CE1 1 
ATOM   267  C CE2 . PHE A 1 32  ? -0.154  -4.065  5.949   1.00 6.33  ? 72  PHE A CE2 1 
ATOM   268  C CZ  . PHE A 1 32  ? 0.173   -3.074  6.832   1.00 9.93  ? 72  PHE A CZ  1 
ATOM   269  N N   . ILE A 1 33  ? -6.814  -3.588  4.429   1.00 6.74  ? 73  ILE A N   1 
ATOM   270  C CA  . ILE A 1 33  ? -8.017  -3.476  3.621   1.00 7.06  ? 73  ILE A CA  1 
ATOM   271  C C   . ILE A 1 33  ? -8.859  -2.259  4.043   1.00 5.49  ? 73  ILE A C   1 
ATOM   272  O O   . ILE A 1 33  ? -9.330  -1.506  3.197   1.00 6.78  ? 73  ILE A O   1 
ATOM   273  C CB  . ILE A 1 33  ? -8.851  -4.772  3.662   1.00 7.74  ? 73  ILE A CB  1 
ATOM   274  C CG1 . ILE A 1 33  ? -8.088  -5.901  2.964   1.00 10.74 ? 73  ILE A CG1 1 
ATOM   275  C CG2 . ILE A 1 33  ? -10.226 -4.575  3.011   1.00 8.41  ? 73  ILE A CG2 1 
ATOM   276  C CD1 . ILE A 1 33  ? -8.678  -7.308  3.251   1.00 12.87 ? 73  ILE A CD1 1 
ATOM   277  N N   . ARG A 1 34  ? -9.025  -2.097  5.357   1.00 5.85  ? 74  ARG A N   1 
ATOM   278  C CA  . ARG A 1 34  ? -9.851  -1.017  5.900   1.00 5.82  ? 74  ARG A CA  1 
ATOM   279  C C   . ARG A 1 34  ? -9.083  -0.272  6.980   1.00 5.02  ? 74  ARG A C   1 
ATOM   280  O O   . ARG A 1 34  ? -8.587  -0.888  7.922   1.00 9.16  ? 74  ARG A O   1 
ATOM   281  C CB  . ARG A 1 34  ? -11.102 -1.569  6.527   1.00 10.34 ? 74  ARG A CB  1 
ATOM   282  C CG  . ARG A 1 34  ? -12.057 -2.128  5.594   1.00 13.18 ? 74  ARG A CG  1 
ATOM   283  C CD  . ARG A 1 34  ? -13.268 -2.722  6.355   1.00 25.15 ? 74  ARG A CD  1 
ATOM   284  N NE  . ARG A 1 34  ? -14.212 -3.336  5.413   1.00 34.32 ? 74  ARG A NE  1 
ATOM   285  C CZ  . ARG A 1 34  ? -15.335 -2.776  4.958   1.00 47.79 ? 74  ARG A CZ  1 
ATOM   286  N NH1 . ARG A 1 34  ? -16.089 -3.445  4.088   1.00 59.90 ? 74  ARG A NH1 1 
ATOM   287  N NH2 . ARG A 1 34  ? -15.716 -1.563  5.359   1.00 46.74 ? 74  ARG A NH2 1 
ATOM   288  N N   . ALA A 1 35  ? -9.025  1.054   6.848   1.00 5.45  ? 75  ALA A N   1 
ATOM   289  C CA  . ALA A 1 35  ? -8.465  1.898   7.902   1.00 5.13  ? 75  ALA A CA  1 
ATOM   290  C C   . ALA A 1 35  ? -9.465  1.988   9.042   1.00 6.07  ? 75  ALA A C   1 
ATOM   291  O O   . ALA A 1 35  ? -10.674 1.807   8.866   1.00 5.68  ? 75  ALA A O   1 
ATOM   292  C CB  . ALA A 1 35  ? -8.147  3.304   7.367   1.00 9.15  ? 75  ALA A CB  1 
ATOM   293  N N   . PRO A 1 36  ? -8.975  2.297   10.234  1.00 5.92  ? 76  PRO A N   1 
ATOM   294  C CA  . PRO A 1 36  ? -9.944  2.447   11.324  1.00 6.32  ? 76  PRO A CA  1 
ATOM   295  C C   . PRO A 1 36  ? -10.916 3.598   11.044  1.00 5.73  ? 76  PRO A C   1 
ATOM   296  O O   . PRO A 1 36  ? -10.513 4.596   10.427  1.00 8.13  ? 76  PRO A O   1 
ATOM   297  C CB  . PRO A 1 36  ? -9.051  2.771   12.529  1.00 6.98  ? 76  PRO A CB  1 
ATOM   298  C CG  . PRO A 1 36  ? -7.710  2.235   12.168  1.00 8.05  ? 76  PRO A CG  1 
ATOM   299  C CD  . PRO A 1 36  ? -7.594  2.453   10.685  1.00 8.06  ? 76  PRO A CD  1 
ATOM   300  N N   . LYS A 1 37  ? -12.159 3.470   11.502  1.00 5.42  ? 77  LYS A N   1 
ATOM   301  C CA  . LYS A 1 37  ? -13.132 4.547   11.339  1.00 4.70  ? 77  LYS A CA  1 
ATOM   302  C C   . LYS A 1 37  ? -12.758 5.720   12.259  1.00 6.88  ? 77  LYS A C   1 
ATOM   303  O O   . LYS A 1 37  ? -12.428 5.490   13.432  1.00 2.97  ? 77  LYS A O   1 
ATOM   304  C CB  . LYS A 1 37  ? -14.546 4.080   11.659  1.00 8.75  ? 77  LYS A CB  1 
ATOM   305  C CG  . LYS A 1 37  ? -15.091 3.036   10.739  1.00 12.54 ? 77  LYS A CG  1 
ATOM   306  C CD  . LYS A 1 37  ? -16.564 2.762   11.068  1.00 29.13 ? 77  LYS A CD  1 
ATOM   307  C CE  . LYS A 1 37  ? -17.098 1.483   10.410  1.00 37.05 ? 77  LYS A CE  1 
ATOM   308  N NZ  . LYS A 1 37  ? -18.536 1.187   10.801  1.00 28.36 ? 77  LYS A NZ  1 
ATOM   309  N N   . ARG A 1 38  ? -12.855 6.975   11.773  1.00 6.83  ? 78  ARG A N   1 
ATOM   310  C CA  . ARG A 1 38  ? -12.471 8.131   12.610  1.00 9.15  ? 78  ARG A CA  1 
ATOM   311  C C   . ARG A 1 38  ? -13.226 8.157   13.925  1.00 8.56  ? 78  ARG A C   1 
ATOM   312  O O   . ARG A 1 38  ? -12.666 8.377   15.006  1.00 16.87 ? 78  ARG A O   1 
ATOM   313  C CB  . ARG A 1 38  ? -12.693 9.464   11.876  1.00 13.19 ? 78  ARG A CB  1 
ATOM   314  C CG  . ARG A 1 38  ? -11.535 9.842   11.005  1.00 14.37 ? 78  ARG A CG  1 
ATOM   315  C CD  . ARG A 1 38  ? -11.712 11.236  10.463  1.00 19.70 ? 78  ARG A CD  1 
ATOM   316  N NE  . ARG A 1 38  ? -10.593 11.573  9.597   1.00 15.71 ? 78  ARG A NE  1 
ATOM   317  C CZ  . ARG A 1 38  ? -9.420  12.052  10.018  1.00 15.63 ? 78  ARG A CZ  1 
ATOM   318  N NH1 . ARG A 1 38  ? -9.169  12.276  11.317  1.00 16.36 ? 78  ARG A NH1 1 
ATOM   319  N NH2 . ARG A 1 38  ? -8.482  12.304  9.121   1.00 20.59 ? 78  ARG A NH2 1 
ATOM   320  N N   . ARG A 1 39  ? -14.511 7.889   13.838  1.00 2.00  ? 79  ARG A N   1 
ATOM   321  C CA  . ARG A 1 39  ? -15.363 7.952   15.007  1.00 3.87  ? 79  ARG A CA  1 
ATOM   322  C C   . ARG A 1 39  ? -15.194 6.754   15.995  1.00 2.00  ? 79  ARG A C   1 
ATOM   323  O O   . ARG A 1 39  ? -15.878 6.716   17.003  1.00 2.56  ? 79  ARG A O   1 
ATOM   324  C CB  . ARG A 1 39  ? -16.835 8.049   14.593  1.00 10.15 ? 79  ARG A CB  1 
ATOM   325  C CG  . ARG A 1 39  ? -17.381 6.821   13.807  1.00 14.03 ? 79  ARG A CG  1 
ATOM   326  C CD  . ARG A 1 39  ? -18.666 7.162   13.050  1.00 28.13 ? 79  ARG A CD  1 
ATOM   327  N NE  . ARG A 1 39  ? -19.241 6.021   12.328  1.00 24.17 ? 79  ARG A NE  1 
ATOM   328  C CZ  . ARG A 1 39  ? -18.886 5.610   11.109  1.00 46.51 ? 79  ARG A CZ  1 
ATOM   329  N NH1 . ARG A 1 39  ? -17.910 6.211   10.429  1.00 31.17 ? 79  ARG A NH1 1 
ATOM   330  N NH2 . ARG A 1 39  ? -19.518 4.570   10.564  1.00 30.30 ? 79  ARG A NH2 1 
ATOM   331  N N   . ASN A 1 40  ? -14.311 5.816   15.653  1.00 2.76  ? 80  ASN A N   1 
ATOM   332  C CA  . ASN A 1 40  ? -14.111 4.601   16.501  1.00 2.00  ? 80  ASN A CA  1 
ATOM   333  C C   . ASN A 1 40  ? -12.662 4.379   16.928  1.00 2.00  ? 80  ASN A C   1 
ATOM   334  O O   . ASN A 1 40  ? -12.347 3.326   17.495  1.00 2.16  ? 80  ASN A O   1 
ATOM   335  C CB  . ASN A 1 40  ? -14.565 3.332   15.736  1.00 2.44  ? 80  ASN A CB  1 
ATOM   336  C CG  . ASN A 1 40  ? -16.060 3.250   15.528  1.00 3.92  ? 80  ASN A CG  1 
ATOM   337  O OD1 . ASN A 1 40  ? -16.841 4.086   16.029  1.00 8.23  ? 80  ASN A OD1 1 
ATOM   338  N ND2 . ASN A 1 40  ? -16.486 2.233   14.787  1.00 2.00  ? 80  ASN A ND2 1 
ATOM   339  N N   . GLN A 1 41  ? -11.761 5.324   16.681  1.00 2.00  ? 81  GLN A N   1 
ATOM   340  C CA  . GLN A 1 41  ? -10.351 5.071   17.004  1.00 2.07  ? 81  GLN A CA  1 
ATOM   341  C C   . GLN A 1 41  ? -9.615  6.367   17.271  1.00 3.59  ? 81  GLN A C   1 
ATOM   342  O O   . GLN A 1 41  ? -8.765  6.792   16.486  1.00 3.10  ? 81  GLN A O   1 
ATOM   343  C CB  . GLN A 1 41  ? -9.661  4.247   15.904  1.00 2.76  ? 81  GLN A CB  1 
ATOM   344  C CG  . GLN A 1 41  ? -8.915  3.008   16.444  1.00 2.00  ? 81  GLN A CG  1 
ATOM   345  C CD  . GLN A 1 41  ? -7.757  3.346   17.415  1.00 4.02  ? 81  GLN A CD  1 
ATOM   346  O OE1 . GLN A 1 41  ? -7.805  4.351   18.121  1.00 4.97  ? 81  GLN A OE1 1 
ATOM   347  N NE2 . GLN A 1 41  ? -6.730  2.500   17.444  1.00 4.26  ? 81  GLN A NE2 1 
ATOM   348  N N   . PRO A 1 42  ? -9.920  6.973   18.412  1.00 3.30  ? 82  PRO A N   1 
ATOM   349  C CA  . PRO A 1 42  ? -9.287  8.264   18.737  1.00 5.76  ? 82  PRO A CA  1 
ATOM   350  C C   . PRO A 1 42  ? -7.762  8.198   18.924  1.00 6.16  ? 82  PRO A C   1 
ATOM   351  O O   . PRO A 1 42  ? -7.074  9.198   18.659  1.00 6.38  ? 82  PRO A O   1 
ATOM   352  C CB  . PRO A 1 42  ? -9.983  8.671   20.021  1.00 6.45  ? 82  PRO A CB  1 
ATOM   353  C CG  . PRO A 1 42  ? -10.481 7.373   20.622  1.00 5.22  ? 82  PRO A CG  1 
ATOM   354  C CD  . PRO A 1 42  ? -10.872 6.547   19.455  1.00 2.36  ? 82  PRO A CD  1 
ATOM   355  N N   . ASP A 1 43  ? -7.219  7.046   19.312  1.00 3.23  ? 83  ASP A N   1 
ATOM   356  C CA  . ASP A 1 43  ? -5.773  6.939   19.494  1.00 5.26  ? 83  ASP A CA  1 
ATOM   357  C C   . ASP A 1 43  ? -5.032  6.913   18.168  1.00 6.50  ? 83  ASP A C   1 
ATOM   358  O O   . ASP A 1 43  ? -3.982  7.547   18.001  1.00 6.98  ? 83  ASP A O   1 
ATOM   359  C CB  . ASP A 1 43  ? -5.432  5.717   20.349  1.00 5.84  ? 83  ASP A CB  1 
ATOM   360  C CG  . ASP A 1 43  ? -6.013  5.836   21.750  1.00 10.21 ? 83  ASP A CG  1 
ATOM   361  O OD1 . ASP A 1 43  ? -6.189  6.994   22.212  1.00 13.52 ? 83  ASP A OD1 1 
ATOM   362  O OD2 . ASP A 1 43  ? -6.277  4.799   22.385  1.00 8.24  ? 83  ASP A OD2 1 
ATOM   363  N N   . TYR A 1 44  ? -5.599  6.201   17.201  1.00 4.08  ? 84  TYR A N   1 
ATOM   364  C CA  . TYR A 1 44  ? -5.040  6.154   15.876  1.00 4.49  ? 84  TYR A CA  1 
ATOM   365  C C   . TYR A 1 44  ? -5.006  7.547   15.244  1.00 5.73  ? 84  TYR A C   1 
ATOM   366  O O   . TYR A 1 44  ? -4.002  7.943   14.643  1.00 5.59  ? 84  TYR A O   1 
ATOM   367  C CB  . TYR A 1 44  ? -5.841  5.161   15.025  1.00 4.95  ? 84  TYR A CB  1 
ATOM   368  C CG  . TYR A 1 44  ? -5.354  4.950   13.637  1.00 3.92  ? 84  TYR A CG  1 
ATOM   369  C CD1 . TYR A 1 44  ? -4.385  3.988   13.355  1.00 6.27  ? 84  TYR A CD1 1 
ATOM   370  C CD2 . TYR A 1 44  ? -5.906  5.665   12.569  1.00 3.23  ? 84  TYR A CD2 1 
ATOM   371  C CE1 . TYR A 1 44  ? -3.955  3.789   12.073  1.00 4.27  ? 84  TYR A CE1 1 
ATOM   372  C CE2 . TYR A 1 44  ? -5.489  5.454   11.274  1.00 5.71  ? 84  TYR A CE2 1 
ATOM   373  C CZ  . TYR A 1 44  ? -4.527  4.531   11.023  1.00 6.90  ? 84  TYR A CZ  1 
ATOM   374  O OH  . TYR A 1 44  ? -4.102  4.313   9.738   1.00 7.29  ? 84  TYR A OH  1 
ATOM   375  N N   . TYR A 1 45  ? -6.093  8.290   15.404  1.00 5.17  ? 85  TYR A N   1 
ATOM   376  C CA  . TYR A 1 45  ? -6.248  9.595   14.725  1.00 8.73  ? 85  TYR A CA  1 
ATOM   377  C C   . TYR A 1 45  ? -5.561  10.736  15.482  1.00 7.72  ? 85  TYR A C   1 
ATOM   378  O O   . TYR A 1 45  ? -5.512  11.876  15.002  1.00 9.01  ? 85  TYR A O   1 
ATOM   379  C CB  . TYR A 1 45  ? -7.737  9.836   14.369  1.00 6.07  ? 85  TYR A CB  1 
ATOM   380  C CG  . TYR A 1 45  ? -8.122  9.008   13.182  1.00 5.21  ? 85  TYR A CG  1 
ATOM   381  C CD1 . TYR A 1 45  ? -8.903  7.862   13.339  1.00 6.22  ? 85  TYR A CD1 1 
ATOM   382  C CD2 . TYR A 1 45  ? -7.601  9.278   11.921  1.00 10.75 ? 85  TYR A CD2 1 
ATOM   383  C CE1 . TYR A 1 45  ? -9.207  7.059   12.279  1.00 6.07  ? 85  TYR A CE1 1 
ATOM   384  C CE2 . TYR A 1 45  ? -7.881  8.468   10.836  1.00 9.31  ? 85  TYR A CE2 1 
ATOM   385  C CZ  . TYR A 1 45  ? -8.720  7.372   11.016  1.00 7.94  ? 85  TYR A CZ  1 
ATOM   386  O OH  . TYR A 1 45  ? -9.012  6.542   9.955   1.00 9.18  ? 85  TYR A OH  1 
ATOM   387  N N   . GLU A 1 46  ? -4.987  10.420  16.650  1.00 6.18  ? 86  GLU A N   1 
ATOM   388  C CA  . GLU A 1 46  ? -4.013  11.327  17.307  1.00 6.67  ? 86  GLU A CA  1 
ATOM   389  C C   . GLU A 1 46  ? -2.690  11.373  16.507  1.00 9.88  ? 86  GLU A C   1 
ATOM   390  O O   . GLU A 1 46  ? -1.994  12.399  16.527  1.00 7.74  ? 86  GLU A O   1 
ATOM   391  C CB  . GLU A 1 46  ? -3.787  10.948  18.775  1.00 12.58 ? 86  GLU A CB  1 
ATOM   392  C CG  . GLU A 1 46  ? -4.954  11.355  19.662  1.00 23.66 ? 86  GLU A CG  1 
ATOM   393  C CD  . GLU A 1 46  ? -4.694  11.197  21.173  1.00 46.45 ? 86  GLU A CD  1 
ATOM   394  O OE1 . GLU A 1 46  ? -3.617  10.689  21.568  1.00 50.40 ? 86  GLU A OE1 1 
ATOM   395  O OE2 . GLU A 1 46  ? -5.590  11.581  21.963  1.00 43.24 ? 86  GLU A OE2 1 
ATOM   396  N N   . VAL A 1 47  ? -2.372  10.307  15.770  1.00 8.35  ? 87  VAL A N   1 
ATOM   397  C CA  . VAL A 1 47  ? -1.077  10.228  15.060  1.00 8.39  ? 87  VAL A CA  1 
ATOM   398  C C   . VAL A 1 47  ? -1.172  10.103  13.552  1.00 10.86 ? 87  VAL A C   1 
ATOM   399  O O   . VAL A 1 47  ? -0.151  10.196  12.850  1.00 13.97 ? 87  VAL A O   1 
ATOM   400  C CB  . VAL A 1 47  ? -0.147  9.107   15.654  1.00 8.17  ? 87  VAL A CB  1 
ATOM   401  C CG1 . VAL A 1 47  ? 0.161   9.406   17.125  1.00 10.69 ? 87  VAL A CG1 1 
ATOM   402  C CG2 . VAL A 1 47  ? -0.749  7.725   15.485  1.00 10.93 ? 87  VAL A CG2 1 
ATOM   403  N N   . VAL A 1 48  ? -2.384  9.874   13.049  1.00 8.35  ? 88  VAL A N   1 
ATOM   404  C CA  . VAL A 1 48  ? -2.634  9.757   11.608  1.00 7.38  ? 88  VAL A CA  1 
ATOM   405  C C   . VAL A 1 48  ? -3.597  10.873  11.190  1.00 8.33  ? 88  VAL A C   1 
ATOM   406  O O   . VAL A 1 48  ? -4.662  11.018  11.762  1.00 10.17 ? 88  VAL A O   1 
ATOM   407  C CB  . VAL A 1 48  ? -3.184  8.376   11.252  1.00 5.32  ? 88  VAL A CB  1 
ATOM   408  C CG1 . VAL A 1 48  ? -3.710  8.370   9.780   1.00 6.14  ? 88  VAL A CG1 1 
ATOM   409  C CG2 . VAL A 1 48  ? -2.072  7.290   11.473  1.00 6.74  ? 88  VAL A CG2 1 
ATOM   410  N N   . SER A 1 49  ? -3.205  11.712  10.227  1.00 8.28  ? 89  SER A N   1 
ATOM   411  C CA  . SER A 1 49  ? -4.117  12.768  9.800   1.00 10.12 ? 89  SER A CA  1 
ATOM   412  C C   . SER A 1 49  ? -4.878  12.464  8.521   1.00 8.82  ? 89  SER A C   1 
ATOM   413  O O   . SER A 1 49  ? -5.973  12.983  8.335   1.00 10.59 ? 89  SER A O   1 
ATOM   414  C CB  . SER A 1 49  ? -3.409  14.120  9.711   1.00 15.88 ? 89  SER A CB  1 
ATOM   415  O OG  . SER A 1 49  ? -2.313  13.988  8.866   1.00 16.53 ? 89  SER A OG  1 
ATOM   416  N N   . GLN A 1 50  ? -4.319  11.641  7.633   1.00 8.15  ? 90  GLN A N   1 
ATOM   417  C CA  . GLN A 1 50  ? -4.994  11.321  6.382   1.00 5.70  ? 90  GLN A CA  1 
ATOM   418  C C   . GLN A 1 50  ? -5.039  9.820   6.144   1.00 7.64  ? 90  GLN A C   1 
ATOM   419  O O   . GLN A 1 50  ? -4.112  9.246   5.581   1.00 10.04 ? 90  GLN A O   1 
ATOM   420  C CB  A GLN A 1 50  ? -4.357  12.035  5.196   0.50 10.55 ? 90  GLN A CB  1 
ATOM   421  C CB  B GLN A 1 50  ? -4.266  11.979  5.210   0.50 10.74 ? 90  GLN A CB  1 
ATOM   422  C CG  A GLN A 1 50  ? -5.094  11.772  3.888   0.50 13.50 ? 90  GLN A CG  1 
ATOM   423  C CG  B GLN A 1 50  ? -4.291  13.475  5.231   0.50 11.94 ? 90  GLN A CG  1 
ATOM   424  C CD  A GLN A 1 50  ? -6.608  11.963  3.993   0.50 16.68 ? 90  GLN A CD  1 
ATOM   425  C CD  B GLN A 1 50  ? -3.289  14.080  4.291   0.50 23.89 ? 90  GLN A CD  1 
ATOM   426  O OE1 A GLN A 1 50  ? -7.393  11.007  3.856   0.50 14.69 ? 90  GLN A OE1 1 
ATOM   427  O OE1 B GLN A 1 50  ? -2.114  13.702  4.279   0.50 19.20 ? 90  GLN A OE1 1 
ATOM   428  N NE2 A GLN A 1 50  ? -7.020  13.190  4.265   0.50 15.78 ? 90  GLN A NE2 1 
ATOM   429  N NE2 B GLN A 1 50  ? -3.743  15.038  3.498   0.50 19.70 ? 90  GLN A NE2 1 
ATOM   430  N N   . PRO A 1 51  ? -6.148  9.184   6.515   1.00 7.60  ? 91  PRO A N   1 
ATOM   431  C CA  . PRO A 1 51  ? -6.212  7.744   6.374   1.00 6.86  ? 91  PRO A CA  1 
ATOM   432  C C   . PRO A 1 51  ? -6.388  7.308   4.939   1.00 7.19  ? 91  PRO A C   1 
ATOM   433  O O   . PRO A 1 51  ? -6.982  8.028   4.094   1.00 8.50  ? 91  PRO A O   1 
ATOM   434  C CB  . PRO A 1 51  ? -7.454  7.367   7.178   1.00 8.13  ? 91  PRO A CB  1 
ATOM   435  C CG  . PRO A 1 51  ? -8.330  8.562   7.071   1.00 10.32 ? 91  PRO A CG  1 
ATOM   436  C CD  . PRO A 1 51  ? -7.393  9.732   7.066   1.00 8.23  ? 91  PRO A CD  1 
ATOM   437  N N   . ILE A 1 52  ? -5.898  6.097   4.707   1.00 5.65  ? 92  ILE A N   1 
ATOM   438  C CA  . ILE A 1 52  ? -6.043  5.453   3.392   1.00 6.38  ? 92  ILE A CA  1 
ATOM   439  C C   . ILE A 1 52  ? -6.012  3.948   3.612   1.00 8.68  ? 92  ILE A C   1 
ATOM   440  O O   . ILE A 1 52  ? -5.492  3.460   4.626   1.00 6.32  ? 92  ILE A O   1 
ATOM   441  C CB  . ILE A 1 52  ? -4.976  5.977   2.414   1.00 6.11  ? 92  ILE A CB  1 
ATOM   442  C CG1 . ILE A 1 52  ? -5.326  5.599   0.963   1.00 9.14  ? 92  ILE A CG1 1 
ATOM   443  C CG2 . ILE A 1 52  ? -3.544  5.460   2.788   1.00 4.82  ? 92  ILE A CG2 1 
ATOM   444  C CD1 . ILE A 1 52  ? -4.485  6.325   -0.099  1.00 9.59  ? 92  ILE A CD1 1 
ATOM   445  N N   . ASP A 1 53  ? -6.583  3.197   2.683   1.00 6.41  ? 93  ASP A N   1 
ATOM   446  C CA  . ASP A 1 53  ? -6.582  1.761   2.788   1.00 6.74  ? 93  ASP A CA  1 
ATOM   447  C C   . ASP A 1 53  ? -6.706  1.154   1.380   1.00 5.58  ? 93  ASP A C   1 
ATOM   448  O O   . ASP A 1 53  ? -6.829  1.887   0.367   1.00 5.67  ? 93  ASP A O   1 
ATOM   449  C CB  . ASP A 1 53  ? -7.709  1.272   3.735   1.00 8.50  ? 93  ASP A CB  1 
ATOM   450  C CG  . ASP A 1 53  ? -9.083  1.839   3.399   1.00 9.89  ? 93  ASP A CG  1 
ATOM   451  O OD1 . ASP A 1 53  ? -9.438  2.003   2.202   1.00 9.45  ? 93  ASP A OD1 1 
ATOM   452  O OD2 . ASP A 1 53  ? -9.898  2.048   4.334   1.00 9.04  ? 93  ASP A OD2 1 
ATOM   453  N N   . LEU A 1 54  ? -6.697  -0.176  1.310   1.00 7.27  ? 94  LEU A N   1 
ATOM   454  C CA  . LEU A 1 54  ? -6.774  -0.823  0.010   1.00 6.59  ? 94  LEU A CA  1 
ATOM   455  C C   . LEU A 1 54  ? -8.130  -0.701  -0.652  1.00 7.15  ? 94  LEU A C   1 
ATOM   456  O O   . LEU A 1 54  ? -8.214  -0.746  -1.899  1.00 9.33  ? 94  LEU A O   1 
ATOM   457  C CB  . LEU A 1 54  ? -6.357  -2.275  0.069   1.00 7.49  ? 94  LEU A CB  1 
ATOM   458  C CG  . LEU A 1 54  ? -4.932  -2.531  0.418   1.00 13.67 ? 94  LEU A CG  1 
ATOM   459  C CD1 . LEU A 1 54  ? -4.745  -4.025  0.579   1.00 13.08 ? 94  LEU A CD1 1 
ATOM   460  C CD2 . LEU A 1 54  ? -3.913  -1.971  -0.622  1.00 11.25 ? 94  LEU A CD2 1 
ATOM   461  N N   . MET A 1 55  ? -9.196  -0.525  0.132   1.00 8.34  ? 95  MET A N   1 
ATOM   462  C CA  . MET A 1 55  ? -10.504 -0.244  -0.447  1.00 8.22  ? 95  MET A CA  1 
ATOM   463  C C   . MET A 1 55  ? -10.458 1.045   -1.250  1.00 7.03  ? 95  MET A C   1 
ATOM   464  O O   . MET A 1 55  ? -10.957 1.102   -2.375  1.00 8.04  ? 95  MET A O   1 
ATOM   465  C CB  A MET A 1 55  ? -11.589 -0.135  0.635   0.50 8.67  ? 95  MET A CB  1 
ATOM   466  C CB  B MET A 1 55  ? -11.590 -0.214  0.624   0.50 8.59  ? 95  MET A CB  1 
ATOM   467  C CG  A MET A 1 55  ? -11.894 -1.441  1.354   0.50 16.86 ? 95  MET A CG  1 
ATOM   468  C CG  B MET A 1 55  ? -11.923 -1.610  1.126   0.50 15.90 ? 95  MET A CG  1 
ATOM   469  S SD  A MET A 1 55  ? -12.485 -2.736  0.256   0.50 21.44 ? 95  MET A SD  1 
ATOM   470  S SD  B MET A 1 55  ? -13.198 -1.601  2.381   0.50 16.36 ? 95  MET A SD  1 
ATOM   471  C CE  A MET A 1 55  ? -13.981 -1.995  -0.414  0.50 18.05 ? 95  MET A CE  1 
ATOM   472  C CE  B MET A 1 55  ? -14.610 -1.010  1.450   0.50 20.83 ? 95  MET A CE  1 
ATOM   473  N N   . LYS A 1 56  ? -9.816  2.068   -0.685  1.00 4.77  ? 96  LYS A N   1 
ATOM   474  C CA  . LYS A 1 56  ? -9.705  3.366   -1.364  1.00 5.32  ? 96  LYS A CA  1 
ATOM   475  C C   . LYS A 1 56  ? -8.816  3.271   -2.586  1.00 4.84  ? 96  LYS A C   1 
ATOM   476  O O   . LYS A 1 56  ? -9.166  3.804   -3.621  1.00 6.05  ? 96  LYS A O   1 
ATOM   477  C CB  . LYS A 1 56  ? -9.173  4.441   -0.412  1.00 5.04  ? 96  LYS A CB  1 
ATOM   478  C CG  . LYS A 1 56  ? -8.965  5.823   -1.035  1.00 15.70 ? 96  LYS A CG  1 
ATOM   479  C CD  . LYS A 1 56  ? -10.240 6.675   -1.036  1.00 33.02 ? 96  LYS A CD  1 
ATOM   480  C CE  . LYS A 1 56  ? -10.405 7.424   -2.348  1.00 33.26 ? 96  LYS A CE  1 
ATOM   481  N NZ  . LYS A 1 56  ? -10.848 6.442   -3.400  1.00 23.50 ? 96  LYS A NZ  1 
ATOM   482  N N   . ILE A 1 57  ? -7.694  2.596   -2.472  1.00 5.53  ? 97  ILE A N   1 
ATOM   483  C CA  . ILE A 1 57  ? -6.739  2.467   -3.569  1.00 6.52  ? 97  ILE A CA  1 
ATOM   484  C C   . ILE A 1 57  ? -7.369  1.654   -4.706  1.00 4.15  ? 97  ILE A C   1 
ATOM   485  O O   . ILE A 1 57  ? -7.296  2.015   -5.876  1.00 3.36  ? 97  ILE A O   1 
ATOM   486  C CB  . ILE A 1 57  ? -5.436  1.855   -3.082  1.00 7.36  ? 97  ILE A CB  1 
ATOM   487  C CG1 . ILE A 1 57  ? -4.652  2.895   -2.243  1.00 5.86  ? 97  ILE A CG1 1 
ATOM   488  C CG2 . ILE A 1 57  ? -4.543  1.454   -4.229  1.00 5.96  ? 97  ILE A CG2 1 
ATOM   489  C CD1 . ILE A 1 57  ? -3.397  2.373   -1.516  1.00 7.51  ? 97  ILE A CD1 1 
ATOM   490  N N   . GLN A 1 58  ? -8.073  0.579   -4.361  1.00 3.89  ? 98  GLN A N   1 
ATOM   491  C CA  . GLN A 1 58  ? -8.783  -0.186  -5.382  1.00 3.97  ? 98  GLN A CA  1 
ATOM   492  C C   . GLN A 1 58  ? -9.848  0.661   -6.108  1.00 3.82  ? 98  GLN A C   1 
ATOM   493  O O   . GLN A 1 58  ? -9.987  0.589   -7.314  1.00 5.08  ? 98  GLN A O   1 
ATOM   494  C CB  . GLN A 1 58  ? -9.418  -1.443  -4.767  1.00 6.37  ? 98  GLN A CB  1 
ATOM   495  C CG  . GLN A 1 58  ? -9.994  -2.386  -5.814  1.00 9.07  ? 98  GLN A CG  1 
ATOM   496  C CD  . GLN A 1 58  ? -11.399 -2.689  -5.530  1.00 23.31 ? 98  GLN A CD  1 
ATOM   497  O OE1 . GLN A 1 58  ? -12.286 -2.092  -6.127  1.00 48.45 ? 98  GLN A OE1 1 
ATOM   498  N NE2 . GLN A 1 58  ? -11.644 -3.579  -4.555  1.00 26.30 ? 98  GLN A NE2 1 
ATOM   499  N N   . GLN A 1 59  ? -10.589 1.486   -5.372  1.00 3.55  ? 99  GLN A N   1 
ATOM   500  C CA  . GLN A 1 59  ? -11.584 2.366   -5.978  1.00 2.00  ? 99  GLN A CA  1 
ATOM   501  C C   . GLN A 1 59  ? -10.914 3.369   -6.942  1.00 3.44  ? 99  GLN A C   1 
ATOM   502  O O   . GLN A 1 59  ? -11.412 3.611   -8.040  1.00 5.76  ? 99  GLN A O   1 
ATOM   503  C CB  . GLN A 1 59  ? -12.403 3.085   -4.905  1.00 4.88  ? 99  GLN A CB  1 
ATOM   504  C CG  . GLN A 1 59  ? -13.328 4.210   -5.395  1.00 9.85  ? 99  GLN A CG  1 
ATOM   505  C CD  . GLN A 1 59  ? -14.027 4.960   -4.245  1.00 39.70 ? 99  GLN A CD  1 
ATOM   506  O OE1 . GLN A 1 59  ? -13.404 5.295   -3.221  1.00 41.34 ? 99  GLN A OE1 1 
ATOM   507  N NE2 . GLN A 1 59  ? -15.322 5.242   -4.421  1.00 33.74 ? 99  GLN A NE2 1 
ATOM   508  N N   . LYS A 1 60  ? -9.808  3.969   -6.512  1.00 2.00  ? 100 LYS A N   1 
ATOM   509  C CA  . LYS A 1 60  ? -9.090  4.890   -7.403  1.00 3.54  ? 100 LYS A CA  1 
ATOM   510  C C   . LYS A 1 60  ? -8.582  4.172   -8.660  1.00 3.24  ? 100 LYS A C   1 
ATOM   511  O O   . LYS A 1 60  ? -8.588  4.732   -9.760  1.00 6.57  ? 100 LYS A O   1 
ATOM   512  C CB  . LYS A 1 60  ? -7.937  5.575   -6.674  1.00 3.73  ? 100 LYS A CB  1 
ATOM   513  C CG  . LYS A 1 60  ? -8.426  6.553   -5.611  1.00 6.97  ? 100 LYS A CG  1 
ATOM   514  C CD  . LYS A 1 60  ? -7.265  7.194   -4.844  1.00 5.92  ? 100 LYS A CD  1 
ATOM   515  C CE  . LYS A 1 60  ? -6.413  8.073   -5.712  1.00 12.76 ? 100 LYS A CE  1 
ATOM   516  N NZ  . LYS A 1 60  ? -5.507  8.953   -4.903  1.00 14.78 ? 100 LYS A NZ  1 
ATOM   517  N N   . LEU A 1 61  ? -8.105  2.948   -8.494  1.00 3.93  ? 101 LEU A N   1 
ATOM   518  C CA  . LEU A 1 61  ? -7.599  2.145   -9.612  1.00 9.55  ? 101 LEU A CA  1 
ATOM   519  C C   . LEU A 1 61  ? -8.729  1.888   -10.611 1.00 9.74  ? 101 LEU A C   1 
ATOM   520  O O   . LEU A 1 61  ? -8.566  2.080   -11.849 1.00 8.32  ? 101 LEU A O   1 
ATOM   521  C CB  . LEU A 1 61  ? -6.980  0.838   -9.081  1.00 7.82  ? 101 LEU A CB  1 
ATOM   522  C CG  . LEU A 1 61  ? -6.346  -0.111  -10.098 1.00 14.66 ? 101 LEU A CG  1 
ATOM   523  C CD1 . LEU A 1 61  ? -5.050  0.536   -10.587 1.00 10.83 ? 101 LEU A CD1 1 
ATOM   524  C CD2 . LEU A 1 61  ? -6.095  -1.508  -9.473  1.00 14.84 ? 101 LEU A CD2 1 
ATOM   525  N N   . LYS A 1 62  ? -9.884  1.535   -10.085 1.00 7.04  ? 102 LYS A N   1 
ATOM   526  C CA  . LYS A 1 62  ? -11.045 1.318   -10.935 1.00 7.51  ? 102 LYS A CA  1 
ATOM   527  C C   . LYS A 1 62  ? -11.500 2.561   -11.686 1.00 8.81  ? 102 LYS A C   1 
ATOM   528  O O   . LYS A 1 62  ? -11.978 2.453   -12.781 1.00 10.29 ? 102 LYS A O   1 
ATOM   529  C CB  . LYS A 1 62  ? -12.212 0.790   -10.136 1.00 6.03  ? 102 LYS A CB  1 
ATOM   530  C CG  . LYS A 1 62  ? -12.226 -0.646  -10.071 1.00 28.56 ? 102 LYS A CG  1 
ATOM   531  C CD  . LYS A 1 62  ? -13.484 -1.174  -9.370  1.00 42.80 ? 102 LYS A CD  1 
ATOM   532  C CE  . LYS A 1 62  ? -14.114 -0.201  -8.367  1.00 50.76 ? 102 LYS A CE  1 
ATOM   533  N NZ  . LYS A 1 62  ? -15.503 0.266   -8.673  1.00 48.06 ? 102 LYS A NZ  1 
ATOM   534  N N   . MET A 1 63  ? -11.400 3.705   -11.048 1.00 8.67  ? 103 MET A N   1 
ATOM   535  C CA  . MET A 1 63  ? -11.756 5.020   -11.607 1.00 9.11  ? 103 MET A CA  1 
ATOM   536  C C   . MET A 1 63  ? -10.653 5.552   -12.544 1.00 6.81  ? 103 MET A C   1 
ATOM   537  O O   . MET A 1 63  ? -10.758 6.668   -13.060 1.00 11.12 ? 103 MET A O   1 
ATOM   538  C CB  A MET A 1 63  ? -11.971 6.057   -10.486 0.50 10.36 ? 103 MET A CB  1 
ATOM   539  C CB  B MET A 1 63  ? -12.078 6.019   -10.489 0.50 9.29  ? 103 MET A CB  1 
ATOM   540  C CG  A MET A 1 63  ? -13.230 5.922   -9.650  0.50 14.13 ? 103 MET A CG  1 
ATOM   541  C CG  B MET A 1 63  ? -13.330 5.674   -9.688  0.50 16.29 ? 103 MET A CG  1 
ATOM   542  S SD  A MET A 1 63  ? -13.219 7.068   -8.243  0.50 23.66 ? 103 MET A SD  1 
ATOM   543  S SD  B MET A 1 63  ? -14.843 5.664   -10.675 0.50 20.68 ? 103 MET A SD  1 
ATOM   544  C CE  A MET A 1 63  ? -13.277 8.673   -9.046  0.50 13.41 ? 103 MET A CE  1 
ATOM   545  C CE  B MET A 1 63  ? -15.884 4.587   -9.683  0.50 25.10 ? 103 MET A CE  1 
ATOM   546  N N   . GLU A 1 64  ? -9.625  4.745   -12.780 1.00 5.65  ? 104 GLU A N   1 
ATOM   547  C CA  . GLU A 1 64  ? -8.518  5.050   -13.698 1.00 10.22 ? 104 GLU A CA  1 
ATOM   548  C C   . GLU A 1 64  ? -7.664  6.279   -13.294 1.00 10.19 ? 104 GLU A C   1 
ATOM   549  O O   . GLU A 1 64  ? -7.088  6.979   -14.144 1.00 11.14 ? 104 GLU A O   1 
ATOM   550  C CB  . GLU A 1 64  ? -9.035  5.104   -15.137 1.00 14.42 ? 104 GLU A CB  1 
ATOM   551  C CG  . GLU A 1 64  ? -9.880  3.860   -15.441 1.00 15.42 ? 104 GLU A CG  1 
ATOM   552  C CD  . GLU A 1 64  ? -10.546 3.828   -16.797 1.00 31.78 ? 104 GLU A CD  1 
ATOM   553  O OE1 . GLU A 1 64  ? -11.514 4.597   -17.040 1.00 19.23 ? 104 GLU A OE1 1 
ATOM   554  O OE2 . GLU A 1 64  ? -10.131 2.962   -17.591 1.00 29.46 ? 104 GLU A OE2 1 
ATOM   555  N N   . GLU A 1 65  ? -7.542  6.491   -11.984 1.00 7.98  ? 105 GLU A N   1 
ATOM   556  C CA  . GLU A 1 65  ? -6.800  7.621   -11.459 1.00 7.94  ? 105 GLU A CA  1 
ATOM   557  C C   . GLU A 1 65  ? -5.296  7.419   -11.444 1.00 9.09  ? 105 GLU A C   1 
ATOM   558  O O   . GLU A 1 65  ? -4.535  8.393   -11.347 1.00 10.01 ? 105 GLU A O   1 
ATOM   559  C CB  . GLU A 1 65  ? -7.298  7.969   -10.075 1.00 9.87  ? 105 GLU A CB  1 
ATOM   560  C CG  . GLU A 1 65  ? -8.785  8.203   -10.105 1.00 17.99 ? 105 GLU A CG  1 
ATOM   561  C CD  . GLU A 1 65  ? -9.224  9.339   -9.240  1.00 27.23 ? 105 GLU A CD  1 
ATOM   562  O OE1 . GLU A 1 65  ? -10.117 10.072  -9.691  1.00 31.40 ? 105 GLU A OE1 1 
ATOM   563  O OE2 . GLU A 1 65  ? -8.687  9.494   -8.117  1.00 31.41 ? 105 GLU A OE2 1 
ATOM   564  N N   . TYR A 1 66  ? -4.846  6.171   -11.530 1.00 5.11  ? 106 TYR A N   1 
ATOM   565  C CA  . TYR A 1 66  ? -3.413  5.902   -11.465 1.00 7.48  ? 106 TYR A CA  1 
ATOM   566  C C   . TYR A 1 66  ? -2.788  5.834   -12.869 1.00 8.83  ? 106 TYR A C   1 
ATOM   567  O O   . TYR A 1 66  ? -2.366  4.761   -13.361 1.00 8.46  ? 106 TYR A O   1 
ATOM   568  C CB  . TYR A 1 66  ? -3.124  4.651   -10.674 1.00 7.69  ? 106 TYR A CB  1 
ATOM   569  C CG  . TYR A 1 66  ? -3.509  4.760   -9.202  1.00 5.54  ? 106 TYR A CG  1 
ATOM   570  C CD1 . TYR A 1 66  ? -2.983  5.760   -8.387  1.00 8.04  ? 106 TYR A CD1 1 
ATOM   571  C CD2 . TYR A 1 66  ? -4.395  3.846   -8.626  1.00 5.75  ? 106 TYR A CD2 1 
ATOM   572  C CE1 . TYR A 1 66  ? -3.343  5.839   -7.038  1.00 5.23  ? 106 TYR A CE1 1 
ATOM   573  C CE2 . TYR A 1 66  ? -4.738  3.920   -7.314  1.00 6.94  ? 106 TYR A CE2 1 
ATOM   574  C CZ  . TYR A 1 66  ? -4.213  4.899   -6.508  1.00 7.92  ? 106 TYR A CZ  1 
ATOM   575  O OH  . TYR A 1 66  ? -4.579  4.965   -5.182  1.00 6.67  ? 106 TYR A OH  1 
ATOM   576  N N   . ASP A 1 67  ? -2.632  7.002   -13.466 1.00 5.31  ? 107 ASP A N   1 
ATOM   577  C CA  . ASP A 1 67  ? -1.979  7.100   -14.800 1.00 6.04  ? 107 ASP A CA  1 
ATOM   578  C C   . ASP A 1 67  ? -0.527  7.661   -14.742 1.00 2.79  ? 107 ASP A C   1 
ATOM   579  O O   . ASP A 1 67  ? 0.046   8.075   -15.756 1.00 3.77  ? 107 ASP A O   1 
ATOM   580  C CB  . ASP A 1 67  ? -2.845  7.886   -15.771 1.00 6.73  ? 107 ASP A CB  1 
ATOM   581  C CG  . ASP A 1 67  ? -2.983  9.350   -15.404 1.00 10.77 ? 107 ASP A CG  1 
ATOM   582  O OD1 . ASP A 1 67  ? -2.592  9.770   -14.287 1.00 8.11  ? 107 ASP A OD1 1 
ATOM   583  O OD2 . ASP A 1 67  ? -3.483  10.082  -16.257 1.00 12.00 ? 107 ASP A OD2 1 
ATOM   584  N N   . ASP A 1 68  ? 0.020   7.596   -13.533 1.00 6.26  ? 108 ASP A N   1 
ATOM   585  C CA  . ASP A 1 68  ? 1.382   8.040   -13.216 1.00 5.31  ? 108 ASP A CA  1 
ATOM   586  C C   . ASP A 1 68  ? 1.780   7.153   -12.055 1.00 4.54  ? 108 ASP A C   1 
ATOM   587  O O   . ASP A 1 68  ? 1.067   7.097   -11.035 1.00 6.91  ? 108 ASP A O   1 
ATOM   588  C CB  . ASP A 1 68  ? 1.325   9.516   -12.849 1.00 5.75  ? 108 ASP A CB  1 
ATOM   589  C CG  . ASP A 1 68  ? 2.672   10.102  -12.370 1.00 12.05 ? 108 ASP A CG  1 
ATOM   590  O OD1 . ASP A 1 68  ? 3.682   9.385   -12.224 1.00 11.32 ? 108 ASP A OD1 1 
ATOM   591  O OD2 . ASP A 1 68  ? 2.690   11.333  -12.152 1.00 15.34 ? 108 ASP A OD2 1 
ATOM   592  N N   . VAL A 1 69  ? 2.862   6.388   -12.207 1.00 4.49  ? 109 VAL A N   1 
ATOM   593  C CA  . VAL A 1 69  ? 3.297   5.460   -11.149 1.00 6.04  ? 109 VAL A CA  1 
ATOM   594  C C   . VAL A 1 69  ? 3.561   6.235   -9.842  1.00 6.04  ? 109 VAL A C   1 
ATOM   595  O O   . VAL A 1 69  ? 3.307   5.710   -8.747  1.00 5.83  ? 109 VAL A O   1 
ATOM   596  C CB  . VAL A 1 69  ? 4.525   4.636   -11.614 1.00 6.63  ? 109 VAL A CB  1 
ATOM   597  C CG1 . VAL A 1 69  ? 5.012   3.686   -10.543 1.00 7.06  ? 109 VAL A CG1 1 
ATOM   598  C CG2 . VAL A 1 69  ? 4.193   3.809   -12.885 1.00 7.69  ? 109 VAL A CG2 1 
ATOM   599  N N   . ASN A 1 70  ? 4.049   7.466   -9.943  1.00 5.92  ? 110 ASN A N   1 
ATOM   600  C CA  . ASN A 1 70  ? 4.276   8.298   -8.739  1.00 6.23  ? 110 ASN A CA  1 
ATOM   601  C C   . ASN A 1 70  ? 3.024   8.494   -7.852  1.00 4.34  ? 110 ASN A C   1 
ATOM   602  O O   . ASN A 1 70  ? 3.128   8.618   -6.634  1.00 5.98  ? 110 ASN A O   1 
ATOM   603  C CB  . ASN A 1 70  ? 4.828   9.668   -9.123  1.00 7.70  ? 110 ASN A CB  1 
ATOM   604  C CG  . ASN A 1 70  ? 6.168   9.573   -9.789  1.00 20.40 ? 110 ASN A CG  1 
ATOM   605  O OD1 . ASN A 1 70  ? 7.119   9.094   -9.186  1.00 18.26 ? 110 ASN A OD1 1 
ATOM   606  N ND2 . ASN A 1 70  ? 6.250   9.991   -11.053 1.00 27.46 ? 110 ASN A ND2 1 
ATOM   607  N N   . LEU A 1 71  ? 1.864   8.566   -8.480  1.00 5.44  ? 111 LEU A N   1 
ATOM   608  C CA  . LEU A 1 71  ? 0.615   8.699   -7.722  1.00 5.39  ? 111 LEU A CA  1 
ATOM   609  C C   . LEU A 1 71  ? 0.337   7.452   -6.912  1.00 6.04  ? 111 LEU A C   1 
ATOM   610  O O   . LEU A 1 71  ? -0.078  7.552   -5.759  1.00 5.60  ? 111 LEU A O   1 
ATOM   611  C CB  . LEU A 1 71  ? -0.554  9.008   -8.669  1.00 5.60  ? 111 LEU A CB  1 
ATOM   612  C CG  . LEU A 1 71  ? -0.504  10.280  -9.445  1.00 5.18  ? 111 LEU A CG  1 
ATOM   613  C CD1 . LEU A 1 71  ? -1.687  10.321  -10.513 1.00 4.52  ? 111 LEU A CD1 1 
ATOM   614  C CD2 . LEU A 1 71  ? -0.546  11.483  -8.467  1.00 7.07  ? 111 LEU A CD2 1 
ATOM   615  N N   . LEU A 1 72  ? 0.521   6.250   -7.488  1.00 4.66  ? 112 LEU A N   1 
ATOM   616  C CA  . LEU A 1 72  ? 0.292   5.017   -6.739  1.00 6.15  ? 112 LEU A CA  1 
ATOM   617  C C   . LEU A 1 72  ? 1.332   4.895   -5.612  1.00 6.60  ? 112 LEU A C   1 
ATOM   618  O O   . LEU A 1 72  ? 1.015   4.523   -4.471  1.00 6.84  ? 112 LEU A O   1 
ATOM   619  C CB  . LEU A 1 72  ? 0.354   3.781   -7.619  1.00 7.57  ? 112 LEU A CB  1 
ATOM   620  C CG  . LEU A 1 72  ? -0.029  2.485   -6.922  1.00 6.65  ? 112 LEU A CG  1 
ATOM   621  C CD1 . LEU A 1 72  ? -1.436  2.609   -6.285  1.00 7.78  ? 112 LEU A CD1 1 
ATOM   622  C CD2 . LEU A 1 72  ? 0.080   1.322   -7.928  1.00 8.52  ? 112 LEU A CD2 1 
ATOM   623  N N   . THR A 1 73  ? 2.567   5.264   -5.931  1.00 7.01  ? 113 THR A N   1 
ATOM   624  C CA  . THR A 1 73  ? 3.645   5.230   -4.943  1.00 6.74  ? 113 THR A CA  1 
ATOM   625  C C   . THR A 1 73  ? 3.308   6.081   -3.724  1.00 7.31  ? 113 THR A C   1 
ATOM   626  O O   . THR A 1 73  ? 3.507   5.645   -2.567  1.00 8.69  ? 113 THR A O   1 
ATOM   627  C CB  . THR A 1 73  ? 4.967   5.630   -5.572  1.00 7.16  ? 113 THR A CB  1 
ATOM   628  O OG1 . THR A 1 73  ? 5.269   4.664   -6.588  1.00 6.36  ? 113 THR A OG1 1 
ATOM   629  C CG2 . THR A 1 73  ? 6.116   5.661   -4.532  1.00 8.38  ? 113 THR A CG2 1 
ATOM   630  N N   . ALA A 1 74  ? 2.813   7.284   -3.980  1.00 6.09  ? 114 ALA A N   1 
ATOM   631  C CA  . ALA A 1 74  ? 2.466   8.204   -2.900  1.00 5.42  ? 114 ALA A CA  1 
ATOM   632  C C   . ALA A 1 74  ? 1.361   7.619   -2.034  1.00 6.14  ? 114 ALA A C   1 
ATOM   633  O O   . ALA A 1 74  ? 1.372   7.808   -0.810  1.00 7.28  ? 114 ALA A O   1 
ATOM   634  C CB  . ALA A 1 74  ? 2.054   9.540   -3.438  1.00 5.45  ? 114 ALA A CB  1 
ATOM   635  N N   . ASP A 1 75  ? 0.366   6.992   -2.650  1.00 5.10  ? 115 ASP A N   1 
ATOM   636  C CA  . ASP A 1 75  ? -0.711  6.383   -1.872  1.00 7.71  ? 115 ASP A CA  1 
ATOM   637  C C   . ASP A 1 75  ? -0.243  5.218   -1.018  1.00 6.92  ? 115 ASP A C   1 
ATOM   638  O O   . ASP A 1 75  ? -0.679  5.081   0.136   1.00 7.61  ? 115 ASP A O   1 
ATOM   639  C CB  . ASP A 1 75  ? -1.914  6.003   -2.748  1.00 7.08  ? 115 ASP A CB  1 
ATOM   640  C CG  . ASP A 1 75  ? -2.774  7.207   -3.102  1.00 7.11  ? 115 ASP A CG  1 
ATOM   641  O OD1 . ASP A 1 75  ? -2.542  8.346   -2.598  1.00 8.10  ? 115 ASP A OD1 1 
ATOM   642  O OD2 . ASP A 1 75  ? -3.759  7.056   -3.876  1.00 7.57  ? 115 ASP A OD2 1 
ATOM   643  N N   . PHE A 1 76  ? 0.600   4.355   -1.560  1.00 6.42  ? 116 PHE A N   1 
ATOM   644  C CA  . PHE A 1 76  ? 1.134   3.261   -0.743  1.00 8.41  ? 116 PHE A CA  1 
ATOM   645  C C   . PHE A 1 76  ? 2.076   3.794   0.316   1.00 5.79  ? 116 PHE A C   1 
ATOM   646  O O   . PHE A 1 76  ? 2.115   3.250   1.447   1.00 8.16  ? 116 PHE A O   1 
ATOM   647  C CB  . PHE A 1 76  ? 1.815   2.187   -1.590  1.00 8.38  ? 116 PHE A CB  1 
ATOM   648  C CG  . PHE A 1 76  ? 0.867   1.182   -2.139  1.00 9.02  ? 116 PHE A CG  1 
ATOM   649  C CD1 . PHE A 1 76  ? 0.090   0.386   -1.285  1.00 8.72  ? 116 PHE A CD1 1 
ATOM   650  C CD2 . PHE A 1 76  ? 0.734   0.989   -3.492  1.00 13.39 ? 116 PHE A CD2 1 
ATOM   651  C CE1 . PHE A 1 76  ? -0.789  -0.561  -1.766  1.00 10.14 ? 116 PHE A CE1 1 
ATOM   652  C CE2 . PHE A 1 76  ? -0.169  0.041   -3.982  1.00 12.90 ? 116 PHE A CE2 1 
ATOM   653  C CZ  . PHE A 1 76  ? -0.936  -0.733  -3.122  1.00 9.55  ? 116 PHE A CZ  1 
ATOM   654  N N   . GLN A 1 77  ? 2.867   4.812   -0.025  1.00 7.18  ? 117 GLN A N   1 
ATOM   655  C CA  . GLN A 1 77  ? 3.741   5.436   0.997   1.00 7.07  ? 117 GLN A CA  1 
ATOM   656  C C   . GLN A 1 77  ? 2.891   5.897   2.185   1.00 7.89  ? 117 GLN A C   1 
ATOM   657  O O   . GLN A 1 77  ? 3.251   5.686   3.361   1.00 7.50  ? 117 GLN A O   1 
ATOM   658  C CB  . GLN A 1 77  ? 4.568   6.603   0.433   1.00 7.28  ? 117 GLN A CB  1 
ATOM   659  C CG  . GLN A 1 77  ? 5.632   7.096   1.394   1.00 6.14  ? 117 GLN A CG  1 
ATOM   660  C CD  . GLN A 1 77  ? 5.157   8.088   2.496   1.00 12.10 ? 117 GLN A CD  1 
ATOM   661  O OE1 . GLN A 1 77  ? 4.076   8.737   2.399   1.00 11.99 ? 117 GLN A OE1 1 
ATOM   662  N NE2 . GLN A 1 77  ? 5.981   8.238   3.547   1.00 12.35 ? 117 GLN A NE2 1 
ATOM   663  N N   . LEU A 1 78  ? 1.754   6.517   1.896   1.00 5.55  ? 118 LEU A N   1 
ATOM   664  C CA  . LEU A 1 78  ? 0.888   7.014   2.955   1.00 5.78  ? 118 LEU A CA  1 
ATOM   665  C C   . LEU A 1 78  ? 0.286   5.868   3.741   1.00 7.10  ? 118 LEU A C   1 
ATOM   666  O O   . LEU A 1 78  ? 0.225   5.909   4.974   1.00 8.42  ? 118 LEU A O   1 
ATOM   667  C CB  . LEU A 1 78  ? -0.205  7.894   2.344   1.00 4.90  ? 118 LEU A CB  1 
ATOM   668  C CG  . LEU A 1 78  ? -1.263  8.449   3.287   1.00 5.46  ? 118 LEU A CG  1 
ATOM   669  C CD1 . LEU A 1 78  ? -0.629  9.399   4.301   1.00 8.17  ? 118 LEU A CD1 1 
ATOM   670  C CD2 . LEU A 1 78  ? -2.394  9.130   2.467   1.00 8.78  ? 118 LEU A CD2 1 
ATOM   671  N N   . LEU A 1 79  ? -0.207  4.878   3.015   1.00 5.58  ? 119 LEU A N   1 
ATOM   672  C CA  . LEU A 1 79  ? -0.804  3.673   3.596   1.00 7.81  ? 119 LEU A CA  1 
ATOM   673  C C   . LEU A 1 79  ? 0.144   3.047   4.619   1.00 8.54  ? 119 LEU A C   1 
ATOM   674  O O   . LEU A 1 79  ? -0.211  2.854   5.803   1.00 9.34  ? 119 LEU A O   1 
ATOM   675  C CB  A LEU A 1 79  ? -1.091  2.643   2.502   0.50 6.93  ? 119 LEU A CB  1 
ATOM   676  C CB  B LEU A 1 79  ? -1.189  2.702   2.490   0.50 7.23  ? 119 LEU A CB  1 
ATOM   677  C CG  A LEU A 1 79  ? -1.706  1.313   2.958   0.50 11.53 ? 119 LEU A CG  1 
ATOM   678  C CG  B LEU A 1 79  ? -2.138  1.576   2.889   0.50 12.58 ? 119 LEU A CG  1 
ATOM   679  C CD1 A LEU A 1 79  ? -3.131  1.609   3.294   0.50 11.29 ? 119 LEU A CD1 1 
ATOM   680  C CD1 B LEU A 1 79  ? -2.565  0.786   1.684   0.50 17.67 ? 119 LEU A CD1 1 
ATOM   681  C CD2 A LEU A 1 79  ? -1.635  0.171   1.886   0.50 12.58 ? 119 LEU A CD2 1 
ATOM   682  C CD2 B LEU A 1 79  ? -1.421  0.664   3.833   0.50 9.07  ? 119 LEU A CD2 1 
ATOM   683  N N   . PHE A 1 80  ? 1.371   2.802   4.205   1.00 8.28  ? 120 PHE A N   1 
ATOM   684  C CA  . PHE A 1 80  ? 2.307   2.139   5.097   1.00 8.49  ? 120 PHE A CA  1 
ATOM   685  C C   . PHE A 1 80  ? 2.874   3.058   6.145   1.00 7.16  ? 120 PHE A C   1 
ATOM   686  O O   . PHE A 1 80  ? 3.089   2.627   7.308   1.00 9.20  ? 120 PHE A O   1 
ATOM   687  C CB  . PHE A 1 80  ? 3.402   1.421   4.281   1.00 7.92  ? 120 PHE A CB  1 
ATOM   688  C CG  . PHE A 1 80  ? 2.867   0.379   3.375   1.00 7.88  ? 120 PHE A CG  1 
ATOM   689  C CD1 . PHE A 1 80  ? 1.970   -0.599  3.844   1.00 6.03  ? 120 PHE A CD1 1 
ATOM   690  C CD2 . PHE A 1 80  ? 3.201   0.365   2.023   1.00 9.01  ? 120 PHE A CD2 1 
ATOM   691  C CE1 . PHE A 1 80  ? 1.437   -1.569  2.978   1.00 10.09 ? 120 PHE A CE1 1 
ATOM   692  C CE2 . PHE A 1 80  ? 2.684   -0.605  1.178   1.00 8.47  ? 120 PHE A CE2 1 
ATOM   693  C CZ  . PHE A 1 80  ? 1.801   -1.565  1.652   1.00 8.33  ? 120 PHE A CZ  1 
ATOM   694  N N   . ASN A 1 81  ? 3.098   4.333   5.826   1.00 6.46  ? 121 ASN A N   1 
ATOM   695  C CA  . ASN A 1 81  ? 3.580   5.243   6.840   1.00 5.76  ? 121 ASN A CA  1 
ATOM   696  C C   . ASN A 1 81  ? 2.555   5.457   7.951   1.00 6.58  ? 121 ASN A C   1 
ATOM   697  O O   . ASN A 1 81  ? 2.931   5.593   9.127   1.00 7.23  ? 121 ASN A O   1 
ATOM   698  C CB  . ASN A 1 81  ? 3.983   6.581   6.280   1.00 7.94  ? 121 ASN A CB  1 
ATOM   699  C CG  . ASN A 1 81  ? 4.904   7.310   7.214   1.00 10.88 ? 121 ASN A CG  1 
ATOM   700  O OD1 . ASN A 1 81  ? 4.550   8.343   7.807   1.00 11.42 ? 121 ASN A OD1 1 
ATOM   701  N ND2 . ASN A 1 81  ? 6.078   6.721   7.435   1.00 10.67 ? 121 ASN A ND2 1 
ATOM   702  N N   . ASN A 1 82  ? 1.280   5.489   7.576   1.00 6.83  ? 122 ASN A N   1 
ATOM   703  C CA  . ASN A 1 82  ? 0.247   5.672   8.588   1.00 5.04  ? 122 ASN A CA  1 
ATOM   704  C C   . ASN A 1 82  ? 0.275   4.483   9.559   1.00 5.45  ? 122 ASN A C   1 
ATOM   705  O O   . ASN A 1 82  ? 0.213   4.666   10.767  1.00 6.95  ? 122 ASN A O   1 
ATOM   706  C CB  . ASN A 1 82  ? -1.123  5.735   7.931   1.00 5.35  ? 122 ASN A CB  1 
ATOM   707  C CG  . ASN A 1 82  ? -1.429  7.077   7.315   1.00 4.07  ? 122 ASN A CG  1 
ATOM   708  O OD1 . ASN A 1 82  ? -0.736  8.095   7.536   1.00 6.42  ? 122 ASN A OD1 1 
ATOM   709  N ND2 . ASN A 1 82  ? -2.556  7.109   6.569   1.00 5.82  ? 122 ASN A ND2 1 
ATOM   710  N N   . ALA A 1 83  ? 0.392   3.285   9.028   1.00 7.61  ? 123 ALA A N   1 
ATOM   711  C CA  . ALA A 1 83  ? 0.436   2.080   9.865   1.00 6.46  ? 123 ALA A CA  1 
ATOM   712  C C   . ALA A 1 83  ? 1.606   2.128   10.826  1.00 6.34  ? 123 ALA A C   1 
ATOM   713  O O   . ALA A 1 83  ? 1.448   1.844   12.009  1.00 8.02  ? 123 ALA A O   1 
ATOM   714  C CB  . ALA A 1 83  ? 0.488   0.803   8.982   1.00 8.23  ? 123 ALA A CB  1 
ATOM   715  N N   . LYS A 1 84  ? 2.775   2.529   10.320  1.00 6.95  ? 124 LYS A N   1 
ATOM   716  C CA  . LYS A 1 84  ? 4.006   2.634   11.121  1.00 8.01  ? 124 LYS A CA  1 
ATOM   717  C C   . LYS A 1 84  ? 3.996   3.796   12.126  1.00 6.57  ? 124 LYS A C   1 
ATOM   718  O O   . LYS A 1 84  ? 4.802   3.832   13.057  1.00 9.21  ? 124 LYS A O   1 
ATOM   719  C CB  . LYS A 1 84  ? 5.236   2.677   10.191  1.00 8.42  ? 124 LYS A CB  1 
ATOM   720  C CG  . LYS A 1 84  ? 5.392   1.409   9.360   1.00 8.26  ? 124 LYS A CG  1 
ATOM   721  C CD  . LYS A 1 84  ? 6.433   1.549   8.249   1.00 12.92 ? 124 LYS A CD  1 
ATOM   722  C CE  . LYS A 1 84  ? 7.753   1.779   8.758   1.00 15.19 ? 124 LYS A CE  1 
ATOM   723  N NZ  . LYS A 1 84  ? 8.770   2.112   7.676   1.00 17.19 ? 124 LYS A NZ  1 
ATOM   724  N N   . SER A 1 85  ? 3.060   4.730   11.955  1.00 8.19  ? 125 SER A N   1 
ATOM   725  C CA  . SER A 1 85  ? 2.919   5.885   12.826  1.00 6.83  ? 125 SER A CA  1 
ATOM   726  C C   . SER A 1 85  ? 2.162   5.528   14.126  1.00 6.31  ? 125 SER A C   1 
ATOM   727  O O   . SER A 1 85  ? 2.426   6.102   15.193  1.00 8.04  ? 125 SER A O   1 
ATOM   728  C CB  . SER A 1 85  ? 2.198   7.025   12.086  1.00 9.17  ? 125 SER A CB  1 
ATOM   729  O OG  . SER A 1 85  ? 3.023   7.577   11.051  1.00 10.42 ? 125 SER A OG  1 
ATOM   730  N N   . TYR A 1 86  ? 1.225   4.599   14.023  1.00 6.31  ? 126 TYR A N   1 
ATOM   731  C CA  . TYR A 1 86  ? 0.477   4.150   15.186  1.00 5.76  ? 126 TYR A CA  1 
ATOM   732  C C   . TYR A 1 86  ? 1.041   2.865   15.786  1.00 6.68  ? 126 TYR A C   1 
ATOM   733  O O   . TYR A 1 86  ? 1.239   2.784   17.009  1.00 4.97  ? 126 TYR A O   1 
ATOM   734  C CB  . TYR A 1 86  ? -0.987  3.918   14.829  1.00 5.93  ? 126 TYR A CB  1 
ATOM   735  C CG  . TYR A 1 86  ? -1.791  3.402   15.974  1.00 4.31  ? 126 TYR A CG  1 
ATOM   736  C CD1 . TYR A 1 86  ? -2.198  4.245   16.984  1.00 5.54  ? 126 TYR A CD1 1 
ATOM   737  C CD2 . TYR A 1 86  ? -2.182  2.070   16.038  1.00 4.24  ? 126 TYR A CD2 1 
ATOM   738  C CE1 . TYR A 1 86  ? -2.953  3.788   18.044  1.00 5.23  ? 126 TYR A CE1 1 
ATOM   739  C CE2 . TYR A 1 86  ? -2.948  1.597   17.119  1.00 2.93  ? 126 TYR A CE2 1 
ATOM   740  C CZ  . TYR A 1 86  ? -3.330  2.429   18.086  1.00 2.46  ? 126 TYR A CZ  1 
ATOM   741  O OH  . TYR A 1 86  ? -4.106  2.052   19.158  1.00 3.50  ? 126 TYR A OH  1 
ATOM   742  N N   . TYR A 1 87  ? 1.272   1.882   14.923  1.00 5.43  ? 127 TYR A N   1 
ATOM   743  C CA  . TYR A 1 87  ? 1.662   0.550   15.364  1.00 4.87  ? 127 TYR A CA  1 
ATOM   744  C C   . TYR A 1 87  ? 3.175   0.538   15.546  1.00 7.75  ? 127 TYR A C   1 
ATOM   745  O O   . TYR A 1 87  ? 3.901   1.228   14.824  1.00 9.56  ? 127 TYR A O   1 
ATOM   746  C CB  . TYR A 1 87  ? 1.199   -0.521  14.377  1.00 6.61  ? 127 TYR A CB  1 
ATOM   747  C CG  . TYR A 1 87  ? -0.318  -0.644  14.303  1.00 4.17  ? 127 TYR A CG  1 
ATOM   748  C CD1 . TYR A 1 87  ? -1.023  -1.228  15.341  1.00 6.56  ? 127 TYR A CD1 1 
ATOM   749  C CD2 . TYR A 1 87  ? -1.043  -0.175  13.200  1.00 3.48  ? 127 TYR A CD2 1 
ATOM   750  C CE1 . TYR A 1 87  ? -2.389  -1.356  15.315  1.00 6.08  ? 127 TYR A CE1 1 
ATOM   751  C CE2 . TYR A 1 87  ? -2.436  -0.283  13.165  1.00 5.23  ? 127 TYR A CE2 1 
ATOM   752  C CZ  . TYR A 1 87  ? -3.105  -0.887  14.222  1.00 5.16  ? 127 TYR A CZ  1 
ATOM   753  O OH  . TYR A 1 87  ? -4.485  -1.009  14.227  1.00 5.02  ? 127 TYR A OH  1 
ATOM   754  N N   . LYS A 1 88  ? 3.628   -0.222  16.521  1.00 7.13  ? 128 LYS A N   1 
ATOM   755  C CA  . LYS A 1 88  ? 5.025   -0.227  16.940  1.00 7.30  ? 128 LYS A CA  1 
ATOM   756  C C   . LYS A 1 88  ? 5.773   -1.345  16.247  1.00 6.27  ? 128 LYS A C   1 
ATOM   757  O O   . LYS A 1 88  ? 5.164   -2.261  15.717  1.00 6.50  ? 128 LYS A O   1 
ATOM   758  C CB  . LYS A 1 88  ? 5.151   -0.455  18.437  1.00 6.61  ? 128 LYS A CB  1 
ATOM   759  C CG  . LYS A 1 88  ? 4.598   0.641   19.351  1.00 13.31 ? 128 LYS A CG  1 
ATOM   760  C CD  . LYS A 1 88  ? 5.073   2.015   19.014  1.00 21.84 ? 128 LYS A CD  1 
ATOM   761  C CE  . LYS A 1 88  ? 5.125   2.887   20.278  1.00 29.34 ? 128 LYS A CE  1 
ATOM   762  N NZ  . LYS A 1 88  ? 5.669   4.232   19.951  1.00 42.13 ? 128 LYS A NZ  1 
ATOM   763  N N   . PRO A 1 89  ? 7.119   -1.299  16.290  1.00 6.62  ? 129 PRO A N   1 
ATOM   764  C CA  . PRO A 1 89  ? 7.913   -2.252  15.478  1.00 6.18  ? 129 PRO A CA  1 
ATOM   765  C C   . PRO A 1 89  ? 7.668   -3.749  15.694  1.00 7.44  ? 129 PRO A C   1 
ATOM   766  O O   . PRO A 1 89  ? 7.884   -4.521  14.758  1.00 14.21 ? 129 PRO A O   1 
ATOM   767  C CB  . PRO A 1 89  ? 9.361   -1.890  15.832  1.00 10.46 ? 129 PRO A CB  1 
ATOM   768  C CG  . PRO A 1 89  ? 9.298   -0.427  16.115  1.00 9.27  ? 129 PRO A CG  1 
ATOM   769  C CD  . PRO A 1 89  ? 7.985   -0.284  16.914  1.00 8.89  ? 129 PRO A CD  1 
ATOM   770  N N   . ASP A 1 90  ? 7.212   -4.157  16.877  1.00 9.58  ? 130 ASP A N   1 
ATOM   771  C CA  . ASP A 1 90  ? 6.987   -5.577  17.136  1.00 9.37  ? 130 ASP A CA  1 
ATOM   772  C C   . ASP A 1 90  ? 5.636   -6.076  16.608  1.00 15.44 ? 130 ASP A C   1 
ATOM   773  O O   . ASP A 1 90  ? 5.381   -7.281  16.586  1.00 16.15 ? 130 ASP A O   1 
ATOM   774  C CB  . ASP A 1 90  ? 7.152   -5.881  18.616  1.00 11.85 ? 130 ASP A CB  1 
ATOM   775  C CG  . ASP A 1 90  ? 8.616   -5.848  19.051  1.00 24.78 ? 130 ASP A CG  1 
ATOM   776  O OD1 . ASP A 1 90  ? 9.457   -6.492  18.375  1.00 25.66 ? 130 ASP A OD1 1 
ATOM   777  O OD2 . ASP A 1 90  ? 8.922   -5.166  20.047  1.00 26.93 ? 130 ASP A OD2 1 
ATOM   778  N N   . SER A 1 91  ? 4.797   -5.161  16.141  1.00 6.88  ? 131 SER A N   1 
ATOM   779  C CA  . SER A 1 91  ? 3.415   -5.487  15.741  1.00 5.76  ? 131 SER A CA  1 
ATOM   780  C C   . SER A 1 91  ? 3.362   -6.156  14.367  1.00 6.10  ? 131 SER A C   1 
ATOM   781  O O   . SER A 1 91  ? 4.195   -5.888  13.487  1.00 6.88  ? 131 SER A O   1 
ATOM   782  C CB  . SER A 1 91  ? 2.539   -4.231  15.740  1.00 5.08  ? 131 SER A CB  1 
ATOM   783  O OG  . SER A 1 91  ? 2.899   -3.365  14.678  1.00 4.84  ? 131 SER A OG  1 
ATOM   784  N N   . PRO A 1 92  ? 2.342   -7.001  14.140  1.00 5.68  ? 132 PRO A N   1 
ATOM   785  C CA  . PRO A 1 92  ? 2.125   -7.524  12.794  1.00 7.06  ? 132 PRO A CA  1 
ATOM   786  C C   . PRO A 1 92  ? 1.962   -6.417  11.753  1.00 5.18  ? 132 PRO A C   1 
ATOM   787  O O   . PRO A 1 92  ? 2.513   -6.502  10.636  1.00 6.98  ? 132 PRO A O   1 
ATOM   788  C CB  . PRO A 1 92  ? 0.836   -8.352  12.949  1.00 10.34 ? 132 PRO A CB  1 
ATOM   789  C CG  . PRO A 1 92  ? 0.824   -8.729  14.400  1.00 7.54  ? 132 PRO A CG  1 
ATOM   790  C CD  . PRO A 1 92  ? 1.334   -7.515  15.091  1.00 7.48  ? 132 PRO A CD  1 
ATOM   791  N N   . GLU A 1 93  ? 1.217   -5.361  12.106  1.00 4.37  ? 133 GLU A N   1 
ATOM   792  C CA  . GLU A 1 93  ? 0.978   -4.258  11.169  1.00 6.47  ? 133 GLU A CA  1 
ATOM   793  C C   . GLU A 1 93  ? 2.263   -3.577  10.726  1.00 5.93  ? 133 GLU A C   1 
ATOM   794  O O   . GLU A 1 93  ? 2.459   -3.342  9.538   1.00 7.37  ? 133 GLU A O   1 
ATOM   795  C CB  . GLU A 1 93  ? 0.048   -3.197  11.787  1.00 5.91  ? 133 GLU A CB  1 
ATOM   796  C CG  . GLU A 1 93  ? -1.433  -3.542  11.693  1.00 10.53 ? 133 GLU A CG  1 
ATOM   797  C CD  . GLU A 1 93  ? -1.940  -4.601  12.647  1.00 9.85  ? 133 GLU A CD  1 
ATOM   798  O OE1 . GLU A 1 93  ? -3.157  -4.928  12.486  1.00 9.31  ? 133 GLU A OE1 1 
ATOM   799  O OE2 . GLU A 1 93  ? -1.199  -5.131  13.540  1.00 8.60  ? 133 GLU A OE2 1 
ATOM   800  N N   . TYR A 1 94  ? 3.125   -3.240  11.684  1.00 4.98  ? 134 TYR A N   1 
ATOM   801  C CA  . TYR A 1 94  ? 4.378   -2.567  11.345  1.00 6.00  ? 134 TYR A CA  1 
ATOM   802  C C   . TYR A 1 94  ? 5.245   -3.465  10.472  1.00 6.88  ? 134 TYR A C   1 
ATOM   803  O O   . TYR A 1 94  ? 5.756   -3.038  9.444   1.00 7.23  ? 134 TYR A O   1 
ATOM   804  C CB  . TYR A 1 94  ? 5.122   -2.177  12.628  1.00 6.14  ? 134 TYR A CB  1 
ATOM   805  C CG  . TYR A 1 94  ? 6.368   -1.340  12.425  1.00 5.91  ? 134 TYR A CG  1 
ATOM   806  C CD1 . TYR A 1 94  ? 6.385   -0.008  12.778  1.00 9.34  ? 134 TYR A CD1 1 
ATOM   807  C CD2 . TYR A 1 94  ? 7.533   -1.900  11.967  1.00 7.96  ? 134 TYR A CD2 1 
ATOM   808  C CE1 . TYR A 1 94  ? 7.522   0.768   12.588  1.00 7.50  ? 134 TYR A CE1 1 
ATOM   809  C CE2 . TYR A 1 94  ? 8.700   -1.136  11.818  1.00 9.14  ? 134 TYR A CE2 1 
ATOM   810  C CZ  . TYR A 1 94  ? 8.663   0.195   12.103  1.00 8.88  ? 134 TYR A CZ  1 
ATOM   811  O OH  . TYR A 1 94  ? 9.794   0.955   11.978  1.00 10.99 ? 134 TYR A OH  1 
ATOM   812  N N   . LYS A 1 95  ? 5.392   -4.723  10.863  1.00 3.84  ? 135 LYS A N   1 
ATOM   813  C CA  . LYS A 1 95  ? 6.224   -5.664  10.119  1.00 2.97  ? 135 LYS A CA  1 
ATOM   814  C C   . LYS A 1 95  ? 5.677   -5.857  8.707   1.00 6.64  ? 135 LYS A C   1 
ATOM   815  O O   . LYS A 1 95  ? 6.450   -5.863  7.745   1.00 6.25  ? 135 LYS A O   1 
ATOM   816  C CB  . LYS A 1 95  ? 6.368   -7.014  10.858  1.00 6.58  ? 135 LYS A CB  1 
ATOM   817  C CG  . LYS A 1 95  ? 7.169   -7.015  12.146  1.00 5.48  ? 135 LYS A CG  1 
ATOM   818  C CD  . LYS A 1 95  ? 6.967   -8.278  12.945  1.00 8.80  ? 135 LYS A CD  1 
ATOM   819  C CE  . LYS A 1 95  ? 7.768   -8.257  14.231  1.00 18.78 ? 135 LYS A CE  1 
ATOM   820  N NZ  . LYS A 1 95  ? 7.387   -9.385  15.120  1.00 17.85 ? 135 LYS A NZ  1 
ATOM   821  N N   . ALA A 1 96  ? 4.357   -6.015  8.581   1.00 4.94  ? 136 ALA A N   1 
ATOM   822  C CA  . ALA A 1 96  ? 3.731   -6.207  7.257   1.00 6.80  ? 136 ALA A CA  1 
ATOM   823  C C   . ALA A 1 96  ? 3.853   -4.967  6.401   1.00 6.02  ? 136 ALA A C   1 
ATOM   824  O O   . ALA A 1 96  ? 4.081   -5.061  5.190   1.00 6.45  ? 136 ALA A O   1 
ATOM   825  C CB  . ALA A 1 96  ? 2.246   -6.595  7.407   1.00 7.64  ? 136 ALA A CB  1 
ATOM   826  N N   . ALA A 1 97  ? 3.734   -3.788  7.020   1.00 6.01  ? 137 ALA A N   1 
ATOM   827  C CA  . ALA A 1 97  ? 3.943   -2.518  6.297   1.00 6.90  ? 137 ALA A CA  1 
ATOM   828  C C   . ALA A 1 97  ? 5.350   -2.416  5.711   1.00 6.62  ? 137 ALA A C   1 
ATOM   829  O O   . ALA A 1 97  ? 5.531   -2.007  4.545   1.00 8.24  ? 137 ALA A O   1 
ATOM   830  C CB  . ALA A 1 97  ? 3.654   -1.341  7.196   1.00 7.02  ? 137 ALA A CB  1 
ATOM   831  N N   . CYS A 1 98  ? 6.352   -2.753  6.496   1.00 6.31  ? 138 CYS A N   1 
ATOM   832  C CA  . CYS A 1 98  ? 7.724   -2.684  6.007   1.00 5.21  ? 138 CYS A CA  1 
ATOM   833  C C   . CYS A 1 98  ? 7.907   -3.650  4.848   1.00 7.55  ? 138 CYS A C   1 
ATOM   834  O O   . CYS A 1 98  ? 8.557   -3.334  3.854   1.00 6.82  ? 138 CYS A O   1 
ATOM   835  C CB  . CYS A 1 98  ? 8.708   -3.011  7.085   1.00 8.68  ? 138 CYS A CB  1 
ATOM   836  S SG  . CYS A 1 98  ? 8.830   -1.714  8.343   1.00 12.11 ? 138 CYS A SG  1 
ATOM   837  N N   . LYS A 1 99  ? 7.399   -4.866  5.022   1.00 5.23  ? 139 LYS A N   1 
ATOM   838  C CA  . LYS A 1 99  ? 7.565   -5.911  4.018   1.00 5.37  ? 139 LYS A CA  1 
ATOM   839  C C   . LYS A 1 99  ? 6.852   -5.590  2.712   1.00 5.27  ? 139 LYS A C   1 
ATOM   840  O O   . LYS A 1 99  ? 7.434   -5.750  1.640   1.00 5.72  ? 139 LYS A O   1 
ATOM   841  C CB  . LYS A 1 99  ? 7.049   -7.234  4.593   1.00 6.91  ? 139 LYS A CB  1 
ATOM   842  C CG  . LYS A 1 99  ? 7.372   -8.447  3.809   1.00 12.76 ? 139 LYS A CG  1 
ATOM   843  C CD  . LYS A 1 99  ? 7.483   -9.614  4.808   1.00 23.57 ? 139 LYS A CD  1 
ATOM   844  C CE  . LYS A 1 99  ? 7.624   -10.976 4.150   1.00 33.62 ? 139 LYS A CE  1 
ATOM   845  N NZ  . LYS A 1 99  ? 9.041   -11.373 3.974   1.00 37.23 ? 139 LYS A NZ  1 
ATOM   846  N N   . LEU A 1 100 ? 5.599   -5.177  2.797   1.00 4.69  ? 140 LEU A N   1 
ATOM   847  C CA  . LEU A 1 100 ? 4.826   -4.848  1.582   1.00 5.36  ? 140 LEU A CA  1 
ATOM   848  C C   . LEU A 1 100 ? 5.387   -3.608  0.898   1.00 6.67  ? 140 LEU A C   1 
ATOM   849  O O   . LEU A 1 100 ? 5.391   -3.529  -0.331  1.00 6.27  ? 140 LEU A O   1 
ATOM   850  C CB  . LEU A 1 100 ? 3.364   -4.631  1.914   1.00 5.31  ? 140 LEU A CB  1 
ATOM   851  C CG  . LEU A 1 100 ? 2.651   -5.950  2.251   1.00 6.34  ? 140 LEU A CG  1 
ATOM   852  C CD1 . LEU A 1 100 ? 1.195   -5.626  2.619   1.00 6.27  ? 140 LEU A CD1 1 
ATOM   853  C CD2 . LEU A 1 100 ? 2.704   -6.992  1.115   1.00 6.42  ? 140 LEU A CD2 1 
ATOM   854  N N   . TRP A 1 101 ? 5.852   -2.620  1.682   1.00 5.64  ? 141 TRP A N   1 
ATOM   855  C CA  . TRP A 1 101 ? 6.449   -1.421  1.028   1.00 6.81  ? 141 TRP A CA  1 
ATOM   856  C C   . TRP A 1 101 ? 7.688   -1.819  0.270   1.00 6.88  ? 141 TRP A C   1 
ATOM   857  O O   . TRP A 1 101 ? 7.881   -1.411  -0.896  1.00 6.67  ? 141 TRP A O   1 
ATOM   858  C CB  . TRP A 1 101 ? 6.783   -0.367  2.074   1.00 6.00  ? 141 TRP A CB  1 
ATOM   859  C CG  . TRP A 1 101 ? 7.497   0.856   1.604   1.00 8.41  ? 141 TRP A CG  1 
ATOM   860  C CD1 . TRP A 1 101 ? 8.693   1.304   2.065   1.00 7.95  ? 141 TRP A CD1 1 
ATOM   861  C CD2 . TRP A 1 101 ? 7.044   1.836   0.628   1.00 7.81  ? 141 TRP A CD2 1 
ATOM   862  N NE1 . TRP A 1 101 ? 9.022   2.507   1.435   1.00 7.67  ? 141 TRP A NE1 1 
ATOM   863  C CE2 . TRP A 1 101 ? 8.028   2.848   0.565   1.00 6.46  ? 141 TRP A CE2 1 
ATOM   864  C CE3 . TRP A 1 101 ? 5.918   1.935   -0.194  1.00 9.60  ? 141 TRP A CE3 1 
ATOM   865  C CZ2 . TRP A 1 101 ? 7.916   3.957   -0.297  1.00 6.95  ? 141 TRP A CZ2 1 
ATOM   866  C CZ3 . TRP A 1 101 ? 5.791   3.026   -1.039  1.00 7.51  ? 141 TRP A CZ3 1 
ATOM   867  C CH2 . TRP A 1 101 ? 6.782   4.025   -1.091  1.00 6.12  ? 141 TRP A CH2 1 
ATOM   868  N N   . ASP A 1 102 ? 8.548   -2.626  0.886   1.00 5.35  ? 142 ASP A N   1 
ATOM   869  C CA  . ASP A 1 102 ? 9.764   -3.065  0.220   1.00 5.93  ? 142 ASP A CA  1 
ATOM   870  C C   . ASP A 1 102 ? 9.436   -3.898  -1.029  1.00 6.43  ? 142 ASP A C   1 
ATOM   871  O O   . ASP A 1 102 ? 10.040  -3.703  -2.114  1.00 3.82  ? 142 ASP A O   1 
ATOM   872  C CB  . ASP A 1 102 ? 10.651  -3.852  1.163   1.00 7.83  ? 142 ASP A CB  1 
ATOM   873  C CG  . ASP A 1 102 ? 11.864  -4.398  0.477   1.00 13.95 ? 142 ASP A CG  1 
ATOM   874  O OD1 . ASP A 1 102 ? 12.771  -3.608  0.145   1.00 17.07 ? 142 ASP A OD1 1 
ATOM   875  O OD2 . ASP A 1 102 ? 11.938  -5.628  0.265   1.00 10.44 ? 142 ASP A OD2 1 
ATOM   876  N N   . LEU A 1 103 ? 8.414   -4.745  -0.900  1.00 4.87  ? 143 LEU A N   1 
ATOM   877  C CA  . LEU A 1 103 ? 7.940   -5.538  -2.061  1.00 5.62  ? 143 LEU A CA  1 
ATOM   878  C C   . LEU A 1 103 ? 7.438   -4.596  -3.183  1.00 4.63  ? 143 LEU A C   1 
ATOM   879  O O   . LEU A 1 103 ? 7.778   -4.816  -4.355  1.00 4.99  ? 143 LEU A O   1 
ATOM   880  C CB  . LEU A 1 103 ? 6.834   -6.503  -1.645  1.00 5.62  ? 143 LEU A CB  1 
ATOM   881  C CG  . LEU A 1 103 ? 6.084   -7.196  -2.809  1.00 5.92  ? 143 LEU A CG  1 
ATOM   882  C CD1 . LEU A 1 103 ? 6.952   -8.236  -3.494  1.00 6.69  ? 143 LEU A CD1 1 
ATOM   883  C CD2 . LEU A 1 103 ? 4.760   -7.801  -2.207  1.00 7.66  ? 143 LEU A CD2 1 
ATOM   884  N N   . TYR A 1 104 ? 6.637   -3.604  -2.819  1.00 5.74  ? 144 TYR A N   1 
ATOM   885  C CA  . TYR A 1 104 ? 6.138   -2.619  -3.781  1.00 7.03  ? 144 TYR A CA  1 
ATOM   886  C C   . TYR A 1 104 ? 7.290   -2.004  -4.561  1.00 6.09  ? 144 TYR A C   1 
ATOM   887  O O   . TYR A 1 104 ? 7.272   -1.955  -5.790  1.00 4.37  ? 144 TYR A O   1 
ATOM   888  C CB  . TYR A 1 104 ? 5.294   -1.559  -3.100  1.00 6.13  ? 144 TYR A CB  1 
ATOM   889  C CG  . TYR A 1 104 ? 4.853   -0.481  -4.063  1.00 6.35  ? 144 TYR A CG  1 
ATOM   890  C CD1 . TYR A 1 104 ? 3.707   -0.630  -4.838  1.00 8.87  ? 144 TYR A CD1 1 
ATOM   891  C CD2 . TYR A 1 104 ? 5.607   0.669   -4.214  1.00 7.45  ? 144 TYR A CD2 1 
ATOM   892  C CE1 . TYR A 1 104 ? 3.348   0.362   -5.785  1.00 9.79  ? 144 TYR A CE1 1 
ATOM   893  C CE2 . TYR A 1 104 ? 5.262   1.651   -5.144  1.00 7.56  ? 144 TYR A CE2 1 
ATOM   894  C CZ  . TYR A 1 104 ? 4.113   1.478   -5.920  1.00 8.08  ? 144 TYR A CZ  1 
ATOM   895  O OH  . TYR A 1 104 ? 3.727   2.429   -6.864  1.00 10.56 ? 144 TYR A OH  1 
ATOM   896  N N   . LEU A 1 105 ? 8.290   -1.510  -3.834  1.00 5.11  ? 145 LEU A N   1 
ATOM   897  C CA  . LEU A 1 105 ? 9.417   -0.822  -4.461  1.00 4.48  ? 145 LEU A CA  1 
ATOM   898  C C   . LEU A 1 105 ? 10.225  -1.744  -5.328  1.00 4.06  ? 145 LEU A C   1 
ATOM   899  O O   . LEU A 1 105 ? 10.604  -1.383  -6.450  1.00 4.91  ? 145 LEU A O   1 
ATOM   900  C CB  . LEU A 1 105 ? 10.309  -0.169  -3.405  1.00 4.14  ? 145 LEU A CB  1 
ATOM   901  C CG  . LEU A 1 105 ? 9.630   1.020   -2.695  1.00 5.60  ? 145 LEU A CG  1 
ATOM   902  C CD1 . LEU A 1 105 ? 10.530  1.479   -1.535  1.00 6.62  ? 145 LEU A CD1 1 
ATOM   903  C CD2 . LEU A 1 105 ? 9.241   2.210   -3.599  1.00 6.38  ? 145 LEU A CD2 1 
ATOM   904  N N   . ARG A 1 106 ? 10.503  -2.955  -4.850  1.00 4.52  ? 146 ARG A N   1 
ATOM   905  C CA  . ARG A 1 106 ? 11.275  -3.876  -5.635  1.00 3.70  ? 146 ARG A CA  1 
ATOM   906  C C   . ARG A 1 106 ? 10.563  -4.269  -6.949  1.00 4.27  ? 146 ARG A C   1 
ATOM   907  O O   . ARG A 1 106 ? 11.198  -4.405  -7.997  1.00 4.30  ? 146 ARG A O   1 
ATOM   908  C CB  . ARG A 1 106 ? 11.637  -5.126  -4.836  1.00 4.98  ? 146 ARG A CB  1 
ATOM   909  C CG  . ARG A 1 106 ? 12.707  -4.879  -3.775  1.00 6.52  ? 146 ARG A CG  1 
ATOM   910  C CD  . ARG A 1 106 ? 13.114  -6.162  -3.073  1.00 7.67  ? 146 ARG A CD  1 
ATOM   911  N NE  . ARG A 1 106 ? 12.009  -6.662  -2.241  1.00 8.87  ? 146 ARG A NE  1 
ATOM   912  C CZ  . ARG A 1 106 ? 11.448  -7.879  -2.333  1.00 10.66 ? 146 ARG A CZ  1 
ATOM   913  N NH1 . ARG A 1 106 ? 11.836  -8.749  -3.236  1.00 9.52  ? 146 ARG A NH1 1 
ATOM   914  N NH2 . ARG A 1 106 ? 10.485  -8.208  -1.485  1.00 8.86  ? 146 ARG A NH2 1 
ATOM   915  N N   . THR A 1 107 ? 9.254   -4.469  -6.857  1.00 3.13  ? 147 THR A N   1 
ATOM   916  C CA  . THR A 1 107 ? 8.441   -4.842  -8.024  1.00 5.06  ? 147 THR A CA  1 
ATOM   917  C C   . THR A 1 107 ? 8.362   -3.660  -8.993  1.00 4.98  ? 147 THR A C   1 
ATOM   918  O O   . THR A 1 107 ? 8.570   -3.816  -10.202 1.00 5.72  ? 147 THR A O   1 
ATOM   919  C CB  . THR A 1 107 ? 7.056   -5.345  -7.597  1.00 4.40  ? 147 THR A CB  1 
ATOM   920  O OG1 . THR A 1 107 ? 7.232   -6.426  -6.665  1.00 4.65  ? 147 THR A OG1 1 
ATOM   921  C CG2 . THR A 1 107 ? 6.276   -5.883  -8.808  1.00 6.57  ? 147 THR A CG2 1 
ATOM   922  N N   . ARG A 1 108 ? 8.116   -2.470  -8.441  1.00 4.46  ? 148 ARG A N   1 
ATOM   923  C CA  . ARG A 1 108 ? 8.087   -1.246  -9.239  1.00 5.83  ? 148 ARG A CA  1 
ATOM   924  C C   . ARG A 1 108 ? 9.396   -1.085  -9.994  1.00 7.72  ? 148 ARG A C   1 
ATOM   925  O O   . ARG A 1 108 ? 9.415   -0.820  -11.185 1.00 4.20  ? 148 ARG A O   1 
ATOM   926  C CB  . ARG A 1 108 ? 7.794   -0.033  -8.372  1.00 6.53  ? 148 ARG A CB  1 
ATOM   927  C CG  . ARG A 1 108 ? 7.817   1.301   -9.145  1.00 6.14  ? 148 ARG A CG  1 
ATOM   928  C CD  . ARG A 1 108 ? 8.118   2.457   -8.304  1.00 9.19  ? 148 ARG A CD  1 
ATOM   929  N NE  . ARG A 1 108 ? 9.498   2.448   -7.828  1.00 5.92  ? 148 ARG A NE  1 
ATOM   930  C CZ  . ARG A 1 108 ? 9.979   3.331   -6.975  1.00 6.91  ? 148 ARG A CZ  1 
ATOM   931  N NH1 . ARG A 1 108 ? 9.201   4.318   -6.536  1.00 8.80  ? 148 ARG A NH1 1 
ATOM   932  N NH2 . ARG A 1 108 ? 11.231  3.223   -6.563  1.00 6.01  ? 148 ARG A NH2 1 
ATOM   933  N N   . ASN A 1 109 ? 10.511  -1.262  -9.281  1.00 3.65  ? 149 ASN A N   1 
ATOM   934  C CA  . ASN A 1 109 ? 11.833  -1.056  -9.876  1.00 5.14  ? 149 ASN A CA  1 
ATOM   935  C C   . ASN A 1 109 ? 12.115  -1.986  -11.044 1.00 3.70  ? 149 ASN A C   1 
ATOM   936  O O   . ASN A 1 109 ? 12.765  -1.588  -12.015 1.00 4.30  ? 149 ASN A O   1 
ATOM   937  C CB  . ASN A 1 109 ? 12.908  -1.168  -8.785  1.00 4.77  ? 149 ASN A CB  1 
ATOM   938  C CG  . ASN A 1 109 ? 12.853  -0.007  -7.788  1.00 7.56  ? 149 ASN A CG  1 
ATOM   939  O OD1 . ASN A 1 109 ? 12.190  1.012   -8.018  1.00 6.23  ? 149 ASN A OD1 1 
ATOM   940  N ND2 . ASN A 1 109 ? 13.567  -0.157  -6.670  1.00 5.41  ? 149 ASN A ND2 1 
ATOM   941  N N   . GLU A 1 110 ? 11.600  -3.211  -10.978 1.00 5.51  ? 150 GLU A N   1 
ATOM   942  C CA  . GLU A 1 110 ? 11.776  -4.154  -12.075 1.00 4.34  ? 150 GLU A CA  1 
ATOM   943  C C   . GLU A 1 110 ? 10.947  -3.713  -13.295 1.00 2.00  ? 150 GLU A C   1 
ATOM   944  O O   . GLU A 1 110 ? 11.418  -3.793  -14.421 1.00 6.13  ? 150 GLU A O   1 
ATOM   945  C CB  . GLU A 1 110 ? 11.359  -5.557  -11.621 1.00 9.88  ? 150 GLU A CB  1 
ATOM   946  C CG  . GLU A 1 110 ? 11.745  -6.699  -12.555 1.00 20.94 ? 150 GLU A CG  1 
ATOM   947  C CD  . GLU A 1 110 ? 13.259  -6.850  -12.789 1.00 23.17 ? 150 GLU A CD  1 
ATOM   948  O OE1 . GLU A 1 110 ? 13.635  -7.546  -13.761 1.00 35.82 ? 150 GLU A OE1 1 
ATOM   949  O OE2 . GLU A 1 110 ? 14.078  -6.285  -12.025 1.00 32.28 ? 150 GLU A OE2 1 
ATOM   950  N N   . PHE A 1 111 ? 9.747   -3.184  -13.040 1.00 2.80  ? 151 PHE A N   1 
ATOM   951  C CA  . PHE A 1 111 ? 8.917   -2.633  -14.163 1.00 4.23  ? 151 PHE A CA  1 
ATOM   952  C C   . PHE A 1 111 ? 9.500   -1.373  -14.811 1.00 6.45  ? 151 PHE A C   1 
ATOM   953  O O   . PHE A 1 111 ? 9.391   -1.218  -16.033 1.00 8.24  ? 151 PHE A O   1 
ATOM   954  C CB  . PHE A 1 111 ? 7.478   -2.324  -13.737 1.00 4.75  ? 151 PHE A CB  1 
ATOM   955  C CG  . PHE A 1 111 ? 6.583   -3.542  -13.636 1.00 5.47  ? 151 PHE A CG  1 
ATOM   956  C CD1 . PHE A 1 111 ? 6.149   -4.186  -14.782 1.00 9.62  ? 151 PHE A CD1 1 
ATOM   957  C CD2 . PHE A 1 111 ? 6.093   -3.963  -12.418 1.00 8.99  ? 151 PHE A CD2 1 
ATOM   958  C CE1 . PHE A 1 111 ? 5.308   -5.285  -14.674 1.00 7.20  ? 151 PHE A CE1 1 
ATOM   959  C CE2 . PHE A 1 111 ? 5.260   -5.073  -12.329 1.00 9.79  ? 151 PHE A CE2 1 
ATOM   960  C CZ  . PHE A 1 111 ? 4.891   -5.717  -13.453 1.00 5.39  ? 151 PHE A CZ  1 
ATOM   961  N N   . VAL A 1 112 ? 10.135  -0.481  -14.036 1.00 5.18  ? 152 VAL A N   1 
ATOM   962  C CA  . VAL A 1 112 ? 10.547  0.818   -14.571 1.00 6.48  ? 152 VAL A CA  1 
ATOM   963  C C   . VAL A 1 112 ? 12.080  0.957   -14.777 1.00 6.63  ? 152 VAL A C   1 
ATOM   964  O O   . VAL A 1 112 ? 12.587  2.020   -15.178 1.00 6.64  ? 152 VAL A O   1 
ATOM   965  C CB  . VAL A 1 112 ? 9.943   1.968   -13.672 1.00 6.86  ? 152 VAL A CB  1 
ATOM   966  C CG1 . VAL A 1 112 ? 8.413   1.809   -13.484 1.00 10.58 ? 152 VAL A CG1 1 
ATOM   967  C CG2 . VAL A 1 112 ? 10.665  2.032   -12.325 1.00 11.16 ? 152 VAL A CG2 1 
ATOM   968  N N   . GLN A 1 113 ? 12.820  -0.138  -14.549 1.00 9.29  ? 153 GLN A N   1 
ATOM   969  C CA  . GLN A 1 113 ? 14.289  -0.152  -14.727 1.00 14.63 ? 153 GLN A CA  1 
ATOM   970  C C   . GLN A 1 113 ? 14.678  0.121   -16.180 1.00 15.83 ? 153 GLN A C   1 
ATOM   971  O O   . GLN A 1 113 ? 13.940  -0.246  -17.101 1.00 14.43 ? 153 GLN A O   1 
ATOM   972  C CB  . GLN A 1 113 ? 14.863  -1.514  -14.303 1.00 15.63 ? 153 GLN A CB  1 
ATOM   973  C CG  . GLN A 1 113 ? 14.616  -2.622  -15.343 1.00 16.98 ? 153 GLN A CG  1 
ATOM   974  C CD  . GLN A 1 113 ? 15.077  -3.992  -14.899 1.00 31.38 ? 153 GLN A CD  1 
ATOM   975  O OE1 . GLN A 1 113 ? 14.258  -4.868  -14.642 1.00 30.45 ? 153 GLN A OE1 1 
ATOM   976  N NE2 . GLN A 1 113 ? 16.392  -4.192  -14.824 1.00 20.87 ? 153 GLN A NE2 1 
ATOM   977  N N   . LYS A 1 114 ? 15.859  0.713   -16.390 1.00 15.23 ? 154 LYS A N   1 
ATOM   978  C CA  . LYS A 1 114 ? 16.322  1.116   -17.741 1.00 18.69 ? 154 LYS A CA  1 
ATOM   979  C C   . LYS A 1 114 ? 16.431  -0.019  -18.779 1.00 22.25 ? 154 LYS A C   1 
ATOM   980  O O   . LYS A 1 114 ? 16.902  -1.113  -18.469 1.00 29.54 ? 154 LYS A O   1 
ATOM   981  C CB  . LYS A 1 114 ? 17.675  1.841   -17.660 1.00 16.81 ? 154 LYS A CB  1 
ATOM   982  C CG  . LYS A 1 114 ? 17.622  3.197   -16.944 1.00 32.86 ? 154 LYS A CG  1 
ATOM   983  C CD  . LYS A 1 114 ? 19.031  3.765   -16.710 1.00 29.15 ? 154 LYS A CD  1 
HETATM 984  O O   . HOH B 2 .   ? -5.554  -1.348  11.868  1.00 7.96  ? 1   HOH A O   1 
HETATM 985  O O   . HOH B 2 .   ? -5.858  -1.018  7.774   1.00 7.99  ? 2   HOH A O   1 
HETATM 986  O O   . HOH B 2 .   ? -2.812  2.079   9.439   1.00 7.92  ? 3   HOH A O   1 
HETATM 987  O O   . HOH B 2 .   ? -11.751 0.802   17.440  1.00 2.44  ? 4   HOH A O   1 
HETATM 988  O O   . HOH B 2 .   ? 7.096   5.847   -8.146  1.00 8.78  ? 5   HOH A O   1 
HETATM 989  O O   . HOH B 2 .   ? -4.894  -3.724  10.740  1.00 9.01  ? 6   HOH A O   1 
HETATM 990  O O   . HOH B 2 .   ? -8.027  -4.272  7.216   1.00 11.04 ? 7   HOH A O   1 
HETATM 991  O O   . HOH B 2 .   ? -0.536  -9.350  0.646   1.00 9.17  ? 8   HOH A O   1 
HETATM 992  O O   . HOH B 2 .   ? 0.736   -15.038 -4.229  1.00 8.93  ? 9   HOH A O   1 
HETATM 993  O O   . HOH B 2 .   ? -4.724  0.772   5.898   1.00 13.81 ? 10  HOH A O   1 
HETATM 994  O O   . HOH B 2 .   ? -4.450  4.797   7.058   1.00 6.58  ? 11  HOH A O   1 
HETATM 995  O O   . HOH B 2 .   ? -1.379  -11.442 -9.258  1.00 11.52 ? 12  HOH A O   1 
HETATM 996  O O   . HOH B 2 .   ? -6.721  0.053   15.914  1.00 5.09  ? 13  HOH A O   1 
HETATM 997  O O   . HOH B 2 .   ? -1.624  10.718  7.744   1.00 7.49  ? 14  HOH A O   1 
HETATM 998  O O   . HOH B 2 .   ? -18.896 1.794   13.609  1.00 5.45  ? 15  HOH A O   1 
HETATM 999  O O   . HOH B 2 .   ? 4.626   7.156   -14.272 1.00 7.81  ? 16  HOH A O   1 
HETATM 1000 O O   . HOH B 2 .   ? -9.879  -1.641  10.182  1.00 14.27 ? 17  HOH A O   1 
HETATM 1001 O O   . HOH B 2 .   ? -1.162  5.142   -19.118 1.00 7.87  ? 18  HOH A O   1 
HETATM 1002 O O   . HOH B 2 .   ? -2.765  2.287   6.737   1.00 11.68 ? 19  HOH A O   1 
HETATM 1003 O O   . HOH B 2 .   ? 10.372  -1.291  4.174   1.00 10.39 ? 20  HOH A O   1 
HETATM 1004 O O   . HOH B 2 .   ? 9.806   0.828   5.571   1.00 15.08 ? 21  HOH A O   1 
HETATM 1005 O O   . HOH B 2 .   ? -2.131  -19.571 3.155   1.00 6.67  ? 22  HOH A O   1 
HETATM 1006 O O   . HOH B 2 .   ? 7.986   5.782   -19.670 1.00 9.10  ? 23  HOH A O   1 
HETATM 1007 O O   . HOH B 2 .   ? -0.141  7.558   -18.527 1.00 7.50  ? 24  HOH A O   1 
HETATM 1008 O O   . HOH B 2 .   ? -12.745 0.988   12.721  1.00 7.87  ? 25  HOH A O   1 
HETATM 1009 O O   . HOH B 2 .   ? -12.279 -0.179  10.099  1.00 14.74 ? 26  HOH A O   1 
HETATM 1010 O O   . HOH B 2 .   ? 5.858   -11.541 6.932   1.00 14.63 ? 27  HOH A O   1 
HETATM 1011 O O   . HOH B 2 .   ? -11.050 0.808   14.819  1.00 5.43  ? 28  HOH A O   1 
HETATM 1012 O O   . HOH B 2 .   ? -4.941  0.443   9.910   1.00 9.67  ? 29  HOH A O   1 
HETATM 1013 O O   . HOH B 2 .   ? -8.204  -1.830  12.179  1.00 12.14 ? 30  HOH A O   1 
HETATM 1014 O O   . HOH B 2 .   ? 7.467   8.247   -6.600  1.00 12.10 ? 31  HOH A O   1 
HETATM 1015 O O   . HOH B 2 .   ? 1.771   9.052   7.493   1.00 12.02 ? 32  HOH A O   1 
HETATM 1016 O O   . HOH B 2 .   ? 15.145  -2.451  -6.420  1.00 12.13 ? 33  HOH A O   1 
HETATM 1017 O O   . HOH B 2 .   ? 9.813   -7.244  1.243   1.00 10.06 ? 34  HOH A O   1 
HETATM 1018 O O   . HOH B 2 .   ? 7.399   -2.683  19.488  1.00 12.91 ? 35  HOH A O   1 
HETATM 1019 O O   . HOH B 2 .   ? -1.470  9.864   -5.001  1.00 13.20 ? 36  HOH A O   1 
HETATM 1020 O O   . HOH B 2 .   ? -5.852  3.568   -12.549 1.00 13.71 ? 37  HOH A O   1 
HETATM 1021 O O   . HOH B 2 .   ? 2.714   9.878   0.428   1.00 11.64 ? 38  HOH A O   1 
HETATM 1022 O O   . HOH B 2 .   ? 13.342  -8.385  -5.643  1.00 12.28 ? 39  HOH A O   1 
HETATM 1023 O O   . HOH B 2 .   ? 13.984  -4.469  -7.838  1.00 10.04 ? 40  HOH A O   1 
HETATM 1024 O O   . HOH B 2 .   ? 3.241   -9.141  9.892   1.00 13.92 ? 157 HOH A O   1 
HETATM 1025 O O   . HOH B 2 .   ? 4.572   -0.946  -19.533 1.00 16.78 ? 158 HOH A O   1 
HETATM 1026 O O   . HOH B 2 .   ? 9.879   -4.511  12.969  1.00 17.12 ? 159 HOH A O   1 
HETATM 1027 O O   . HOH B 2 .   ? -3.600  -14.678 5.628   1.00 16.68 ? 160 HOH A O   1 
HETATM 1028 O O   . HOH B 2 .   ? 5.522   -9.338  8.065   1.00 18.53 ? 161 HOH A O   1 
HETATM 1029 O O   . HOH B 2 .   ? 9.127   -6.568  8.348   1.00 16.37 ? 162 HOH A O   1 
HETATM 1030 O O   . HOH B 2 .   ? 5.863   8.931   -2.655  1.00 20.04 ? 163 HOH A O   1 
HETATM 1031 O O   . HOH B 2 .   ? 5.393   3.309   15.290  1.00 13.13 ? 164 HOH A O   1 
HETATM 1032 O O   . HOH B 2 .   ? -12.867 -0.618  -3.259  1.00 13.69 ? 165 HOH A O   1 
HETATM 1033 O O   . HOH B 2 .   ? 7.189   9.612   9.180   1.00 15.47 ? 166 HOH A O   1 
HETATM 1034 O O   . HOH B 2 .   ? -4.624  -20.303 3.605   1.00 15.84 ? 167 HOH A O   1 
HETATM 1035 O O   . HOH B 2 .   ? 3.910   -10.928 12.087  1.00 31.24 ? 168 HOH A O   1 
HETATM 1036 O O   . HOH B 2 .   ? 11.232  -19.236 1.629   1.00 29.64 ? 169 HOH A O   1 
HETATM 1037 O O   . HOH B 2 .   ? 5.488   9.361   -5.307  1.00 12.68 ? 170 HOH A O   1 
HETATM 1038 O O   . HOH B 2 .   ? 11.901  -0.364  1.859   1.00 27.16 ? 171 HOH A O   1 
HETATM 1039 O O   . HOH B 2 .   ? 8.263   5.471   -10.516 1.00 20.37 ? 172 HOH A O   1 
HETATM 1040 O O   . HOH B 2 .   ? -9.761  12.116  6.306   1.00 25.36 ? 173 HOH A O   1 
HETATM 1041 O O   . HOH B 2 .   ? -0.318  12.517  6.172   1.00 16.29 ? 174 HOH A O   1 
HETATM 1042 O O   . HOH B 2 .   ? -2.902  -15.015 -3.087  1.00 18.82 ? 175 HOH A O   1 
HETATM 1043 O O   . HOH B 2 .   ? -8.162  11.685  18.166  1.00 21.22 ? 176 HOH A O   1 
HETATM 1044 O O   . HOH B 2 .   ? -6.299  13.053  12.372  1.00 13.28 ? 177 HOH A O   1 
HETATM 1045 O O   . HOH B 2 .   ? -2.023  7.852   19.918  1.00 20.47 ? 178 HOH A O   1 
HETATM 1046 O O   . HOH B 2 .   ? -10.657 11.899  13.724  1.00 20.76 ? 179 HOH A O   1 
HETATM 1047 O O   . HOH B 2 .   ? 12.993  2.881   -9.873  1.00 19.30 ? 180 HOH A O   1 
HETATM 1048 O O   . HOH B 2 .   ? 11.132  5.055   -9.686  1.00 23.83 ? 181 HOH A O   1 
HETATM 1049 O O   . HOH B 2 .   ? -2.976  -0.371  -20.426 1.00 16.43 ? 182 HOH A O   1 
HETATM 1050 O O   . HOH B 2 .   ? 15.181  -4.166  -10.520 1.00 16.15 ? 183 HOH A O   1 
HETATM 1051 O O   . HOH B 2 .   ? 13.107  -0.757  -0.110  1.00 26.15 ? 184 HOH A O   1 
HETATM 1052 O O   . HOH B 2 .   ? 15.253  -6.205  -6.119  1.00 20.02 ? 185 HOH A O   1 
HETATM 1053 O O   . HOH B 2 .   ? 3.032   10.032  4.659   1.00 22.68 ? 186 HOH A O   1 
HETATM 1054 O O   . HOH B 2 .   ? -5.398  -18.537 0.794   1.00 25.81 ? 187 HOH A O   1 
HETATM 1055 O O   . HOH B 2 .   ? -10.741 10.355  15.943  1.00 19.86 ? 188 HOH A O   1 
HETATM 1056 O O   . HOH B 2 .   ? 9.959   -4.627  10.261  1.00 22.08 ? 189 HOH A O   1 
HETATM 1057 O O   . HOH B 2 .   ? -14.679 -0.647  8.950   1.00 24.31 ? 190 HOH A O   1 
HETATM 1058 O O   . HOH B 2 .   ? 0.309   -1.451  -21.963 1.00 15.83 ? 191 HOH A O   1 
HETATM 1059 O O   . HOH B 2 .   ? 5.553   10.807  5.308   1.00 25.23 ? 192 HOH A O   1 
HETATM 1060 O O   . HOH B 2 .   ? 4.697   10.880  -0.820  1.00 23.56 ? 193 HOH A O   1 
HETATM 1061 O O   . HOH B 2 .   ? -12.664 2.865   7.254   1.00 25.60 ? 194 HOH A O   1 
HETATM 1062 O O   . HOH B 2 .   ? 8.311   -14.390 4.308   1.00 22.28 ? 195 HOH A O   1 
HETATM 1063 O O   . HOH B 2 .   ? -1.219  13.996  12.825  1.00 26.54 ? 196 HOH A O   1 
HETATM 1064 O O   . HOH B 2 .   ? -3.210  14.183  13.609  1.00 24.38 ? 197 HOH A O   1 
HETATM 1065 O O   . HOH B 2 .   ? -10.853 -5.740  6.936   1.00 21.58 ? 198 HOH A O   1 
HETATM 1066 O O   . HOH B 2 .   ? -9.437  -4.698  -8.781  1.00 34.18 ? 199 HOH A O   1 
HETATM 1067 O O   . HOH B 2 .   ? -9.008  -6.563  -7.005  1.00 27.14 ? 200 HOH A O   1 
HETATM 1068 O O   . HOH B 2 .   ? -4.438  -2.103  -17.688 1.00 31.23 ? 201 HOH A O   1 
HETATM 1069 O O   . HOH B 2 .   ? -7.093  -8.340  -11.705 1.00 33.70 ? 202 HOH A O   1 
HETATM 1070 O O   . HOH B 2 .   ? -5.830  -10.379 -11.497 1.00 26.25 ? 203 HOH A O   1 
HETATM 1071 O O   . HOH B 2 .   ? -5.432  -12.065 -2.856  1.00 19.45 ? 204 HOH A O   1 
HETATM 1072 O O   . HOH B 2 .   ? -8.955  -10.043 0.455   1.00 33.08 ? 205 HOH A O   1 
HETATM 1073 O O   . HOH B 2 .   ? 5.563   6.623   -18.795 1.00 21.60 ? 206 HOH A O   1 
HETATM 1074 O O   . HOH B 2 .   ? -3.732  2.024   -13.234 1.00 21.03 ? 207 HOH A O   1 
HETATM 1075 O O   . HOH B 2 .   ? 15.102  0.553   -11.206 1.00 25.88 ? 208 HOH A O   1 
HETATM 1076 O O   . HOH B 2 .   ? 8.631   -7.306  -14.563 1.00 30.57 ? 209 HOH A O   1 
HETATM 1077 O O   . HOH B 2 .   ? 8.111   -7.308  -11.828 1.00 30.62 ? 210 HOH A O   1 
HETATM 1078 O O   . HOH B 2 .   ? 9.152   -8.734  -10.337 1.00 20.61 ? 211 HOH A O   1 
HETATM 1079 O O   . HOH B 2 .   ? 11.634  -7.450  -8.771  1.00 34.02 ? 212 HOH A O   1 
HETATM 1080 O O   . HOH B 2 .   ? -13.907 7.665   9.236   1.00 22.24 ? 213 HOH A O   1 
HETATM 1081 O O   . HOH B 2 .   ? 17.039  -0.681  -8.983  1.00 24.54 ? 214 HOH A O   1 
HETATM 1082 O O   . HOH B 2 .   ? 7.755   7.519   -1.800  1.00 20.28 ? 215 HOH A O   1 
HETATM 1083 O O   . HOH B 2 .   ? -8.987  -6.069  -5.148  1.00 23.38 ? 216 HOH A O   1 
HETATM 1084 O O   . HOH B 2 .   ? -3.878  10.338  -6.431  1.00 23.48 ? 217 HOH A O   1 
HETATM 1085 O O   . HOH B 2 .   ? -4.857  9.900   -1.992  1.00 21.25 ? 218 HOH A O   1 
HETATM 1086 O O   . HOH B 2 .   ? -0.966  10.130  -1.154  1.00 26.79 ? 219 HOH A O   1 
HETATM 1087 O O   . HOH B 2 .   ? -6.926  9.101   -1.032  1.00 40.71 ? 220 HOH A O   1 
HETATM 1088 O O   . HOH B 2 .   ? 11.112  3.732   -16.893 1.00 20.53 ? 221 HOH A O   1 
HETATM 1089 O O   . HOH B 2 .   ? 11.098  1.793   9.324   1.00 28.04 ? 222 HOH A O   1 
HETATM 1090 O O   . HOH B 2 .   ? 12.064  -0.496  7.294   1.00 32.87 ? 223 HOH A O   1 
HETATM 1091 O O   . HOH B 2 .   ? 8.350   -9.021  8.460   1.00 28.64 ? 224 HOH A O   1 
HETATM 1092 O O   . HOH B 2 .   ? 4.288   -9.861  15.210  1.00 25.63 ? 225 HOH A O   1 
HETATM 1093 O O   . HOH B 2 .   ? -1.480  12.059  -14.038 1.00 16.86 ? 226 HOH A O   1 
HETATM 1094 O O   . HOH B 2 .   ? 0.562   13.022  -12.410 1.00 19.15 ? 227 HOH A O   1 
HETATM 1095 O O   . HOH B 2 .   ? 2.176   10.099  -16.342 1.00 30.43 ? 228 HOH A O   1 
HETATM 1096 O O   . HOH B 2 .   ? 6.209   -0.843  -21.491 1.00 20.10 ? 229 HOH A O   1 
HETATM 1097 O O   . HOH B 2 .   ? 7.004   -3.534  -22.743 1.00 26.89 ? 230 HOH A O   1 
HETATM 1098 O O   . HOH B 2 .   ? -7.288  10.675  -3.377  1.00 30.28 ? 231 HOH A O   1 
HETATM 1099 O O   . HOH B 2 .   ? -0.017  12.225  -4.904  1.00 18.01 ? 232 HOH A O   1 
HETATM 1100 O O   . HOH B 2 .   ? 2.586   12.006  -6.504  1.00 26.77 ? 233 HOH A O   1 
HETATM 1101 O O   . HOH B 2 .   ? 3.923   12.817  -2.711  1.00 31.87 ? 234 HOH A O   1 
HETATM 1102 O O   . HOH B 2 .   ? 4.197   16.771  -0.555  1.00 38.49 ? 235 HOH A O   1 
HETATM 1103 O O   . HOH B 2 .   ? 0.457   11.578  0.135   1.00 31.85 ? 236 HOH A O   1 
HETATM 1104 O O   . HOH B 2 .   ? 5.722   11.662  7.553   1.00 30.00 ? 237 HOH A O   1 
HETATM 1105 O O   . HOH B 2 .   ? 1.209   10.610  10.056  1.00 27.12 ? 238 HOH A O   1 
HETATM 1106 O O   . HOH B 2 .   ? 4.352   9.862   10.943  1.00 25.87 ? 239 HOH A O   1 
HETATM 1107 O O   . HOH B 2 .   ? 3.746   8.739   15.470  1.00 28.29 ? 240 HOH A O   1 
HETATM 1108 O O   . HOH B 2 .   ? -13.209 -6.452  -5.166  1.00 30.08 ? 241 HOH A O   1 
HETATM 1109 O O   . HOH B 2 .   ? -10.007 10.048  -4.939  1.00 28.23 ? 242 HOH A O   1 
HETATM 1110 O O   . HOH B 2 .   ? 8.875   -13.761 1.504   1.00 24.28 ? 243 HOH A O   1 
HETATM 1111 O O   . HOH B 2 .   ? 11.345  -15.403 0.802   1.00 30.99 ? 244 HOH A O   1 
HETATM 1112 O O   . HOH B 2 .   ? -6.048  -10.168 10.498  1.00 38.20 ? 245 HOH A O   1 
HETATM 1113 O O   . HOH B 2 .   ? -7.422  -8.023  9.178   1.00 28.94 ? 246 HOH A O   1 
HETATM 1114 O O   . HOH B 2 .   ? -12.313 -6.362  5.560   1.00 35.78 ? 247 HOH A O   1 
HETATM 1115 O O   . HOH B 2 .   ? -12.478 -7.765  2.555   1.00 30.45 ? 248 HOH A O   1 
HETATM 1116 O O   . HOH B 2 .   ? -3.003  -18.615 -2.789  1.00 29.47 ? 249 HOH A O   1 
HETATM 1117 O O   . HOH B 2 .   ? 6.898   -11.561 11.261  1.00 31.37 ? 250 HOH A O   1 
HETATM 1118 O O   . HOH B 2 .   ? 8.827   -11.658 13.190  1.00 34.23 ? 251 HOH A O   1 
HETATM 1119 O O   . HOH B 2 .   ? 13.979  -3.739  3.817   1.00 29.04 ? 252 HOH A O   1 
HETATM 1120 O O   . HOH B 2 .   ? 11.500  -10.288 5.480   1.00 28.84 ? 253 HOH A O   1 
HETATM 1121 O O   . HOH B 2 .   ? -5.090  9.337   25.679  1.00 31.03 ? 254 HOH A O   1 
HETATM 1122 O O   . HOH B 2 .   ? -4.390  6.848   24.881  1.00 34.07 ? 255 HOH A O   1 
HETATM 1123 O O   . HOH B 2 .   ? -7.081  -5.521  -10.086 1.00 27.20 ? 256 HOH A O   1 
HETATM 1124 O O   . HOH B 2 .   ? -15.781 8.148   11.173  1.00 30.00 ? 257 HOH A O   1 
# 
loop_
_pdbx_poly_seq_scheme.asym_id 
_pdbx_poly_seq_scheme.entity_id 
_pdbx_poly_seq_scheme.seq_id 
_pdbx_poly_seq_scheme.mon_id 
_pdbx_poly_seq_scheme.ndb_seq_num 
_pdbx_poly_seq_scheme.pdb_seq_num 
_pdbx_poly_seq_scheme.auth_seq_num 
_pdbx_poly_seq_scheme.pdb_mon_id 
_pdbx_poly_seq_scheme.auth_mon_id 
_pdbx_poly_seq_scheme.pdb_strand_id 
_pdbx_poly_seq_scheme.pdb_ins_code 
_pdbx_poly_seq_scheme.hetero 
A 1 1   SER 1   41  41  SER SER A . n 
A 1 2   MET 2   42  42  MET MET A . n 
A 1 3   THR 3   43  43  THR THR A . n 
A 1 4   VAL 4   44  44  VAL VAL A . n 
A 1 5   ASP 5   45  45  ASP ASP A . n 
A 1 6   PRO 6   46  46  PRO PRO A . n 
A 1 7   ILE 7   47  47  ILE ILE A . n 
A 1 8   ALA 8   48  48  ALA ALA A . n 
A 1 9   VAL 9   49  49  VAL VAL A . n 
A 1 10  CYS 10  50  50  CYS CYS A . n 
A 1 11  HIS 11  51  51  HIS HIS A . n 
A 1 12  GLU 12  52  52  GLU GLU A . n 
A 1 13  LEU 13  53  53  LEU LEU A . n 
A 1 14  TYR 14  54  54  TYR TYR A . n 
A 1 15  ASN 15  55  55  ASN ASN A . n 
A 1 16  THR 16  56  56  THR THR A . n 
A 1 17  ILE 17  57  57  ILE ILE A . n 
A 1 18  ARG 18  58  58  ARG ARG A . n 
A 1 19  ASP 19  59  59  ASP ASP A . n 
A 1 20  TYR 20  60  60  TYR TYR A . n 
A 1 21  LYS 21  61  61  LYS LYS A . n 
A 1 22  ASP 22  62  62  ASP ASP A . n 
A 1 23  GLU 23  63  63  GLU GLU A . n 
A 1 24  GLN 24  64  64  GLN GLN A . n 
A 1 25  GLY 25  65  65  GLY GLY A . n 
A 1 26  ARG 26  66  66  ARG ARG A . n 
A 1 27  LEU 27  67  67  LEU LEU A . n 
A 1 28  LEU 28  68  68  LEU LEU A . n 
A 1 29  CYS 29  69  69  CYS CYS A . n 
A 1 30  GLU 30  70  70  GLU GLU A . n 
A 1 31  LEU 31  71  71  LEU LEU A . n 
A 1 32  PHE 32  72  72  PHE PHE A . n 
A 1 33  ILE 33  73  73  ILE ILE A . n 
A 1 34  ARG 34  74  74  ARG ARG A . n 
A 1 35  ALA 35  75  75  ALA ALA A . n 
A 1 36  PRO 36  76  76  PRO PRO A . n 
A 1 37  LYS 37  77  77  LYS LYS A . n 
A 1 38  ARG 38  78  78  ARG ARG A . n 
A 1 39  ARG 39  79  79  ARG ARG A . n 
A 1 40  ASN 40  80  80  ASN ASN A . n 
A 1 41  GLN 41  81  81  GLN GLN A . n 
A 1 42  PRO 42  82  82  PRO PRO A . n 
A 1 43  ASP 43  83  83  ASP ASP A . n 
A 1 44  TYR 44  84  84  TYR TYR A . n 
A 1 45  TYR 45  85  85  TYR TYR A . n 
A 1 46  GLU 46  86  86  GLU GLU A . n 
A 1 47  VAL 47  87  87  VAL VAL A . n 
A 1 48  VAL 48  88  88  VAL VAL A . n 
A 1 49  SER 49  89  89  SER SER A . n 
A 1 50  GLN 50  90  90  GLN GLN A . n 
A 1 51  PRO 51  91  91  PRO PRO A . n 
A 1 52  ILE 52  92  92  ILE ILE A . n 
A 1 53  ASP 53  93  93  ASP ASP A . n 
A 1 54  LEU 54  94  94  LEU LEU A . n 
A 1 55  MET 55  95  95  MET MET A . n 
A 1 56  LYS 56  96  96  LYS LYS A . n 
A 1 57  ILE 57  97  97  ILE ILE A . n 
A 1 58  GLN 58  98  98  GLN GLN A . n 
A 1 59  GLN 59  99  99  GLN GLN A . n 
A 1 60  LYS 60  100 100 LYS LYS A . n 
A 1 61  LEU 61  101 101 LEU LEU A . n 
A 1 62  LYS 62  102 102 LYS LYS A . n 
A 1 63  MET 63  103 103 MET MET A . n 
A 1 64  GLU 64  104 104 GLU GLU A . n 
A 1 65  GLU 65  105 105 GLU GLU A . n 
A 1 66  TYR 66  106 106 TYR TYR A . n 
A 1 67  ASP 67  107 107 ASP ASP A . n 
A 1 68  ASP 68  108 108 ASP ASP A . n 
A 1 69  VAL 69  109 109 VAL VAL A . n 
A 1 70  ASN 70  110 110 ASN ASN A . n 
A 1 71  LEU 71  111 111 LEU LEU A . n 
A 1 72  LEU 72  112 112 LEU LEU A . n 
A 1 73  THR 73  113 113 THR THR A . n 
A 1 74  ALA 74  114 114 ALA ALA A . n 
A 1 75  ASP 75  115 115 ASP ASP A . n 
A 1 76  PHE 76  116 116 PHE PHE A . n 
A 1 77  GLN 77  117 117 GLN GLN A . n 
A 1 78  LEU 78  118 118 LEU LEU A . n 
A 1 79  LEU 79  119 119 LEU LEU A . n 
A 1 80  PHE 80  120 120 PHE PHE A . n 
A 1 81  ASN 81  121 121 ASN ASN A . n 
A 1 82  ASN 82  122 122 ASN ASN A . n 
A 1 83  ALA 83  123 123 ALA ALA A . n 
A 1 84  LYS 84  124 124 LYS LYS A . n 
A 1 85  SER 85  125 125 SER SER A . n 
A 1 86  TYR 86  126 126 TYR TYR A . n 
A 1 87  TYR 87  127 127 TYR TYR A . n 
A 1 88  LYS 88  128 128 LYS LYS A . n 
A 1 89  PRO 89  129 129 PRO PRO A . n 
A 1 90  ASP 90  130 130 ASP ASP A . n 
A 1 91  SER 91  131 131 SER SER A . n 
A 1 92  PRO 92  132 132 PRO PRO A . n 
A 1 93  GLU 93  133 133 GLU GLU A . n 
A 1 94  TYR 94  134 134 TYR TYR A . n 
A 1 95  LYS 95  135 135 LYS LYS A . n 
A 1 96  ALA 96  136 136 ALA ALA A . n 
A 1 97  ALA 97  137 137 ALA ALA A . n 
A 1 98  CYS 98  138 138 CYS CYS A . n 
A 1 99  LYS 99  139 139 LYS LYS A . n 
A 1 100 LEU 100 140 140 LEU LEU A . n 
A 1 101 TRP 101 141 141 TRP TRP A . n 
A 1 102 ASP 102 142 142 ASP ASP A . n 
A 1 103 LEU 103 143 143 LEU LEU A . n 
A 1 104 TYR 104 144 144 TYR TYR A . n 
A 1 105 LEU 105 145 145 LEU LEU A . n 
A 1 106 ARG 106 146 146 ARG ARG A . n 
A 1 107 THR 107 147 147 THR THR A . n 
A 1 108 ARG 108 148 148 ARG ARG A . n 
A 1 109 ASN 109 149 149 ASN ASN A . n 
A 1 110 GLU 110 150 150 GLU GLU A . n 
A 1 111 PHE 111 151 151 PHE PHE A . n 
A 1 112 VAL 112 152 152 VAL VAL A . n 
A 1 113 GLN 113 153 153 GLN GLN A . n 
A 1 114 LYS 114 154 154 LYS LYS A . n 
A 1 115 GLY 115 155 ?   ?   ?   A . n 
A 1 116 GLU 116 156 ?   ?   ?   A . n 
# 
_pdbx_SG_project.id                    1 
_pdbx_SG_project.project_name          ? 
_pdbx_SG_project.full_name_of_center   'Structural Genomics Consortium' 
_pdbx_SG_project.initial_of_center     SGC 
# 
loop_
_pdbx_nonpoly_scheme.asym_id 
_pdbx_nonpoly_scheme.entity_id 
_pdbx_nonpoly_scheme.mon_id 
_pdbx_nonpoly_scheme.ndb_seq_num 
_pdbx_nonpoly_scheme.pdb_seq_num 
_pdbx_nonpoly_scheme.auth_seq_num 
_pdbx_nonpoly_scheme.pdb_mon_id 
_pdbx_nonpoly_scheme.auth_mon_id 
_pdbx_nonpoly_scheme.pdb_strand_id 
_pdbx_nonpoly_scheme.pdb_ins_code 
B 2 HOH 1   1   1   HOH HOH A . 
B 2 HOH 2   2   2   HOH HOH A . 
B 2 HOH 3   3   3   HOH HOH A . 
B 2 HOH 4   4   4   HOH HOH A . 
B 2 HOH 5   5   5   HOH HOH A . 
B 2 HOH 6   6   6   HOH HOH A . 
B 2 HOH 7   7   7   HOH HOH A . 
B 2 HOH 8   8   8   HOH HOH A . 
B 2 HOH 9   9   9   HOH HOH A . 
B 2 HOH 10  10  10  HOH HOH A . 
B 2 HOH 11  11  11  HOH HOH A . 
B 2 HOH 12  12  12  HOH HOH A . 
B 2 HOH 13  13  13  HOH HOH A . 
B 2 HOH 14  14  14  HOH HOH A . 
B 2 HOH 15  15  15  HOH HOH A . 
B 2 HOH 16  16  16  HOH HOH A . 
B 2 HOH 17  17  17  HOH HOH A . 
B 2 HOH 18  18  18  HOH HOH A . 
B 2 HOH 19  19  19  HOH HOH A . 
B 2 HOH 20  20  20  HOH HOH A . 
B 2 HOH 21  21  21  HOH HOH A . 
B 2 HOH 22  22  22  HOH HOH A . 
B 2 HOH 23  23  23  HOH HOH A . 
B 2 HOH 24  24  24  HOH HOH A . 
B 2 HOH 25  25  25  HOH HOH A . 
B 2 HOH 26  26  26  HOH HOH A . 
B 2 HOH 27  27  27  HOH HOH A . 
B 2 HOH 28  28  28  HOH HOH A . 
B 2 HOH 29  29  29  HOH HOH A . 
B 2 HOH 30  30  30  HOH HOH A . 
B 2 HOH 31  31  31  HOH HOH A . 
B 2 HOH 32  32  32  HOH HOH A . 
B 2 HOH 33  33  33  HOH HOH A . 
B 2 HOH 34  34  34  HOH HOH A . 
B 2 HOH 35  35  35  HOH HOH A . 
B 2 HOH 36  36  36  HOH HOH A . 
B 2 HOH 37  37  37  HOH HOH A . 
B 2 HOH 38  38  38  HOH HOH A . 
B 2 HOH 39  39  39  HOH HOH A . 
B 2 HOH 40  40  40  HOH HOH A . 
B 2 HOH 41  157 41  HOH HOH A . 
B 2 HOH 42  158 42  HOH HOH A . 
B 2 HOH 43  159 43  HOH HOH A . 
B 2 HOH 44  160 44  HOH HOH A . 
B 2 HOH 45  161 45  HOH HOH A . 
B 2 HOH 46  162 46  HOH HOH A . 
B 2 HOH 47  163 47  HOH HOH A . 
B 2 HOH 48  164 48  HOH HOH A . 
B 2 HOH 49  165 49  HOH HOH A . 
B 2 HOH 50  166 50  HOH HOH A . 
B 2 HOH 51  167 51  HOH HOH A . 
B 2 HOH 52  168 52  HOH HOH A . 
B 2 HOH 53  169 53  HOH HOH A . 
B 2 HOH 54  170 54  HOH HOH A . 
B 2 HOH 55  171 55  HOH HOH A . 
B 2 HOH 56  172 56  HOH HOH A . 
B 2 HOH 57  173 57  HOH HOH A . 
B 2 HOH 58  174 58  HOH HOH A . 
B 2 HOH 59  175 59  HOH HOH A . 
B 2 HOH 60  176 60  HOH HOH A . 
B 2 HOH 61  177 61  HOH HOH A . 
B 2 HOH 62  178 62  HOH HOH A . 
B 2 HOH 63  179 63  HOH HOH A . 
B 2 HOH 64  180 64  HOH HOH A . 
B 2 HOH 65  181 65  HOH HOH A . 
B 2 HOH 66  182 66  HOH HOH A . 
B 2 HOH 67  183 67  HOH HOH A . 
B 2 HOH 68  184 68  HOH HOH A . 
B 2 HOH 69  185 69  HOH HOH A . 
B 2 HOH 70  186 70  HOH HOH A . 
B 2 HOH 71  187 71  HOH HOH A . 
B 2 HOH 72  188 72  HOH HOH A . 
B 2 HOH 73  189 73  HOH HOH A . 
B 2 HOH 74  190 74  HOH HOH A . 
B 2 HOH 75  191 75  HOH HOH A . 
B 2 HOH 76  192 76  HOH HOH A . 
B 2 HOH 77  193 77  HOH HOH A . 
B 2 HOH 78  194 78  HOH HOH A . 
B 2 HOH 79  195 79  HOH HOH A . 
B 2 HOH 80  196 80  HOH HOH A . 
B 2 HOH 81  197 81  HOH HOH A . 
B 2 HOH 82  198 82  HOH HOH A . 
B 2 HOH 83  199 83  HOH HOH A . 
B 2 HOH 84  200 84  HOH HOH A . 
B 2 HOH 85  201 85  HOH HOH A . 
B 2 HOH 86  202 86  HOH HOH A . 
B 2 HOH 87  203 87  HOH HOH A . 
B 2 HOH 88  204 88  HOH HOH A . 
B 2 HOH 89  205 89  HOH HOH A . 
B 2 HOH 90  206 90  HOH HOH A . 
B 2 HOH 91  207 91  HOH HOH A . 
B 2 HOH 92  208 92  HOH HOH A . 
B 2 HOH 93  209 93  HOH HOH A . 
B 2 HOH 94  210 94  HOH HOH A . 
B 2 HOH 95  211 95  HOH HOH A . 
B 2 HOH 96  212 96  HOH HOH A . 
B 2 HOH 97  213 97  HOH HOH A . 
B 2 HOH 98  214 98  HOH HOH A . 
B 2 HOH 99  215 99  HOH HOH A . 
B 2 HOH 100 216 100 HOH HOH A . 
B 2 HOH 101 217 101 HOH HOH A . 
B 2 HOH 102 218 102 HOH HOH A . 
B 2 HOH 103 219 103 HOH HOH A . 
B 2 HOH 104 220 104 HOH HOH A . 
B 2 HOH 105 221 105 HOH HOH A . 
B 2 HOH 106 222 106 HOH HOH A . 
B 2 HOH 107 223 107 HOH HOH A . 
B 2 HOH 108 224 108 HOH HOH A . 
B 2 HOH 109 225 109 HOH HOH A . 
B 2 HOH 110 226 110 HOH HOH A . 
B 2 HOH 111 227 111 HOH HOH A . 
B 2 HOH 112 228 112 HOH HOH A . 
B 2 HOH 113 229 113 HOH HOH A . 
B 2 HOH 114 230 114 HOH HOH A . 
B 2 HOH 115 231 115 HOH HOH A . 
B 2 HOH 116 232 116 HOH HOH A . 
B 2 HOH 117 233 117 HOH HOH A . 
B 2 HOH 118 234 118 HOH HOH A . 
B 2 HOH 119 235 119 HOH HOH A . 
B 2 HOH 120 236 120 HOH HOH A . 
B 2 HOH 121 237 121 HOH HOH A . 
B 2 HOH 122 238 122 HOH HOH A . 
B 2 HOH 123 239 123 HOH HOH A . 
B 2 HOH 124 240 124 HOH HOH A . 
B 2 HOH 125 241 125 HOH HOH A . 
B 2 HOH 126 242 126 HOH HOH A . 
B 2 HOH 127 243 128 HOH HOH A . 
B 2 HOH 128 244 129 HOH HOH A . 
B 2 HOH 129 245 130 HOH HOH A . 
B 2 HOH 130 246 131 HOH HOH A . 
B 2 HOH 131 247 132 HOH HOH A . 
B 2 HOH 132 248 133 HOH HOH A . 
B 2 HOH 133 249 134 HOH HOH A . 
B 2 HOH 134 250 135 HOH HOH A . 
B 2 HOH 135 251 136 HOH HOH A . 
B 2 HOH 136 252 137 HOH HOH A . 
B 2 HOH 137 253 138 HOH HOH A . 
B 2 HOH 138 254 139 HOH HOH A . 
B 2 HOH 139 255 140 HOH HOH A . 
B 2 HOH 140 256 141 HOH HOH A . 
B 2 HOH 141 257 142 HOH HOH A . 
# 
_pdbx_struct_assembly.id                   1 
_pdbx_struct_assembly.details              software_defined_assembly 
_pdbx_struct_assembly.method_details       PISA 
_pdbx_struct_assembly.oligomeric_details   monomeric 
_pdbx_struct_assembly.oligomeric_count     1 
# 
_pdbx_struct_assembly_gen.assembly_id       1 
_pdbx_struct_assembly_gen.oper_expression   1 
_pdbx_struct_assembly_gen.asym_id_list      A,B 
# 
_pdbx_struct_oper_list.id                   1 
_pdbx_struct_oper_list.type                 'identity operation' 
_pdbx_struct_oper_list.name                 1_555 
_pdbx_struct_oper_list.symmetry_operation   x,y,z 
_pdbx_struct_oper_list.matrix[1][1]         1.0000000000 
_pdbx_struct_oper_list.matrix[1][2]         0.0000000000 
_pdbx_struct_oper_list.matrix[1][3]         0.0000000000 
_pdbx_struct_oper_list.vector[1]            0.0000000000 
_pdbx_struct_oper_list.matrix[2][1]         0.0000000000 
_pdbx_struct_oper_list.matrix[2][2]         1.0000000000 
_pdbx_struct_oper_list.matrix[2][3]         0.0000000000 
_pdbx_struct_oper_list.vector[2]            0.0000000000 
_pdbx_struct_oper_list.matrix[3][1]         0.0000000000 
_pdbx_struct_oper_list.matrix[3][2]         0.0000000000 
_pdbx_struct_oper_list.matrix[3][3]         1.0000000000 
_pdbx_struct_oper_list.vector[3]            0.0000000000 
# 
loop_
_pdbx_audit_revision_history.ordinal 
_pdbx_audit_revision_history.data_content_type 
_pdbx_audit_revision_history.major_revision 
_pdbx_audit_revision_history.minor_revision 
_pdbx_audit_revision_history.revision_date 
1 'Structure model' 1 0 2009-09-22 
2 'Structure model' 1 1 2011-07-13 
3 'Structure model' 1 2 2012-04-11 
4 'Structure model' 1 3 2023-09-06 
# 
_pdbx_audit_revision_details.ordinal             1 
_pdbx_audit_revision_details.revision_ordinal    1 
_pdbx_audit_revision_details.data_content_type   'Structure model' 
_pdbx_audit_revision_details.provider            repository 
_pdbx_audit_revision_details.type                'Initial release' 
_pdbx_audit_revision_details.description         ? 
_pdbx_audit_revision_details.details             ? 
# 
loop_
_pdbx_audit_revision_group.ordinal 
_pdbx_audit_revision_group.revision_ordinal 
_pdbx_audit_revision_group.data_content_type 
_pdbx_audit_revision_group.group 
1 2 'Structure model' Advisory                    
2 2 'Structure model' 'Version format compliance' 
3 3 'Structure model' 'Database references'       
4 4 'Structure model' 'Data collection'           
5 4 'Structure model' 'Database references'       
6 4 'Structure model' 'Refinement description'    
# 
loop_
_pdbx_audit_revision_category.ordinal 
_pdbx_audit_revision_category.revision_ordinal 
_pdbx_audit_revision_category.data_content_type 
_pdbx_audit_revision_category.category 
1 4 'Structure model' chem_comp_atom                
2 4 'Structure model' chem_comp_bond                
3 4 'Structure model' database_2                    
4 4 'Structure model' pdbx_initial_refinement_model 
5 4 'Structure model' struct_ref_seq_dif            
# 
loop_
_pdbx_audit_revision_item.ordinal 
_pdbx_audit_revision_item.revision_ordinal 
_pdbx_audit_revision_item.data_content_type 
_pdbx_audit_revision_item.item 
1 4 'Structure model' '_database_2.pdbx_DOI'                
2 4 'Structure model' '_database_2.pdbx_database_accession' 
3 4 'Structure model' '_struct_ref_seq_dif.details'         
# 
loop_
_pdbx_refine_tls.pdbx_refine_id 
_pdbx_refine_tls.id 
_pdbx_refine_tls.details 
_pdbx_refine_tls.method 
_pdbx_refine_tls.origin_x 
_pdbx_refine_tls.origin_y 
_pdbx_refine_tls.origin_z 
_pdbx_refine_tls.T[1][1] 
_pdbx_refine_tls.T[2][2] 
_pdbx_refine_tls.T[3][3] 
_pdbx_refine_tls.T[1][2] 
_pdbx_refine_tls.T[1][3] 
_pdbx_refine_tls.T[2][3] 
_pdbx_refine_tls.L[1][1] 
_pdbx_refine_tls.L[2][2] 
_pdbx_refine_tls.L[3][3] 
_pdbx_refine_tls.L[1][2] 
_pdbx_refine_tls.L[1][3] 
_pdbx_refine_tls.L[2][3] 
_pdbx_refine_tls.S[1][1] 
_pdbx_refine_tls.S[2][2] 
_pdbx_refine_tls.S[3][3] 
_pdbx_refine_tls.S[1][2] 
_pdbx_refine_tls.S[1][3] 
_pdbx_refine_tls.S[2][3] 
_pdbx_refine_tls.S[2][1] 
_pdbx_refine_tls.S[3][1] 
_pdbx_refine_tls.S[3][2] 
'X-RAY DIFFRACTION' 1 ? refined -3.1915 -1.2674 1.2670  0.0529 0.0621 0.0789 -0.0176 -0.0095 0.0074  1.1523 1.0819 3.2988 -0.2450 -0.7365 0.2384  0.0009  0.0432 -0.0441 0.0482 0.0054 0.0764  0.0464  -0.0521 -0.1865 
'X-RAY DIFFRACTION' 2 ? refined 2.1267  1.1610  -0.8999 0.0339 0.0245 0.0637 -0.0285 0.0006  -0.0005 1.8993 1.6137 6.8733 0.2378  -0.8699 -0.2877 -0.0767 0.0392 0.0374  0.0571 0.1011 -0.0218 -0.0744 -0.1028 0.0769 
# 
loop_
_pdbx_refine_tls_group.pdbx_refine_id 
_pdbx_refine_tls_group.id 
_pdbx_refine_tls_group.refine_tls_id 
_pdbx_refine_tls_group.beg_auth_asym_id 
_pdbx_refine_tls_group.beg_auth_seq_id 
_pdbx_refine_tls_group.end_auth_asym_id 
_pdbx_refine_tls_group.end_auth_seq_id 
_pdbx_refine_tls_group.selection_details 
_pdbx_refine_tls_group.beg_label_asym_id 
_pdbx_refine_tls_group.beg_label_seq_id 
_pdbx_refine_tls_group.end_label_asym_id 
_pdbx_refine_tls_group.end_label_seq_id 
_pdbx_refine_tls_group.selection 
'X-RAY DIFFRACTION' 1 1 A 41 A 95  ? . . . . ? 
'X-RAY DIFFRACTION' 2 2 A 96 A 154 ? . . . . ? 
# 
_pdbx_phasing_MR.entry_id                     3IU5 
_pdbx_phasing_MR.method_rotation              ? 
_pdbx_phasing_MR.method_translation           ? 
_pdbx_phasing_MR.model_details                'Phaser MODE: MR_AUTO' 
_pdbx_phasing_MR.R_factor                     56.880 
_pdbx_phasing_MR.R_rigid_body                 ? 
_pdbx_phasing_MR.correlation_coeff_Fo_to_Fc   ? 
_pdbx_phasing_MR.correlation_coeff_Io_to_Ic   ? 
_pdbx_phasing_MR.d_res_high_rotation          2.500 
_pdbx_phasing_MR.d_res_low_rotation           33.460 
_pdbx_phasing_MR.d_res_high_translation       2.500 
_pdbx_phasing_MR.d_res_low_translation        33.460 
_pdbx_phasing_MR.packing                      ? 
_pdbx_phasing_MR.reflns_percent_rotation      ? 
_pdbx_phasing_MR.reflns_percent_translation   ? 
_pdbx_phasing_MR.sigma_F_rotation             ? 
_pdbx_phasing_MR.sigma_F_translation          ? 
_pdbx_phasing_MR.sigma_I_rotation             ? 
_pdbx_phasing_MR.sigma_I_translation          ? 
# 
_phasing.method   MR 
# 
loop_
_software.pdbx_ordinal 
_software.name 
_software.version 
_software.date 
_software.type 
_software.contact_author 
_software.contact_author_email 
_software.classification 
_software.location 
_software.language 
_software.citation_id 
1 SCALA        3.3.9 2008/10/21                 other   'Phil R. Evans'      pre@mrc-lmb.cam.ac.uk       'data scaling'    
http://www.ccp4.ac.uk/dist/html/scala.html   Fortran_77 ? 
2 PHASER       2.1.4 'Thu Nov 13 10:53:32 2008' program 'Randy J. Read'      cimr-phaser@lists.cam.ac.uk phasing           
http://www-structmed.cimr.cam.ac.uk/phaser/  ?          ? 
3 REFMAC       .     ?                          program 'Garib N. Murshudov' garib@ysbl.york.ac.uk       refinement        
http://www.ccp4.ac.uk/dist/html/refmac5.html Fortran_77 ? 
4 PDB_EXTRACT  3.005 'June 11, 2008'            package PDB                  help@deposit.rcsb.org       'data extraction' 
http://sw-tools.pdb.org/apps/PDB_EXTRACT/    C++        ? 
5 CrystalClear .     ?                          ?       ?                    ?                           'data collection' ? ? ? 
6 MOSFLM       .     ?                          ?       ?                    ?                           'data reduction'  ? ? ? 
# 
loop_
_pdbx_validate_close_contact.id 
_pdbx_validate_close_contact.PDB_model_num 
_pdbx_validate_close_contact.auth_atom_id_1 
_pdbx_validate_close_contact.auth_asym_id_1 
_pdbx_validate_close_contact.auth_comp_id_1 
_pdbx_validate_close_contact.auth_seq_id_1 
_pdbx_validate_close_contact.PDB_ins_code_1 
_pdbx_validate_close_contact.label_alt_id_1 
_pdbx_validate_close_contact.auth_atom_id_2 
_pdbx_validate_close_contact.auth_asym_id_2 
_pdbx_validate_close_contact.auth_comp_id_2 
_pdbx_validate_close_contact.auth_seq_id_2 
_pdbx_validate_close_contact.PDB_ins_code_2 
_pdbx_validate_close_contact.label_alt_id_2 
_pdbx_validate_close_contact.dist 
1 1 O A HOH 200 ? ? O A HOH 216 ? ? 1.92 
2 1 O A HOH 198 ? ? O A HOH 247 ? ? 2.10 
3 1 O A HOH 196 ? ? O A HOH 197 ? ? 2.15 
# 
_pdbx_validate_rmsd_bond.id                        1 
_pdbx_validate_rmsd_bond.PDB_model_num             1 
_pdbx_validate_rmsd_bond.auth_atom_id_1            CB 
_pdbx_validate_rmsd_bond.auth_asym_id_1            A 
_pdbx_validate_rmsd_bond.auth_comp_id_1            CYS 
_pdbx_validate_rmsd_bond.auth_seq_id_1             69 
_pdbx_validate_rmsd_bond.PDB_ins_code_1            ? 
_pdbx_validate_rmsd_bond.label_alt_id_1            ? 
_pdbx_validate_rmsd_bond.auth_atom_id_2            SG 
_pdbx_validate_rmsd_bond.auth_asym_id_2            A 
_pdbx_validate_rmsd_bond.auth_comp_id_2            CYS 
_pdbx_validate_rmsd_bond.auth_seq_id_2             69 
_pdbx_validate_rmsd_bond.PDB_ins_code_2            ? 
_pdbx_validate_rmsd_bond.label_alt_id_2            ? 
_pdbx_validate_rmsd_bond.bond_value                1.704 
_pdbx_validate_rmsd_bond.bond_target_value         1.812 
_pdbx_validate_rmsd_bond.bond_deviation            -0.108 
_pdbx_validate_rmsd_bond.bond_standard_deviation   0.016 
_pdbx_validate_rmsd_bond.linker_flag               N 
# 
_pdbx_validate_torsion.id              1 
_pdbx_validate_torsion.PDB_model_num   1 
_pdbx_validate_torsion.auth_comp_id    GLN 
_pdbx_validate_torsion.auth_asym_id    A 
_pdbx_validate_torsion.auth_seq_id     81 
_pdbx_validate_torsion.PDB_ins_code    ? 
_pdbx_validate_torsion.label_alt_id    ? 
_pdbx_validate_torsion.phi             -153.69 
_pdbx_validate_torsion.psi             71.72 
# 
loop_
_pdbx_unobs_or_zero_occ_atoms.id 
_pdbx_unobs_or_zero_occ_atoms.PDB_model_num 
_pdbx_unobs_or_zero_occ_atoms.polymer_flag 
_pdbx_unobs_or_zero_occ_atoms.occupancy_flag 
_pdbx_unobs_or_zero_occ_atoms.auth_asym_id 
_pdbx_unobs_or_zero_occ_atoms.auth_comp_id 
_pdbx_unobs_or_zero_occ_atoms.auth_seq_id 
_pdbx_unobs_or_zero_occ_atoms.PDB_ins_code 
_pdbx_unobs_or_zero_occ_atoms.auth_atom_id 
_pdbx_unobs_or_zero_occ_atoms.label_alt_id 
_pdbx_unobs_or_zero_occ_atoms.label_asym_id 
_pdbx_unobs_or_zero_occ_atoms.label_comp_id 
_pdbx_unobs_or_zero_occ_atoms.label_seq_id 
_pdbx_unobs_or_zero_occ_atoms.label_atom_id 
1 1 Y 1 A LYS 154 ? CE ? A LYS 114 CE 
2 1 Y 1 A LYS 154 ? NZ ? A LYS 114 NZ 
# 
loop_
_pdbx_unobs_or_zero_occ_residues.id 
_pdbx_unobs_or_zero_occ_residues.PDB_model_num 
_pdbx_unobs_or_zero_occ_residues.polymer_flag 
_pdbx_unobs_or_zero_occ_residues.occupancy_flag 
_pdbx_unobs_or_zero_occ_residues.auth_asym_id 
_pdbx_unobs_or_zero_occ_residues.auth_comp_id 
_pdbx_unobs_or_zero_occ_residues.auth_seq_id 
_pdbx_unobs_or_zero_occ_residues.PDB_ins_code 
_pdbx_unobs_or_zero_occ_residues.label_asym_id 
_pdbx_unobs_or_zero_occ_residues.label_comp_id 
_pdbx_unobs_or_zero_occ_residues.label_seq_id 
1 1 Y 1 A GLY 155 ? A GLY 115 
2 1 Y 1 A GLU 156 ? A GLU 116 
# 
loop_
_chem_comp_atom.comp_id 
_chem_comp_atom.atom_id 
_chem_comp_atom.type_symbol 
_chem_comp_atom.pdbx_aromatic_flag 
_chem_comp_atom.pdbx_stereo_config 
_chem_comp_atom.pdbx_ordinal 
ALA N    N N N 1   
ALA CA   C N S 2   
ALA C    C N N 3   
ALA O    O N N 4   
ALA CB   C N N 5   
ALA OXT  O N N 6   
ALA H    H N N 7   
ALA H2   H N N 8   
ALA HA   H N N 9   
ALA HB1  H N N 10  
ALA HB2  H N N 11  
ALA HB3  H N N 12  
ALA HXT  H N N 13  
ARG N    N N N 14  
ARG CA   C N S 15  
ARG C    C N N 16  
ARG O    O N N 17  
ARG CB   C N N 18  
ARG CG   C N N 19  
ARG CD   C N N 20  
ARG NE   N N N 21  
ARG CZ   C N N 22  
ARG NH1  N N N 23  
ARG NH2  N N N 24  
ARG OXT  O N N 25  
ARG H    H N N 26  
ARG H2   H N N 27  
ARG HA   H N N 28  
ARG HB2  H N N 29  
ARG HB3  H N N 30  
ARG HG2  H N N 31  
ARG HG3  H N N 32  
ARG HD2  H N N 33  
ARG HD3  H N N 34  
ARG HE   H N N 35  
ARG HH11 H N N 36  
ARG HH12 H N N 37  
ARG HH21 H N N 38  
ARG HH22 H N N 39  
ARG HXT  H N N 40  
ASN N    N N N 41  
ASN CA   C N S 42  
ASN C    C N N 43  
ASN O    O N N 44  
ASN CB   C N N 45  
ASN CG   C N N 46  
ASN OD1  O N N 47  
ASN ND2  N N N 48  
ASN OXT  O N N 49  
ASN H    H N N 50  
ASN H2   H N N 51  
ASN HA   H N N 52  
ASN HB2  H N N 53  
ASN HB3  H N N 54  
ASN HD21 H N N 55  
ASN HD22 H N N 56  
ASN HXT  H N N 57  
ASP N    N N N 58  
ASP CA   C N S 59  
ASP C    C N N 60  
ASP O    O N N 61  
ASP CB   C N N 62  
ASP CG   C N N 63  
ASP OD1  O N N 64  
ASP OD2  O N N 65  
ASP OXT  O N N 66  
ASP H    H N N 67  
ASP H2   H N N 68  
ASP HA   H N N 69  
ASP HB2  H N N 70  
ASP HB3  H N N 71  
ASP HD2  H N N 72  
ASP HXT  H N N 73  
CYS N    N N N 74  
CYS CA   C N R 75  
CYS C    C N N 76  
CYS O    O N N 77  
CYS CB   C N N 78  
CYS SG   S N N 79  
CYS OXT  O N N 80  
CYS H    H N N 81  
CYS H2   H N N 82  
CYS HA   H N N 83  
CYS HB2  H N N 84  
CYS HB3  H N N 85  
CYS HG   H N N 86  
CYS HXT  H N N 87  
GLN N    N N N 88  
GLN CA   C N S 89  
GLN C    C N N 90  
GLN O    O N N 91  
GLN CB   C N N 92  
GLN CG   C N N 93  
GLN CD   C N N 94  
GLN OE1  O N N 95  
GLN NE2  N N N 96  
GLN OXT  O N N 97  
GLN H    H N N 98  
GLN H2   H N N 99  
GLN HA   H N N 100 
GLN HB2  H N N 101 
GLN HB3  H N N 102 
GLN HG2  H N N 103 
GLN HG3  H N N 104 
GLN HE21 H N N 105 
GLN HE22 H N N 106 
GLN HXT  H N N 107 
GLU N    N N N 108 
GLU CA   C N S 109 
GLU C    C N N 110 
GLU O    O N N 111 
GLU CB   C N N 112 
GLU CG   C N N 113 
GLU CD   C N N 114 
GLU OE1  O N N 115 
GLU OE2  O N N 116 
GLU OXT  O N N 117 
GLU H    H N N 118 
GLU H2   H N N 119 
GLU HA   H N N 120 
GLU HB2  H N N 121 
GLU HB3  H N N 122 
GLU HG2  H N N 123 
GLU HG3  H N N 124 
GLU HE2  H N N 125 
GLU HXT  H N N 126 
GLY N    N N N 127 
GLY CA   C N N 128 
GLY C    C N N 129 
GLY O    O N N 130 
GLY OXT  O N N 131 
GLY H    H N N 132 
GLY H2   H N N 133 
GLY HA2  H N N 134 
GLY HA3  H N N 135 
GLY HXT  H N N 136 
HIS N    N N N 137 
HIS CA   C N S 138 
HIS C    C N N 139 
HIS O    O N N 140 
HIS CB   C N N 141 
HIS CG   C Y N 142 
HIS ND1  N Y N 143 
HIS CD2  C Y N 144 
HIS CE1  C Y N 145 
HIS NE2  N Y N 146 
HIS OXT  O N N 147 
HIS H    H N N 148 
HIS H2   H N N 149 
HIS HA   H N N 150 
HIS HB2  H N N 151 
HIS HB3  H N N 152 
HIS HD1  H N N 153 
HIS HD2  H N N 154 
HIS HE1  H N N 155 
HIS HE2  H N N 156 
HIS HXT  H N N 157 
HOH O    O N N 158 
HOH H1   H N N 159 
HOH H2   H N N 160 
ILE N    N N N 161 
ILE CA   C N S 162 
ILE C    C N N 163 
ILE O    O N N 164 
ILE CB   C N S 165 
ILE CG1  C N N 166 
ILE CG2  C N N 167 
ILE CD1  C N N 168 
ILE OXT  O N N 169 
ILE H    H N N 170 
ILE H2   H N N 171 
ILE HA   H N N 172 
ILE HB   H N N 173 
ILE HG12 H N N 174 
ILE HG13 H N N 175 
ILE HG21 H N N 176 
ILE HG22 H N N 177 
ILE HG23 H N N 178 
ILE HD11 H N N 179 
ILE HD12 H N N 180 
ILE HD13 H N N 181 
ILE HXT  H N N 182 
LEU N    N N N 183 
LEU CA   C N S 184 
LEU C    C N N 185 
LEU O    O N N 186 
LEU CB   C N N 187 
LEU CG   C N N 188 
LEU CD1  C N N 189 
LEU CD2  C N N 190 
LEU OXT  O N N 191 
LEU H    H N N 192 
LEU H2   H N N 193 
LEU HA   H N N 194 
LEU HB2  H N N 195 
LEU HB3  H N N 196 
LEU HG   H N N 197 
LEU HD11 H N N 198 
LEU HD12 H N N 199 
LEU HD13 H N N 200 
LEU HD21 H N N 201 
LEU HD22 H N N 202 
LEU HD23 H N N 203 
LEU HXT  H N N 204 
LYS N    N N N 205 
LYS CA   C N S 206 
LYS C    C N N 207 
LYS O    O N N 208 
LYS CB   C N N 209 
LYS CG   C N N 210 
LYS CD   C N N 211 
LYS CE   C N N 212 
LYS NZ   N N N 213 
LYS OXT  O N N 214 
LYS H    H N N 215 
LYS H2   H N N 216 
LYS HA   H N N 217 
LYS HB2  H N N 218 
LYS HB3  H N N 219 
LYS HG2  H N N 220 
LYS HG3  H N N 221 
LYS HD2  H N N 222 
LYS HD3  H N N 223 
LYS HE2  H N N 224 
LYS HE3  H N N 225 
LYS HZ1  H N N 226 
LYS HZ2  H N N 227 
LYS HZ3  H N N 228 
LYS HXT  H N N 229 
MET N    N N N 230 
MET CA   C N S 231 
MET C    C N N 232 
MET O    O N N 233 
MET CB   C N N 234 
MET CG   C N N 235 
MET SD   S N N 236 
MET CE   C N N 237 
MET OXT  O N N 238 
MET H    H N N 239 
MET H2   H N N 240 
MET HA   H N N 241 
MET HB2  H N N 242 
MET HB3  H N N 243 
MET HG2  H N N 244 
MET HG3  H N N 245 
MET HE1  H N N 246 
MET HE2  H N N 247 
MET HE3  H N N 248 
MET HXT  H N N 249 
PHE N    N N N 250 
PHE CA   C N S 251 
PHE C    C N N 252 
PHE O    O N N 253 
PHE CB   C N N 254 
PHE CG   C Y N 255 
PHE CD1  C Y N 256 
PHE CD2  C Y N 257 
PHE CE1  C Y N 258 
PHE CE2  C Y N 259 
PHE CZ   C Y N 260 
PHE OXT  O N N 261 
PHE H    H N N 262 
PHE H2   H N N 263 
PHE HA   H N N 264 
PHE HB2  H N N 265 
PHE HB3  H N N 266 
PHE HD1  H N N 267 
PHE HD2  H N N 268 
PHE HE1  H N N 269 
PHE HE2  H N N 270 
PHE HZ   H N N 271 
PHE HXT  H N N 272 
PRO N    N N N 273 
PRO CA   C N S 274 
PRO C    C N N 275 
PRO O    O N N 276 
PRO CB   C N N 277 
PRO CG   C N N 278 
PRO CD   C N N 279 
PRO OXT  O N N 280 
PRO H    H N N 281 
PRO HA   H N N 282 
PRO HB2  H N N 283 
PRO HB3  H N N 284 
PRO HG2  H N N 285 
PRO HG3  H N N 286 
PRO HD2  H N N 287 
PRO HD3  H N N 288 
PRO HXT  H N N 289 
SER N    N N N 290 
SER CA   C N S 291 
SER C    C N N 292 
SER O    O N N 293 
SER CB   C N N 294 
SER OG   O N N 295 
SER OXT  O N N 296 
SER H    H N N 297 
SER H2   H N N 298 
SER HA   H N N 299 
SER HB2  H N N 300 
SER HB3  H N N 301 
SER HG   H N N 302 
SER HXT  H N N 303 
THR N    N N N 304 
THR CA   C N S 305 
THR C    C N N 306 
THR O    O N N 307 
THR CB   C N R 308 
THR OG1  O N N 309 
THR CG2  C N N 310 
THR OXT  O N N 311 
THR H    H N N 312 
THR H2   H N N 313 
THR HA   H N N 314 
THR HB   H N N 315 
THR HG1  H N N 316 
THR HG21 H N N 317 
THR HG22 H N N 318 
THR HG23 H N N 319 
THR HXT  H N N 320 
TRP N    N N N 321 
TRP CA   C N S 322 
TRP C    C N N 323 
TRP O    O N N 324 
TRP CB   C N N 325 
TRP CG   C Y N 326 
TRP CD1  C Y N 327 
TRP CD2  C Y N 328 
TRP NE1  N Y N 329 
TRP CE2  C Y N 330 
TRP CE3  C Y N 331 
TRP CZ2  C Y N 332 
TRP CZ3  C Y N 333 
TRP CH2  C Y N 334 
TRP OXT  O N N 335 
TRP H    H N N 336 
TRP H2   H N N 337 
TRP HA   H N N 338 
TRP HB2  H N N 339 
TRP HB3  H N N 340 
TRP HD1  H N N 341 
TRP HE1  H N N 342 
TRP HE3  H N N 343 
TRP HZ2  H N N 344 
TRP HZ3  H N N 345 
TRP HH2  H N N 346 
TRP HXT  H N N 347 
TYR N    N N N 348 
TYR CA   C N S 349 
TYR C    C N N 350 
TYR O    O N N 351 
TYR CB   C N N 352 
TYR CG   C Y N 353 
TYR CD1  C Y N 354 
TYR CD2  C Y N 355 
TYR CE1  C Y N 356 
TYR CE2  C Y N 357 
TYR CZ   C Y N 358 
TYR OH   O N N 359 
TYR OXT  O N N 360 
TYR H    H N N 361 
TYR H2   H N N 362 
TYR HA   H N N 363 
TYR HB2  H N N 364 
TYR HB3  H N N 365 
TYR HD1  H N N 366 
TYR HD2  H N N 367 
TYR HE1  H N N 368 
TYR HE2  H N N 369 
TYR HH   H N N 370 
TYR HXT  H N N 371 
VAL N    N N N 372 
VAL CA   C N S 373 
VAL C    C N N 374 
VAL O    O N N 375 
VAL CB   C N N 376 
VAL CG1  C N N 377 
VAL CG2  C N N 378 
VAL OXT  O N N 379 
VAL H    H N N 380 
VAL H2   H N N 381 
VAL HA   H N N 382 
VAL HB   H N N 383 
VAL HG11 H N N 384 
VAL HG12 H N N 385 
VAL HG13 H N N 386 
VAL HG21 H N N 387 
VAL HG22 H N N 388 
VAL HG23 H N N 389 
VAL HXT  H N N 390 
# 
loop_
_chem_comp_bond.comp_id 
_chem_comp_bond.atom_id_1 
_chem_comp_bond.atom_id_2 
_chem_comp_bond.value_order 
_chem_comp_bond.pdbx_aromatic_flag 
_chem_comp_bond.pdbx_stereo_config 
_chem_comp_bond.pdbx_ordinal 
ALA N   CA   sing N N 1   
ALA N   H    sing N N 2   
ALA N   H2   sing N N 3   
ALA CA  C    sing N N 4   
ALA CA  CB   sing N N 5   
ALA CA  HA   sing N N 6   
ALA C   O    doub N N 7   
ALA C   OXT  sing N N 8   
ALA CB  HB1  sing N N 9   
ALA CB  HB2  sing N N 10  
ALA CB  HB3  sing N N 11  
ALA OXT HXT  sing N N 12  
ARG N   CA   sing N N 13  
ARG N   H    sing N N 14  
ARG N   H2   sing N N 15  
ARG CA  C    sing N N 16  
ARG CA  CB   sing N N 17  
ARG CA  HA   sing N N 18  
ARG C   O    doub N N 19  
ARG C   OXT  sing N N 20  
ARG CB  CG   sing N N 21  
ARG CB  HB2  sing N N 22  
ARG CB  HB3  sing N N 23  
ARG CG  CD   sing N N 24  
ARG CG  HG2  sing N N 25  
ARG CG  HG3  sing N N 26  
ARG CD  NE   sing N N 27  
ARG CD  HD2  sing N N 28  
ARG CD  HD3  sing N N 29  
ARG NE  CZ   sing N N 30  
ARG NE  HE   sing N N 31  
ARG CZ  NH1  sing N N 32  
ARG CZ  NH2  doub N N 33  
ARG NH1 HH11 sing N N 34  
ARG NH1 HH12 sing N N 35  
ARG NH2 HH21 sing N N 36  
ARG NH2 HH22 sing N N 37  
ARG OXT HXT  sing N N 38  
ASN N   CA   sing N N 39  
ASN N   H    sing N N 40  
ASN N   H2   sing N N 41  
ASN CA  C    sing N N 42  
ASN CA  CB   sing N N 43  
ASN CA  HA   sing N N 44  
ASN C   O    doub N N 45  
ASN C   OXT  sing N N 46  
ASN CB  CG   sing N N 47  
ASN CB  HB2  sing N N 48  
ASN CB  HB3  sing N N 49  
ASN CG  OD1  doub N N 50  
ASN CG  ND2  sing N N 51  
ASN ND2 HD21 sing N N 52  
ASN ND2 HD22 sing N N 53  
ASN OXT HXT  sing N N 54  
ASP N   CA   sing N N 55  
ASP N   H    sing N N 56  
ASP N   H2   sing N N 57  
ASP CA  C    sing N N 58  
ASP CA  CB   sing N N 59  
ASP CA  HA   sing N N 60  
ASP C   O    doub N N 61  
ASP C   OXT  sing N N 62  
ASP CB  CG   sing N N 63  
ASP CB  HB2  sing N N 64  
ASP CB  HB3  sing N N 65  
ASP CG  OD1  doub N N 66  
ASP CG  OD2  sing N N 67  
ASP OD2 HD2  sing N N 68  
ASP OXT HXT  sing N N 69  
CYS N   CA   sing N N 70  
CYS N   H    sing N N 71  
CYS N   H2   sing N N 72  
CYS CA  C    sing N N 73  
CYS CA  CB   sing N N 74  
CYS CA  HA   sing N N 75  
CYS C   O    doub N N 76  
CYS C   OXT  sing N N 77  
CYS CB  SG   sing N N 78  
CYS CB  HB2  sing N N 79  
CYS CB  HB3  sing N N 80  
CYS SG  HG   sing N N 81  
CYS OXT HXT  sing N N 82  
GLN N   CA   sing N N 83  
GLN N   H    sing N N 84  
GLN N   H2   sing N N 85  
GLN CA  C    sing N N 86  
GLN CA  CB   sing N N 87  
GLN CA  HA   sing N N 88  
GLN C   O    doub N N 89  
GLN C   OXT  sing N N 90  
GLN CB  CG   sing N N 91  
GLN CB  HB2  sing N N 92  
GLN CB  HB3  sing N N 93  
GLN CG  CD   sing N N 94  
GLN CG  HG2  sing N N 95  
GLN CG  HG3  sing N N 96  
GLN CD  OE1  doub N N 97  
GLN CD  NE2  sing N N 98  
GLN NE2 HE21 sing N N 99  
GLN NE2 HE22 sing N N 100 
GLN OXT HXT  sing N N 101 
GLU N   CA   sing N N 102 
GLU N   H    sing N N 103 
GLU N   H2   sing N N 104 
GLU CA  C    sing N N 105 
GLU CA  CB   sing N N 106 
GLU CA  HA   sing N N 107 
GLU C   O    doub N N 108 
GLU C   OXT  sing N N 109 
GLU CB  CG   sing N N 110 
GLU CB  HB2  sing N N 111 
GLU CB  HB3  sing N N 112 
GLU CG  CD   sing N N 113 
GLU CG  HG2  sing N N 114 
GLU CG  HG3  sing N N 115 
GLU CD  OE1  doub N N 116 
GLU CD  OE2  sing N N 117 
GLU OE2 HE2  sing N N 118 
GLU OXT HXT  sing N N 119 
GLY N   CA   sing N N 120 
GLY N   H    sing N N 121 
GLY N   H2   sing N N 122 
GLY CA  C    sing N N 123 
GLY CA  HA2  sing N N 124 
GLY CA  HA3  sing N N 125 
GLY C   O    doub N N 126 
GLY C   OXT  sing N N 127 
GLY OXT HXT  sing N N 128 
HIS N   CA   sing N N 129 
HIS N   H    sing N N 130 
HIS N   H2   sing N N 131 
HIS CA  C    sing N N 132 
HIS CA  CB   sing N N 133 
HIS CA  HA   sing N N 134 
HIS C   O    doub N N 135 
HIS C   OXT  sing N N 136 
HIS CB  CG   sing N N 137 
HIS CB  HB2  sing N N 138 
HIS CB  HB3  sing N N 139 
HIS CG  ND1  sing Y N 140 
HIS CG  CD2  doub Y N 141 
HIS ND1 CE1  doub Y N 142 
HIS ND1 HD1  sing N N 143 
HIS CD2 NE2  sing Y N 144 
HIS CD2 HD2  sing N N 145 
HIS CE1 NE2  sing Y N 146 
HIS CE1 HE1  sing N N 147 
HIS NE2 HE2  sing N N 148 
HIS OXT HXT  sing N N 149 
HOH O   H1   sing N N 150 
HOH O   H2   sing N N 151 
ILE N   CA   sing N N 152 
ILE N   H    sing N N 153 
ILE N   H2   sing N N 154 
ILE CA  C    sing N N 155 
ILE CA  CB   sing N N 156 
ILE CA  HA   sing N N 157 
ILE C   O    doub N N 158 
ILE C   OXT  sing N N 159 
ILE CB  CG1  sing N N 160 
ILE CB  CG2  sing N N 161 
ILE CB  HB   sing N N 162 
ILE CG1 CD1  sing N N 163 
ILE CG1 HG12 sing N N 164 
ILE CG1 HG13 sing N N 165 
ILE CG2 HG21 sing N N 166 
ILE CG2 HG22 sing N N 167 
ILE CG2 HG23 sing N N 168 
ILE CD1 HD11 sing N N 169 
ILE CD1 HD12 sing N N 170 
ILE CD1 HD13 sing N N 171 
ILE OXT HXT  sing N N 172 
LEU N   CA   sing N N 173 
LEU N   H    sing N N 174 
LEU N   H2   sing N N 175 
LEU CA  C    sing N N 176 
LEU CA  CB   sing N N 177 
LEU CA  HA   sing N N 178 
LEU C   O    doub N N 179 
LEU C   OXT  sing N N 180 
LEU CB  CG   sing N N 181 
LEU CB  HB2  sing N N 182 
LEU CB  HB3  sing N N 183 
LEU CG  CD1  sing N N 184 
LEU CG  CD2  sing N N 185 
LEU CG  HG   sing N N 186 
LEU CD1 HD11 sing N N 187 
LEU CD1 HD12 sing N N 188 
LEU CD1 HD13 sing N N 189 
LEU CD2 HD21 sing N N 190 
LEU CD2 HD22 sing N N 191 
LEU CD2 HD23 sing N N 192 
LEU OXT HXT  sing N N 193 
LYS N   CA   sing N N 194 
LYS N   H    sing N N 195 
LYS N   H2   sing N N 196 
LYS CA  C    sing N N 197 
LYS CA  CB   sing N N 198 
LYS CA  HA   sing N N 199 
LYS C   O    doub N N 200 
LYS C   OXT  sing N N 201 
LYS CB  CG   sing N N 202 
LYS CB  HB2  sing N N 203 
LYS CB  HB3  sing N N 204 
LYS CG  CD   sing N N 205 
LYS CG  HG2  sing N N 206 
LYS CG  HG3  sing N N 207 
LYS CD  CE   sing N N 208 
LYS CD  HD2  sing N N 209 
LYS CD  HD3  sing N N 210 
LYS CE  NZ   sing N N 211 
LYS CE  HE2  sing N N 212 
LYS CE  HE3  sing N N 213 
LYS NZ  HZ1  sing N N 214 
LYS NZ  HZ2  sing N N 215 
LYS NZ  HZ3  sing N N 216 
LYS OXT HXT  sing N N 217 
MET N   CA   sing N N 218 
MET N   H    sing N N 219 
MET N   H2   sing N N 220 
MET CA  C    sing N N 221 
MET CA  CB   sing N N 222 
MET CA  HA   sing N N 223 
MET C   O    doub N N 224 
MET C   OXT  sing N N 225 
MET CB  CG   sing N N 226 
MET CB  HB2  sing N N 227 
MET CB  HB3  sing N N 228 
MET CG  SD   sing N N 229 
MET CG  HG2  sing N N 230 
MET CG  HG3  sing N N 231 
MET SD  CE   sing N N 232 
MET CE  HE1  sing N N 233 
MET CE  HE2  sing N N 234 
MET CE  HE3  sing N N 235 
MET OXT HXT  sing N N 236 
PHE N   CA   sing N N 237 
PHE N   H    sing N N 238 
PHE N   H2   sing N N 239 
PHE CA  C    sing N N 240 
PHE CA  CB   sing N N 241 
PHE CA  HA   sing N N 242 
PHE C   O    doub N N 243 
PHE C   OXT  sing N N 244 
PHE CB  CG   sing N N 245 
PHE CB  HB2  sing N N 246 
PHE CB  HB3  sing N N 247 
PHE CG  CD1  doub Y N 248 
PHE CG  CD2  sing Y N 249 
PHE CD1 CE1  sing Y N 250 
PHE CD1 HD1  sing N N 251 
PHE CD2 CE2  doub Y N 252 
PHE CD2 HD2  sing N N 253 
PHE CE1 CZ   doub Y N 254 
PHE CE1 HE1  sing N N 255 
PHE CE2 CZ   sing Y N 256 
PHE CE2 HE2  sing N N 257 
PHE CZ  HZ   sing N N 258 
PHE OXT HXT  sing N N 259 
PRO N   CA   sing N N 260 
PRO N   CD   sing N N 261 
PRO N   H    sing N N 262 
PRO CA  C    sing N N 263 
PRO CA  CB   sing N N 264 
PRO CA  HA   sing N N 265 
PRO C   O    doub N N 266 
PRO C   OXT  sing N N 267 
PRO CB  CG   sing N N 268 
PRO CB  HB2  sing N N 269 
PRO CB  HB3  sing N N 270 
PRO CG  CD   sing N N 271 
PRO CG  HG2  sing N N 272 
PRO CG  HG3  sing N N 273 
PRO CD  HD2  sing N N 274 
PRO CD  HD3  sing N N 275 
PRO OXT HXT  sing N N 276 
SER N   CA   sing N N 277 
SER N   H    sing N N 278 
SER N   H2   sing N N 279 
SER CA  C    sing N N 280 
SER CA  CB   sing N N 281 
SER CA  HA   sing N N 282 
SER C   O    doub N N 283 
SER C   OXT  sing N N 284 
SER CB  OG   sing N N 285 
SER CB  HB2  sing N N 286 
SER CB  HB3  sing N N 287 
SER OG  HG   sing N N 288 
SER OXT HXT  sing N N 289 
THR N   CA   sing N N 290 
THR N   H    sing N N 291 
THR N   H2   sing N N 292 
THR CA  C    sing N N 293 
THR CA  CB   sing N N 294 
THR CA  HA   sing N N 295 
THR C   O    doub N N 296 
THR C   OXT  sing N N 297 
THR CB  OG1  sing N N 298 
THR CB  CG2  sing N N 299 
THR CB  HB   sing N N 300 
THR OG1 HG1  sing N N 301 
THR CG2 HG21 sing N N 302 
THR CG2 HG22 sing N N 303 
THR CG2 HG23 sing N N 304 
THR OXT HXT  sing N N 305 
TRP N   CA   sing N N 306 
TRP N   H    sing N N 307 
TRP N   H2   sing N N 308 
TRP CA  C    sing N N 309 
TRP CA  CB   sing N N 310 
TRP CA  HA   sing N N 311 
TRP C   O    doub N N 312 
TRP C   OXT  sing N N 313 
TRP CB  CG   sing N N 314 
TRP CB  HB2  sing N N 315 
TRP CB  HB3  sing N N 316 
TRP CG  CD1  doub Y N 317 
TRP CG  CD2  sing Y N 318 
TRP CD1 NE1  sing Y N 319 
TRP CD1 HD1  sing N N 320 
TRP CD2 CE2  doub Y N 321 
TRP CD2 CE3  sing Y N 322 
TRP NE1 CE2  sing Y N 323 
TRP NE1 HE1  sing N N 324 
TRP CE2 CZ2  sing Y N 325 
TRP CE3 CZ3  doub Y N 326 
TRP CE3 HE3  sing N N 327 
TRP CZ2 CH2  doub Y N 328 
TRP CZ2 HZ2  sing N N 329 
TRP CZ3 CH2  sing Y N 330 
TRP CZ3 HZ3  sing N N 331 
TRP CH2 HH2  sing N N 332 
TRP OXT HXT  sing N N 333 
TYR N   CA   sing N N 334 
TYR N   H    sing N N 335 
TYR N   H2   sing N N 336 
TYR CA  C    sing N N 337 
TYR CA  CB   sing N N 338 
TYR CA  HA   sing N N 339 
TYR C   O    doub N N 340 
TYR C   OXT  sing N N 341 
TYR CB  CG   sing N N 342 
TYR CB  HB2  sing N N 343 
TYR CB  HB3  sing N N 344 
TYR CG  CD1  doub Y N 345 
TYR CG  CD2  sing Y N 346 
TYR CD1 CE1  sing Y N 347 
TYR CD1 HD1  sing N N 348 
TYR CD2 CE2  doub Y N 349 
TYR CD2 HD2  sing N N 350 
TYR CE1 CZ   doub Y N 351 
TYR CE1 HE1  sing N N 352 
TYR CE2 CZ   sing Y N 353 
TYR CE2 HE2  sing N N 354 
TYR CZ  OH   sing N N 355 
TYR OH  HH   sing N N 356 
TYR OXT HXT  sing N N 357 
VAL N   CA   sing N N 358 
VAL N   H    sing N N 359 
VAL N   H2   sing N N 360 
VAL CA  C    sing N N 361 
VAL CA  CB   sing N N 362 
VAL CA  HA   sing N N 363 
VAL C   O    doub N N 364 
VAL C   OXT  sing N N 365 
VAL CB  CG1  sing N N 366 
VAL CB  CG2  sing N N 367 
VAL CB  HB   sing N N 368 
VAL CG1 HG11 sing N N 369 
VAL CG1 HG12 sing N N 370 
VAL CG1 HG13 sing N N 371 
VAL CG2 HG21 sing N N 372 
VAL CG2 HG22 sing N N 373 
VAL CG2 HG23 sing N N 374 
VAL OXT HXT  sing N N 375 
# 
_pdbx_entity_nonpoly.entity_id   2 
_pdbx_entity_nonpoly.name        water 
_pdbx_entity_nonpoly.comp_id     HOH 
# 
loop_
_pdbx_initial_refinement_model.id 
_pdbx_initial_refinement_model.entity_id_list 
_pdbx_initial_refinement_model.type 
_pdbx_initial_refinement_model.source_name 
_pdbx_initial_refinement_model.accession_code 
_pdbx_initial_refinement_model.details 
1 ? 'experimental model' PDB 2NXB 'Ensemble of PDB entries 2NXB, 2OO1, 2OSS, 2OUO, 2RFJ, 3DAI, 3D7C, 3DWY' 
2 ? 'experimental model' PDB 2OO1 'Ensemble of PDB entries 2NXB, 2OO1, 2OSS, 2OUO, 2RFJ, 3DAI, 3D7C, 3DWY' 
3 ? 'experimental model' PDB 2OSS 'Ensemble of PDB entries 2NXB, 2OO1, 2OSS, 2OUO, 2RFJ, 3DAI, 3D7C, 3DWY' 
4 ? 'experimental model' PDB 2OUO 'Ensemble of PDB entries 2NXB, 2OO1, 2OSS, 2OUO, 2RFJ, 3DAI, 3D7C, 3DWY' 
5 ? 'experimental model' PDB 2RFJ 'Ensemble of PDB entries 2NXB, 2OO1, 2OSS, 2OUO, 2RFJ, 3DAI, 3D7C, 3DWY' 
6 ? 'experimental model' PDB 3DAI 'Ensemble of PDB entries 2NXB, 2OO1, 2OSS, 2OUO, 2RFJ, 3DAI, 3D7C, 3DWY' 
7 ? 'experimental model' PDB 3D7C 'Ensemble of PDB entries 2NXB, 2OO1, 2OSS, 2OUO, 2RFJ, 3DAI, 3D7C, 3DWY' 
8 ? 'experimental model' PDB 3DWY 'Ensemble of PDB entries 2NXB, 2OO1, 2OSS, 2OUO, 2RFJ, 3DAI, 3D7C, 3DWY' 
# 
